data_1FL0
# 
_entry.id   1FL0 
# 
_audit_conform.dict_name       mmcif_pdbx.dic 
_audit_conform.dict_version    5.385 
_audit_conform.dict_location   http://mmcif.pdb.org/dictionaries/ascii/mmcif_pdbx.dic 
# 
loop_
_database_2.database_id 
_database_2.database_code 
_database_2.pdbx_database_accession 
_database_2.pdbx_DOI 
PDB   1FL0         pdb_00001fl0 10.2210/pdb1fl0/pdb 
RCSB  RCSB011676   ?            ?                   
WWPDB D_1000011676 ?            ?                   
# 
loop_
_pdbx_audit_revision_history.ordinal 
_pdbx_audit_revision_history.data_content_type 
_pdbx_audit_revision_history.major_revision 
_pdbx_audit_revision_history.minor_revision 
_pdbx_audit_revision_history.revision_date 
1 'Structure model' 1 0 2000-12-06 
2 'Structure model' 1 1 2008-04-27 
3 'Structure model' 1 2 2011-07-13 
4 'Structure model' 1 3 2017-02-08 
5 'Structure model' 1 4 2024-02-07 
# 
_pdbx_audit_revision_details.ordinal             1 
_pdbx_audit_revision_details.revision_ordinal    1 
_pdbx_audit_revision_details.data_content_type   'Structure model' 
_pdbx_audit_revision_details.provider            repository 
_pdbx_audit_revision_details.type                'Initial release' 
_pdbx_audit_revision_details.description         ? 
_pdbx_audit_revision_details.details             ? 
# 
loop_
_pdbx_audit_revision_group.ordinal 
_pdbx_audit_revision_group.revision_ordinal 
_pdbx_audit_revision_group.data_content_type 
_pdbx_audit_revision_group.group 
1 2 'Structure model' 'Version format compliance' 
2 3 'Structure model' 'Version format compliance' 
3 4 'Structure model' 'Structure summary'         
4 5 'Structure model' 'Data collection'           
5 5 'Structure model' 'Database references'       
# 
loop_
_pdbx_audit_revision_category.ordinal 
_pdbx_audit_revision_category.revision_ordinal 
_pdbx_audit_revision_category.data_content_type 
_pdbx_audit_revision_category.category 
1 5 'Structure model' chem_comp_atom     
2 5 'Structure model' chem_comp_bond     
3 5 'Structure model' database_2         
4 5 'Structure model' struct_ref_seq_dif 
# 
loop_
_pdbx_audit_revision_item.ordinal 
_pdbx_audit_revision_item.revision_ordinal 
_pdbx_audit_revision_item.data_content_type 
_pdbx_audit_revision_item.item 
1 5 'Structure model' '_database_2.pdbx_DOI'                
2 5 'Structure model' '_database_2.pdbx_database_accession' 
3 5 'Structure model' '_struct_ref_seq_dif.details'         
# 
_pdbx_database_status.status_code                     REL 
_pdbx_database_status.entry_id                        1FL0 
_pdbx_database_status.recvd_initial_deposition_date   2000-08-11 
_pdbx_database_status.deposit_site                    RCSB 
_pdbx_database_status.process_site                    RCSB 
_pdbx_database_status.SG_entry                        . 
_pdbx_database_status.status_code_sf                  ? 
_pdbx_database_status.status_code_mr                  ? 
_pdbx_database_status.status_code_cs                  ? 
_pdbx_database_status.methods_development_category    ? 
_pdbx_database_status.pdb_format_compatible           Y 
_pdbx_database_status.status_code_nmr_data            ? 
# 
loop_
_audit_author.name 
_audit_author.pdbx_ordinal 
'Renault, L.'     1  
'Kerjan, P.'      2  
'Pasqualato, S.'  3  
'Menetrey, J.'    4  
'Robinson, J.-C.' 5  
'Kawaguchi, S.'   6  
'Vassylyev, D.G.' 7  
'Yokoyama, S.'    8  
'Mirande, M.'     9  
'Cherfils, J.'    10 
# 
_citation.id                        primary 
_citation.title                     
'Structure of the EMAPII domain of human aminoacyl-tRNA synthetase complex reveals evolutionary dimer mimicry.' 
_citation.journal_abbrev            'EMBO J.' 
_citation.journal_volume            20 
_citation.page_first                570 
_citation.page_last                 578 
_citation.year                      2001 
_citation.journal_id_ASTM           EMJODG 
_citation.country                   UK 
_citation.journal_id_ISSN           0261-4189 
_citation.journal_id_CSD            0897 
_citation.book_publisher            ? 
_citation.pdbx_database_id_PubMed   11157763 
_citation.pdbx_database_id_DOI      10.1093/emboj/20.3.570 
# 
loop_
_citation_author.citation_id 
_citation_author.name 
_citation_author.ordinal 
_citation_author.identifier_ORCID 
primary 'Renault, L.'     1  ? 
primary 'Kerjan, P.'      2  ? 
primary 'Pasqualato, S.'  3  ? 
primary 'Menetrey, J.'    4  ? 
primary 'Robinson, J.C.'  5  ? 
primary 'Kawaguchi, S.'   6  ? 
primary 'Vassylyev, D.G.' 7  ? 
primary 'Yokoyama, S.'    8  ? 
primary 'Mirande, M.'     9  ? 
primary 'Cherfils, J.'    10 ? 
# 
loop_
_entity.id 
_entity.type 
_entity.src_method 
_entity.pdbx_description 
_entity.formula_weight 
_entity.pdbx_number_of_molecules 
_entity.pdbx_ec 
_entity.pdbx_mutation 
_entity.pdbx_fragment 
_entity.details 
1 polymer man 'ENDOTHELIAL-MONOCYTE ACTIVATING POLYPEPTIDE II' 18999.955 1   ? ? 'C-TERMINAL DOMAIN/RNA-BINDING DOMAIN' ? 
2 water   nat water                                            18.015    247 ? ? ?                                      ? 
# 
_entity_poly.entity_id                      1 
_entity_poly.type                           'polypeptide(L)' 
_entity_poly.nstd_linkage                   no 
_entity_poly.nstd_monomer                   no 
_entity_poly.pdbx_seq_one_letter_code       
;IDVSRLDLRIGCIITARKHPDADSLYVEEVDVGEIAPRTVVSGLVNHVPLEQMQNRMVILLCNLKPAKMRGVLSQAMVMC
ASSPEKIEILAPPNGSVPGDRITFDAFPGEPDKELNPKKKIWEQIQPDLHTNDECVATYKGVPFEVKGKGVCRAQTMSNS
GIKLEHHHHHH
;
_entity_poly.pdbx_seq_one_letter_code_can   
;IDVSRLDLRIGCIITARKHPDADSLYVEEVDVGEIAPRTVVSGLVNHVPLEQMQNRMVILLCNLKPAKMRGVLSQAMVMC
ASSPEKIEILAPPNGSVPGDRITFDAFPGEPDKELNPKKKIWEQIQPDLHTNDECVATYKGVPFEVKGKGVCRAQTMSNS
GIKLEHHHHHH
;
_entity_poly.pdbx_strand_id                 A 
_entity_poly.pdbx_target_identifier         ? 
# 
_pdbx_entity_nonpoly.entity_id   2 
_pdbx_entity_nonpoly.name        water 
_pdbx_entity_nonpoly.comp_id     HOH 
# 
loop_
_entity_poly_seq.entity_id 
_entity_poly_seq.num 
_entity_poly_seq.mon_id 
_entity_poly_seq.hetero 
1 1   ILE n 
1 2   ASP n 
1 3   VAL n 
1 4   SER n 
1 5   ARG n 
1 6   LEU n 
1 7   ASP n 
1 8   LEU n 
1 9   ARG n 
1 10  ILE n 
1 11  GLY n 
1 12  CYS n 
1 13  ILE n 
1 14  ILE n 
1 15  THR n 
1 16  ALA n 
1 17  ARG n 
1 18  LYS n 
1 19  HIS n 
1 20  PRO n 
1 21  ASP n 
1 22  ALA n 
1 23  ASP n 
1 24  SER n 
1 25  LEU n 
1 26  TYR n 
1 27  VAL n 
1 28  GLU n 
1 29  GLU n 
1 30  VAL n 
1 31  ASP n 
1 32  VAL n 
1 33  GLY n 
1 34  GLU n 
1 35  ILE n 
1 36  ALA n 
1 37  PRO n 
1 38  ARG n 
1 39  THR n 
1 40  VAL n 
1 41  VAL n 
1 42  SER n 
1 43  GLY n 
1 44  LEU n 
1 45  VAL n 
1 46  ASN n 
1 47  HIS n 
1 48  VAL n 
1 49  PRO n 
1 50  LEU n 
1 51  GLU n 
1 52  GLN n 
1 53  MET n 
1 54  GLN n 
1 55  ASN n 
1 56  ARG n 
1 57  MET n 
1 58  VAL n 
1 59  ILE n 
1 60  LEU n 
1 61  LEU n 
1 62  CYS n 
1 63  ASN n 
1 64  LEU n 
1 65  LYS n 
1 66  PRO n 
1 67  ALA n 
1 68  LYS n 
1 69  MET n 
1 70  ARG n 
1 71  GLY n 
1 72  VAL n 
1 73  LEU n 
1 74  SER n 
1 75  GLN n 
1 76  ALA n 
1 77  MET n 
1 78  VAL n 
1 79  MET n 
1 80  CYS n 
1 81  ALA n 
1 82  SER n 
1 83  SER n 
1 84  PRO n 
1 85  GLU n 
1 86  LYS n 
1 87  ILE n 
1 88  GLU n 
1 89  ILE n 
1 90  LEU n 
1 91  ALA n 
1 92  PRO n 
1 93  PRO n 
1 94  ASN n 
1 95  GLY n 
1 96  SER n 
1 97  VAL n 
1 98  PRO n 
1 99  GLY n 
1 100 ASP n 
1 101 ARG n 
1 102 ILE n 
1 103 THR n 
1 104 PHE n 
1 105 ASP n 
1 106 ALA n 
1 107 PHE n 
1 108 PRO n 
1 109 GLY n 
1 110 GLU n 
1 111 PRO n 
1 112 ASP n 
1 113 LYS n 
1 114 GLU n 
1 115 LEU n 
1 116 ASN n 
1 117 PRO n 
1 118 LYS n 
1 119 LYS n 
1 120 LYS n 
1 121 ILE n 
1 122 TRP n 
1 123 GLU n 
1 124 GLN n 
1 125 ILE n 
1 126 GLN n 
1 127 PRO n 
1 128 ASP n 
1 129 LEU n 
1 130 HIS n 
1 131 THR n 
1 132 ASN n 
1 133 ASP n 
1 134 GLU n 
1 135 CYS n 
1 136 VAL n 
1 137 ALA n 
1 138 THR n 
1 139 TYR n 
1 140 LYS n 
1 141 GLY n 
1 142 VAL n 
1 143 PRO n 
1 144 PHE n 
1 145 GLU n 
1 146 VAL n 
1 147 LYS n 
1 148 GLY n 
1 149 LYS n 
1 150 GLY n 
1 151 VAL n 
1 152 CYS n 
1 153 ARG n 
1 154 ALA n 
1 155 GLN n 
1 156 THR n 
1 157 MET n 
1 158 SER n 
1 159 ASN n 
1 160 SER n 
1 161 GLY n 
1 162 ILE n 
1 163 LYS n 
1 164 LEU n 
1 165 GLU n 
1 166 HIS n 
1 167 HIS n 
1 168 HIS n 
1 169 HIS n 
1 170 HIS n 
1 171 HIS n 
# 
_entity_src_gen.entity_id                          1 
_entity_src_gen.pdbx_src_id                        1 
_entity_src_gen.pdbx_alt_source_flag               sample 
_entity_src_gen.pdbx_seq_type                      ? 
_entity_src_gen.pdbx_beg_seq_num                   ? 
_entity_src_gen.pdbx_end_seq_num                   ? 
_entity_src_gen.gene_src_common_name               human 
_entity_src_gen.gene_src_genus                     Homo 
_entity_src_gen.pdbx_gene_src_gene                 ? 
_entity_src_gen.gene_src_species                   ? 
_entity_src_gen.gene_src_strain                    ? 
_entity_src_gen.gene_src_tissue                    ? 
_entity_src_gen.gene_src_tissue_fraction           ? 
_entity_src_gen.gene_src_details                   ? 
_entity_src_gen.pdbx_gene_src_fragment             ? 
_entity_src_gen.pdbx_gene_src_scientific_name      'Homo sapiens' 
_entity_src_gen.pdbx_gene_src_ncbi_taxonomy_id     9606 
_entity_src_gen.pdbx_gene_src_variant              ? 
_entity_src_gen.pdbx_gene_src_cell_line            ? 
_entity_src_gen.pdbx_gene_src_atcc                 ? 
_entity_src_gen.pdbx_gene_src_organ                ? 
_entity_src_gen.pdbx_gene_src_organelle            ? 
_entity_src_gen.pdbx_gene_src_cell                 ? 
_entity_src_gen.pdbx_gene_src_cellular_location    ? 
_entity_src_gen.host_org_common_name               ? 
_entity_src_gen.pdbx_host_org_scientific_name      'Escherichia coli' 
_entity_src_gen.pdbx_host_org_ncbi_taxonomy_id     562 
_entity_src_gen.host_org_genus                     Escherichia 
_entity_src_gen.pdbx_host_org_gene                 ? 
_entity_src_gen.pdbx_host_org_organ                ? 
_entity_src_gen.host_org_species                   ? 
_entity_src_gen.pdbx_host_org_tissue               ? 
_entity_src_gen.pdbx_host_org_tissue_fraction      ? 
_entity_src_gen.pdbx_host_org_strain               ? 
_entity_src_gen.pdbx_host_org_variant              ? 
_entity_src_gen.pdbx_host_org_cell_line            ? 
_entity_src_gen.pdbx_host_org_atcc                 ? 
_entity_src_gen.pdbx_host_org_culture_collection   ? 
_entity_src_gen.pdbx_host_org_cell                 ? 
_entity_src_gen.pdbx_host_org_organelle            ? 
_entity_src_gen.pdbx_host_org_cellular_location    ? 
_entity_src_gen.pdbx_host_org_vector_type          PLASMID 
_entity_src_gen.pdbx_host_org_vector               ? 
_entity_src_gen.host_org_details                   ? 
_entity_src_gen.expression_system_id               ? 
_entity_src_gen.plasmid_name                       PET-28B 
_entity_src_gen.plasmid_details                    ? 
_entity_src_gen.pdbx_description                   ? 
# 
loop_
_chem_comp.id 
_chem_comp.type 
_chem_comp.mon_nstd_flag 
_chem_comp.name 
_chem_comp.pdbx_synonyms 
_chem_comp.formula 
_chem_comp.formula_weight 
ALA 'L-peptide linking' y ALANINE         ? 'C3 H7 N O2'     89.093  
ARG 'L-peptide linking' y ARGININE        ? 'C6 H15 N4 O2 1' 175.209 
ASN 'L-peptide linking' y ASPARAGINE      ? 'C4 H8 N2 O3'    132.118 
ASP 'L-peptide linking' y 'ASPARTIC ACID' ? 'C4 H7 N O4'     133.103 
CYS 'L-peptide linking' y CYSTEINE        ? 'C3 H7 N O2 S'   121.158 
GLN 'L-peptide linking' y GLUTAMINE       ? 'C5 H10 N2 O3'   146.144 
GLU 'L-peptide linking' y 'GLUTAMIC ACID' ? 'C5 H9 N O4'     147.129 
GLY 'peptide linking'   y GLYCINE         ? 'C2 H5 N O2'     75.067  
HIS 'L-peptide linking' y HISTIDINE       ? 'C6 H10 N3 O2 1' 156.162 
HOH non-polymer         . WATER           ? 'H2 O'           18.015  
ILE 'L-peptide linking' y ISOLEUCINE      ? 'C6 H13 N O2'    131.173 
LEU 'L-peptide linking' y LEUCINE         ? 'C6 H13 N O2'    131.173 
LYS 'L-peptide linking' y LYSINE          ? 'C6 H15 N2 O2 1' 147.195 
MET 'L-peptide linking' y METHIONINE      ? 'C5 H11 N O2 S'  149.211 
PHE 'L-peptide linking' y PHENYLALANINE   ? 'C9 H11 N O2'    165.189 
PRO 'L-peptide linking' y PROLINE         ? 'C5 H9 N O2'     115.130 
SER 'L-peptide linking' y SERINE          ? 'C3 H7 N O3'     105.093 
THR 'L-peptide linking' y THREONINE       ? 'C4 H9 N O3'     119.119 
TRP 'L-peptide linking' y TRYPTOPHAN      ? 'C11 H12 N2 O2'  204.225 
TYR 'L-peptide linking' y TYROSINE        ? 'C9 H11 N O3'    181.189 
VAL 'L-peptide linking' y VALINE          ? 'C5 H11 N O2'    117.146 
# 
loop_
_pdbx_poly_seq_scheme.asym_id 
_pdbx_poly_seq_scheme.entity_id 
_pdbx_poly_seq_scheme.seq_id 
_pdbx_poly_seq_scheme.mon_id 
_pdbx_poly_seq_scheme.ndb_seq_num 
_pdbx_poly_seq_scheme.pdb_seq_num 
_pdbx_poly_seq_scheme.auth_seq_num 
_pdbx_poly_seq_scheme.pdb_mon_id 
_pdbx_poly_seq_scheme.auth_mon_id 
_pdbx_poly_seq_scheme.pdb_strand_id 
_pdbx_poly_seq_scheme.pdb_ins_code 
_pdbx_poly_seq_scheme.hetero 
A 1 1   ILE 1   150 150 ILE ILE A . n 
A 1 2   ASP 2   151 151 ASP ASP A . n 
A 1 3   VAL 3   152 152 VAL VAL A . n 
A 1 4   SER 4   153 153 SER SER A . n 
A 1 5   ARG 5   154 154 ARG ARG A . n 
A 1 6   LEU 6   155 155 LEU LEU A . n 
A 1 7   ASP 7   156 156 ASP ASP A . n 
A 1 8   LEU 8   157 157 LEU LEU A . n 
A 1 9   ARG 9   158 158 ARG ARG A . n 
A 1 10  ILE 10  159 159 ILE ILE A . n 
A 1 11  GLY 11  160 160 GLY GLY A . n 
A 1 12  CYS 12  161 161 CYS CYS A . n 
A 1 13  ILE 13  162 162 ILE ILE A . n 
A 1 14  ILE 14  163 163 ILE ILE A . n 
A 1 15  THR 15  164 164 THR THR A . n 
A 1 16  ALA 16  165 165 ALA ALA A . n 
A 1 17  ARG 17  166 166 ARG ARG A . n 
A 1 18  LYS 18  167 167 LYS LYS A . n 
A 1 19  HIS 19  168 168 HIS HIS A . n 
A 1 20  PRO 20  169 169 PRO PRO A . n 
A 1 21  ASP 21  170 170 ASP ASP A . n 
A 1 22  ALA 22  171 171 ALA ALA A . n 
A 1 23  ASP 23  172 172 ASP ASP A . n 
A 1 24  SER 24  173 173 SER SER A . n 
A 1 25  LEU 25  174 174 LEU LEU A . n 
A 1 26  TYR 26  175 175 TYR TYR A . n 
A 1 27  VAL 27  176 176 VAL VAL A . n 
A 1 28  GLU 28  177 177 GLU GLU A . n 
A 1 29  GLU 29  178 178 GLU GLU A . n 
A 1 30  VAL 30  179 179 VAL VAL A . n 
A 1 31  ASP 31  180 180 ASP ASP A . n 
A 1 32  VAL 32  181 181 VAL VAL A . n 
A 1 33  GLY 33  182 182 GLY GLY A . n 
A 1 34  GLU 34  183 183 GLU GLU A . n 
A 1 35  ILE 35  184 184 ILE ILE A . n 
A 1 36  ALA 36  185 185 ALA ALA A . n 
A 1 37  PRO 37  186 186 PRO PRO A . n 
A 1 38  ARG 38  187 187 ARG ARG A . n 
A 1 39  THR 39  188 188 THR THR A . n 
A 1 40  VAL 40  189 189 VAL VAL A . n 
A 1 41  VAL 41  190 190 VAL VAL A . n 
A 1 42  SER 42  191 191 SER SER A . n 
A 1 43  GLY 43  192 192 GLY GLY A . n 
A 1 44  LEU 44  193 193 LEU LEU A . n 
A 1 45  VAL 45  194 194 VAL VAL A . n 
A 1 46  ASN 46  195 195 ASN ASN A . n 
A 1 47  HIS 47  196 196 HIS HIS A . n 
A 1 48  VAL 48  197 197 VAL VAL A . n 
A 1 49  PRO 49  198 198 PRO PRO A . n 
A 1 50  LEU 50  199 199 LEU LEU A . n 
A 1 51  GLU 51  200 200 GLU GLU A . n 
A 1 52  GLN 52  201 201 GLN GLN A . n 
A 1 53  MET 53  202 202 MET MET A . n 
A 1 54  GLN 54  203 203 GLN GLN A . n 
A 1 55  ASN 55  204 204 ASN ASN A . n 
A 1 56  ARG 56  205 205 ARG ARG A . n 
A 1 57  MET 57  206 206 MET MET A . n 
A 1 58  VAL 58  207 207 VAL VAL A . n 
A 1 59  ILE 59  208 208 ILE ILE A . n 
A 1 60  LEU 60  209 209 LEU LEU A . n 
A 1 61  LEU 61  210 210 LEU LEU A . n 
A 1 62  CYS 62  211 211 CYS CYS A . n 
A 1 63  ASN 63  212 212 ASN ASN A . n 
A 1 64  LEU 64  213 213 LEU LEU A . n 
A 1 65  LYS 65  214 214 LYS LYS A . n 
A 1 66  PRO 66  215 215 PRO PRO A . n 
A 1 67  ALA 67  216 216 ALA ALA A . n 
A 1 68  LYS 68  217 217 LYS LYS A . n 
A 1 69  MET 69  218 218 MET MET A . n 
A 1 70  ARG 70  219 219 ARG ARG A . n 
A 1 71  GLY 71  220 220 GLY GLY A . n 
A 1 72  VAL 72  221 221 VAL VAL A . n 
A 1 73  LEU 73  222 222 LEU LEU A . n 
A 1 74  SER 74  223 223 SER SER A . n 
A 1 75  GLN 75  224 224 GLN GLN A . n 
A 1 76  ALA 76  225 225 ALA ALA A . n 
A 1 77  MET 77  226 226 MET MET A . n 
A 1 78  VAL 78  227 227 VAL VAL A . n 
A 1 79  MET 79  228 228 MET MET A . n 
A 1 80  CYS 80  229 229 CYS CYS A . n 
A 1 81  ALA 81  230 230 ALA ALA A . n 
A 1 82  SER 82  231 231 SER SER A . n 
A 1 83  SER 83  232 232 SER SER A . n 
A 1 84  PRO 84  233 233 PRO PRO A . n 
A 1 85  GLU 85  234 234 GLU GLU A . n 
A 1 86  LYS 86  235 235 LYS LYS A . n 
A 1 87  ILE 87  236 236 ILE ILE A . n 
A 1 88  GLU 88  237 237 GLU GLU A . n 
A 1 89  ILE 89  238 238 ILE ILE A . n 
A 1 90  LEU 90  239 239 LEU LEU A . n 
A 1 91  ALA 91  240 240 ALA ALA A . n 
A 1 92  PRO 92  241 241 PRO PRO A . n 
A 1 93  PRO 93  242 242 PRO PRO A . n 
A 1 94  ASN 94  243 243 ASN ASN A . n 
A 1 95  GLY 95  244 244 GLY GLY A . n 
A 1 96  SER 96  245 245 SER SER A . n 
A 1 97  VAL 97  246 246 VAL VAL A . n 
A 1 98  PRO 98  247 247 PRO PRO A . n 
A 1 99  GLY 99  248 248 GLY GLY A . n 
A 1 100 ASP 100 249 249 ASP ASP A . n 
A 1 101 ARG 101 250 250 ARG ARG A . n 
A 1 102 ILE 102 251 251 ILE ILE A . n 
A 1 103 THR 103 252 252 THR THR A . n 
A 1 104 PHE 104 253 253 PHE PHE A . n 
A 1 105 ASP 105 254 254 ASP ASP A . n 
A 1 106 ALA 106 255 255 ALA ALA A . n 
A 1 107 PHE 107 256 256 PHE PHE A . n 
A 1 108 PRO 108 257 257 PRO PRO A . n 
A 1 109 GLY 109 258 258 GLY GLY A . n 
A 1 110 GLU 110 259 259 GLU GLU A . n 
A 1 111 PRO 111 260 260 PRO PRO A . n 
A 1 112 ASP 112 261 261 ASP ASP A . n 
A 1 113 LYS 113 262 262 LYS LYS A . n 
A 1 114 GLU 114 263 263 GLU GLU A . n 
A 1 115 LEU 115 264 264 LEU LEU A . n 
A 1 116 ASN 116 265 265 ASN ASN A . n 
A 1 117 PRO 117 266 266 PRO PRO A . n 
A 1 118 LYS 118 267 267 LYS LYS A . n 
A 1 119 LYS 119 268 268 LYS LYS A . n 
A 1 120 LYS 120 269 269 LYS LYS A . n 
A 1 121 ILE 121 270 270 ILE ILE A . n 
A 1 122 TRP 122 271 271 TRP TRP A . n 
A 1 123 GLU 123 272 272 GLU GLU A . n 
A 1 124 GLN 124 273 273 GLN GLN A . n 
A 1 125 ILE 125 274 274 ILE ILE A . n 
A 1 126 GLN 126 275 275 GLN GLN A . n 
A 1 127 PRO 127 276 276 PRO PRO A . n 
A 1 128 ASP 128 277 277 ASP ASP A . n 
A 1 129 LEU 129 278 278 LEU LEU A . n 
A 1 130 HIS 130 279 279 HIS HIS A . n 
A 1 131 THR 131 280 280 THR THR A . n 
A 1 132 ASN 132 281 281 ASN ASN A . n 
A 1 133 ASP 133 282 282 ASP ASP A . n 
A 1 134 GLU 134 283 283 GLU GLU A . n 
A 1 135 CYS 135 284 284 CYS CYS A . n 
A 1 136 VAL 136 285 285 VAL VAL A . n 
A 1 137 ALA 137 286 286 ALA ALA A . n 
A 1 138 THR 138 287 287 THR THR A . n 
A 1 139 TYR 139 288 288 TYR TYR A . n 
A 1 140 LYS 140 289 289 LYS LYS A . n 
A 1 141 GLY 141 290 290 GLY GLY A . n 
A 1 142 VAL 142 291 291 VAL VAL A . n 
A 1 143 PRO 143 292 292 PRO PRO A . n 
A 1 144 PHE 144 293 293 PHE PHE A . n 
A 1 145 GLU 145 294 294 GLU GLU A . n 
A 1 146 VAL 146 295 295 VAL VAL A . n 
A 1 147 LYS 147 296 296 LYS LYS A . n 
A 1 148 GLY 148 297 297 GLY GLY A . n 
A 1 149 LYS 149 298 298 LYS LYS A . n 
A 1 150 GLY 150 299 299 GLY GLY A . n 
A 1 151 VAL 151 300 300 VAL VAL A . n 
A 1 152 CYS 152 301 301 CYS CYS A . n 
A 1 153 ARG 153 302 302 ARG ARG A . n 
A 1 154 ALA 154 303 303 ALA ALA A . n 
A 1 155 GLN 155 304 304 GLN GLN A . n 
A 1 156 THR 156 305 305 THR THR A . n 
A 1 157 MET 157 306 306 MET MET A . n 
A 1 158 SER 158 307 307 SER SER A . n 
A 1 159 ASN 159 308 308 ASN ASN A . n 
A 1 160 SER 160 309 309 SER SER A . n 
A 1 161 GLY 161 310 310 GLY GLY A . n 
A 1 162 ILE 162 311 311 ILE ILE A . n 
A 1 163 LYS 163 312 312 LYS LYS A . n 
A 1 164 LEU 164 313 313 LEU LEU A . n 
A 1 165 GLU 165 314 ?   ?   ?   A . n 
A 1 166 HIS 166 315 ?   ?   ?   A . n 
A 1 167 HIS 167 316 ?   ?   ?   A . n 
A 1 168 HIS 168 317 ?   ?   ?   A . n 
A 1 169 HIS 169 318 ?   ?   ?   A . n 
A 1 170 HIS 170 319 ?   ?   ?   A . n 
A 1 171 HIS 171 320 ?   ?   ?   A . n 
# 
loop_
_pdbx_nonpoly_scheme.asym_id 
_pdbx_nonpoly_scheme.entity_id 
_pdbx_nonpoly_scheme.mon_id 
_pdbx_nonpoly_scheme.ndb_seq_num 
_pdbx_nonpoly_scheme.pdb_seq_num 
_pdbx_nonpoly_scheme.auth_seq_num 
_pdbx_nonpoly_scheme.pdb_mon_id 
_pdbx_nonpoly_scheme.auth_mon_id 
_pdbx_nonpoly_scheme.pdb_strand_id 
_pdbx_nonpoly_scheme.pdb_ins_code 
B 2 HOH 1   321 1   HOH WAT A . 
B 2 HOH 2   322 2   HOH WAT A . 
B 2 HOH 3   323 3   HOH WAT A . 
B 2 HOH 4   324 4   HOH WAT A . 
B 2 HOH 5   325 5   HOH WAT A . 
B 2 HOH 6   326 6   HOH WAT A . 
B 2 HOH 7   327 7   HOH WAT A . 
B 2 HOH 8   328 8   HOH WAT A . 
B 2 HOH 9   329 9   HOH WAT A . 
B 2 HOH 10  330 10  HOH WAT A . 
B 2 HOH 11  331 11  HOH WAT A . 
B 2 HOH 12  332 12  HOH WAT A . 
B 2 HOH 13  333 13  HOH WAT A . 
B 2 HOH 14  334 14  HOH WAT A . 
B 2 HOH 15  335 15  HOH WAT A . 
B 2 HOH 16  336 16  HOH WAT A . 
B 2 HOH 17  337 17  HOH WAT A . 
B 2 HOH 18  338 18  HOH WAT A . 
B 2 HOH 19  339 19  HOH WAT A . 
B 2 HOH 20  340 20  HOH WAT A . 
B 2 HOH 21  341 21  HOH WAT A . 
B 2 HOH 22  342 22  HOH WAT A . 
B 2 HOH 23  343 23  HOH WAT A . 
B 2 HOH 24  344 24  HOH WAT A . 
B 2 HOH 25  345 25  HOH WAT A . 
B 2 HOH 26  346 26  HOH WAT A . 
B 2 HOH 27  347 27  HOH WAT A . 
B 2 HOH 28  348 28  HOH WAT A . 
B 2 HOH 29  349 29  HOH WAT A . 
B 2 HOH 30  350 30  HOH WAT A . 
B 2 HOH 31  351 31  HOH WAT A . 
B 2 HOH 32  352 32  HOH WAT A . 
B 2 HOH 33  353 33  HOH WAT A . 
B 2 HOH 34  354 34  HOH WAT A . 
B 2 HOH 35  355 35  HOH WAT A . 
B 2 HOH 36  356 36  HOH WAT A . 
B 2 HOH 37  357 37  HOH WAT A . 
B 2 HOH 38  358 38  HOH WAT A . 
B 2 HOH 39  359 39  HOH WAT A . 
B 2 HOH 40  360 40  HOH WAT A . 
B 2 HOH 41  361 41  HOH WAT A . 
B 2 HOH 42  362 42  HOH WAT A . 
B 2 HOH 43  363 43  HOH WAT A . 
B 2 HOH 44  364 44  HOH WAT A . 
B 2 HOH 45  365 45  HOH WAT A . 
B 2 HOH 46  366 46  HOH WAT A . 
B 2 HOH 47  367 47  HOH WAT A . 
B 2 HOH 48  368 48  HOH WAT A . 
B 2 HOH 49  369 49  HOH WAT A . 
B 2 HOH 50  370 50  HOH WAT A . 
B 2 HOH 51  371 51  HOH WAT A . 
B 2 HOH 52  372 52  HOH WAT A . 
B 2 HOH 53  373 53  HOH WAT A . 
B 2 HOH 54  374 54  HOH WAT A . 
B 2 HOH 55  375 55  HOH WAT A . 
B 2 HOH 56  376 56  HOH WAT A . 
B 2 HOH 57  377 57  HOH WAT A . 
B 2 HOH 58  378 58  HOH WAT A . 
B 2 HOH 59  379 59  HOH WAT A . 
B 2 HOH 60  380 60  HOH WAT A . 
B 2 HOH 61  381 61  HOH WAT A . 
B 2 HOH 62  382 62  HOH WAT A . 
B 2 HOH 63  383 63  HOH WAT A . 
B 2 HOH 64  384 64  HOH WAT A . 
B 2 HOH 65  385 65  HOH WAT A . 
B 2 HOH 66  386 66  HOH WAT A . 
B 2 HOH 67  387 67  HOH WAT A . 
B 2 HOH 68  388 68  HOH WAT A . 
B 2 HOH 69  389 69  HOH WAT A . 
B 2 HOH 70  390 70  HOH WAT A . 
B 2 HOH 71  391 71  HOH WAT A . 
B 2 HOH 72  392 72  HOH WAT A . 
B 2 HOH 73  393 73  HOH WAT A . 
B 2 HOH 74  394 74  HOH WAT A . 
B 2 HOH 75  395 75  HOH WAT A . 
B 2 HOH 76  396 76  HOH WAT A . 
B 2 HOH 77  397 77  HOH WAT A . 
B 2 HOH 78  398 78  HOH WAT A . 
B 2 HOH 79  399 79  HOH WAT A . 
B 2 HOH 80  400 80  HOH WAT A . 
B 2 HOH 81  401 81  HOH WAT A . 
B 2 HOH 82  402 82  HOH WAT A . 
B 2 HOH 83  403 83  HOH WAT A . 
B 2 HOH 84  404 84  HOH WAT A . 
B 2 HOH 85  405 85  HOH WAT A . 
B 2 HOH 86  406 86  HOH WAT A . 
B 2 HOH 87  407 87  HOH WAT A . 
B 2 HOH 88  408 88  HOH WAT A . 
B 2 HOH 89  409 89  HOH WAT A . 
B 2 HOH 90  410 90  HOH WAT A . 
B 2 HOH 91  411 91  HOH WAT A . 
B 2 HOH 92  412 92  HOH WAT A . 
B 2 HOH 93  413 93  HOH WAT A . 
B 2 HOH 94  414 94  HOH WAT A . 
B 2 HOH 95  415 95  HOH WAT A . 
B 2 HOH 96  416 96  HOH WAT A . 
B 2 HOH 97  417 97  HOH WAT A . 
B 2 HOH 98  418 98  HOH WAT A . 
B 2 HOH 99  419 99  HOH WAT A . 
B 2 HOH 100 420 100 HOH WAT A . 
B 2 HOH 101 421 101 HOH WAT A . 
B 2 HOH 102 422 102 HOH WAT A . 
B 2 HOH 103 423 103 HOH WAT A . 
B 2 HOH 104 424 104 HOH WAT A . 
B 2 HOH 105 425 105 HOH WAT A . 
B 2 HOH 106 426 106 HOH WAT A . 
B 2 HOH 107 427 107 HOH WAT A . 
B 2 HOH 108 428 108 HOH WAT A . 
B 2 HOH 109 429 109 HOH WAT A . 
B 2 HOH 110 430 110 HOH WAT A . 
B 2 HOH 111 431 111 HOH WAT A . 
B 2 HOH 112 432 112 HOH WAT A . 
B 2 HOH 113 433 113 HOH WAT A . 
B 2 HOH 114 434 114 HOH WAT A . 
B 2 HOH 115 435 115 HOH WAT A . 
B 2 HOH 116 436 116 HOH WAT A . 
B 2 HOH 117 437 117 HOH WAT A . 
B 2 HOH 118 438 118 HOH WAT A . 
B 2 HOH 119 439 119 HOH WAT A . 
B 2 HOH 120 440 120 HOH WAT A . 
B 2 HOH 121 441 121 HOH WAT A . 
B 2 HOH 122 442 122 HOH WAT A . 
B 2 HOH 123 443 123 HOH WAT A . 
B 2 HOH 124 444 124 HOH WAT A . 
B 2 HOH 125 445 125 HOH WAT A . 
B 2 HOH 126 446 126 HOH WAT A . 
B 2 HOH 127 447 127 HOH WAT A . 
B 2 HOH 128 448 128 HOH WAT A . 
B 2 HOH 129 449 129 HOH WAT A . 
B 2 HOH 130 450 130 HOH WAT A . 
B 2 HOH 131 451 131 HOH WAT A . 
B 2 HOH 132 452 132 HOH WAT A . 
B 2 HOH 133 453 133 HOH WAT A . 
B 2 HOH 134 454 134 HOH WAT A . 
B 2 HOH 135 455 135 HOH WAT A . 
B 2 HOH 136 456 136 HOH WAT A . 
B 2 HOH 137 457 137 HOH WAT A . 
B 2 HOH 138 458 138 HOH WAT A . 
B 2 HOH 139 459 139 HOH WAT A . 
B 2 HOH 140 460 140 HOH WAT A . 
B 2 HOH 141 461 141 HOH WAT A . 
B 2 HOH 142 462 142 HOH WAT A . 
B 2 HOH 143 463 143 HOH WAT A . 
B 2 HOH 144 464 144 HOH WAT A . 
B 2 HOH 145 465 145 HOH WAT A . 
B 2 HOH 146 466 146 HOH WAT A . 
B 2 HOH 147 467 147 HOH WAT A . 
B 2 HOH 148 468 148 HOH WAT A . 
B 2 HOH 149 469 149 HOH WAT A . 
B 2 HOH 150 470 150 HOH WAT A . 
B 2 HOH 151 471 151 HOH WAT A . 
B 2 HOH 152 472 152 HOH WAT A . 
B 2 HOH 153 473 153 HOH WAT A . 
B 2 HOH 154 474 154 HOH WAT A . 
B 2 HOH 155 475 155 HOH WAT A . 
B 2 HOH 156 476 156 HOH WAT A . 
B 2 HOH 157 477 157 HOH WAT A . 
B 2 HOH 158 478 158 HOH WAT A . 
B 2 HOH 159 479 159 HOH WAT A . 
B 2 HOH 160 480 160 HOH WAT A . 
B 2 HOH 161 481 161 HOH WAT A . 
B 2 HOH 162 482 162 HOH WAT A . 
B 2 HOH 163 483 163 HOH WAT A . 
B 2 HOH 164 484 164 HOH WAT A . 
B 2 HOH 165 485 165 HOH WAT A . 
B 2 HOH 166 486 166 HOH WAT A . 
B 2 HOH 167 487 167 HOH WAT A . 
B 2 HOH 168 488 168 HOH WAT A . 
B 2 HOH 169 489 169 HOH WAT A . 
B 2 HOH 170 490 170 HOH WAT A . 
B 2 HOH 171 491 171 HOH WAT A . 
B 2 HOH 172 492 172 HOH WAT A . 
B 2 HOH 173 493 173 HOH WAT A . 
B 2 HOH 174 494 174 HOH WAT A . 
B 2 HOH 175 495 175 HOH WAT A . 
B 2 HOH 176 496 176 HOH WAT A . 
B 2 HOH 177 497 177 HOH WAT A . 
B 2 HOH 178 498 178 HOH WAT A . 
B 2 HOH 179 499 179 HOH WAT A . 
B 2 HOH 180 500 180 HOH WAT A . 
B 2 HOH 181 501 181 HOH WAT A . 
B 2 HOH 182 502 182 HOH WAT A . 
B 2 HOH 183 503 183 HOH WAT A . 
B 2 HOH 184 504 184 HOH WAT A . 
B 2 HOH 185 505 185 HOH WAT A . 
B 2 HOH 186 506 186 HOH WAT A . 
B 2 HOH 187 507 187 HOH WAT A . 
B 2 HOH 188 508 188 HOH WAT A . 
B 2 HOH 189 509 189 HOH WAT A . 
B 2 HOH 190 510 190 HOH WAT A . 
B 2 HOH 191 511 191 HOH WAT A . 
B 2 HOH 192 512 192 HOH WAT A . 
B 2 HOH 193 513 193 HOH WAT A . 
B 2 HOH 194 514 194 HOH WAT A . 
B 2 HOH 195 515 195 HOH WAT A . 
B 2 HOH 196 516 196 HOH WAT A . 
B 2 HOH 197 517 197 HOH WAT A . 
B 2 HOH 198 518 198 HOH WAT A . 
B 2 HOH 199 519 199 HOH WAT A . 
B 2 HOH 200 520 200 HOH WAT A . 
B 2 HOH 201 521 201 HOH WAT A . 
B 2 HOH 202 522 202 HOH WAT A . 
B 2 HOH 203 523 203 HOH WAT A . 
B 2 HOH 204 524 204 HOH WAT A . 
B 2 HOH 205 525 205 HOH WAT A . 
B 2 HOH 206 526 206 HOH WAT A . 
B 2 HOH 207 527 207 HOH WAT A . 
B 2 HOH 208 528 208 HOH WAT A . 
B 2 HOH 209 529 209 HOH WAT A . 
B 2 HOH 210 530 210 HOH WAT A . 
B 2 HOH 211 531 211 HOH WAT A . 
B 2 HOH 212 532 212 HOH WAT A . 
B 2 HOH 213 533 213 HOH WAT A . 
B 2 HOH 214 534 214 HOH WAT A . 
B 2 HOH 215 535 215 HOH WAT A . 
B 2 HOH 216 536 216 HOH WAT A . 
B 2 HOH 217 537 217 HOH WAT A . 
B 2 HOH 218 538 218 HOH WAT A . 
B 2 HOH 219 539 219 HOH WAT A . 
B 2 HOH 220 540 220 HOH WAT A . 
B 2 HOH 221 541 221 HOH WAT A . 
B 2 HOH 222 542 222 HOH WAT A . 
B 2 HOH 223 543 223 HOH WAT A . 
B 2 HOH 224 544 224 HOH WAT A . 
B 2 HOH 225 545 225 HOH WAT A . 
B 2 HOH 226 546 226 HOH WAT A . 
B 2 HOH 227 547 227 HOH WAT A . 
B 2 HOH 228 548 228 HOH WAT A . 
B 2 HOH 229 549 229 HOH WAT A . 
B 2 HOH 230 550 230 HOH WAT A . 
B 2 HOH 231 551 231 HOH WAT A . 
B 2 HOH 232 552 232 HOH WAT A . 
B 2 HOH 233 553 233 HOH WAT A . 
B 2 HOH 234 554 234 HOH WAT A . 
B 2 HOH 235 555 235 HOH WAT A . 
B 2 HOH 236 556 236 HOH WAT A . 
B 2 HOH 237 557 237 HOH WAT A . 
B 2 HOH 238 558 238 HOH WAT A . 
B 2 HOH 239 559 239 HOH WAT A . 
B 2 HOH 240 560 240 HOH WAT A . 
B 2 HOH 241 561 241 HOH WAT A . 
B 2 HOH 242 562 242 HOH WAT A . 
B 2 HOH 243 563 243 HOH WAT A . 
B 2 HOH 244 564 244 HOH WAT A . 
B 2 HOH 245 565 245 HOH WAT A . 
B 2 HOH 246 566 246 HOH WAT A . 
B 2 HOH 247 567 247 HOH WAT A . 
# 
loop_
_software.name 
_software.classification 
_software.version 
_software.citation_id 
_software.pdbx_ordinal 
MLPHARE   phasing          .   ? 1 
ARP/wARP  'model building' .   ? 2 
CNS       refinement       1.0 ? 3 
DENZO     'data reduction' .   ? 4 
SCALEPACK 'data scaling'   .   ? 5 
# 
_cell.entry_id           1FL0 
_cell.length_a           35.954 
_cell.length_b           59.683 
_cell.length_c           37.850 
_cell.angle_alpha        90.00 
_cell.angle_beta         114.83 
_cell.angle_gamma        90.00 
_cell.Z_PDB              2 
_cell.pdbx_unique_axis   ? 
_cell.length_a_esd       ? 
_cell.length_b_esd       ? 
_cell.length_c_esd       ? 
_cell.angle_alpha_esd    ? 
_cell.angle_beta_esd     ? 
_cell.angle_gamma_esd    ? 
# 
_symmetry.entry_id                         1FL0 
_symmetry.space_group_name_H-M             'P 1 21 1' 
_symmetry.pdbx_full_space_group_name_H-M   ? 
_symmetry.cell_setting                     ? 
_symmetry.Int_Tables_number                4 
_symmetry.space_group_name_Hall            ? 
# 
_exptl.entry_id          1FL0 
_exptl.method            'X-RAY DIFFRACTION' 
_exptl.crystals_number   1 
# 
_exptl_crystal.id                    1 
_exptl_crystal.density_meas          ? 
_exptl_crystal.density_Matthews      1.94 
_exptl_crystal.density_percent_sol   36.55 
_exptl_crystal.description           ? 
_exptl_crystal.F_000                 ? 
_exptl_crystal.preparation           ? 
# 
_exptl_crystal_grow.crystal_id      1 
_exptl_crystal_grow.method          'VAPOR DIFFUSION, HANGING DROP' 
_exptl_crystal_grow.pH              7.5 
_exptl_crystal_grow.temp            291 
_exptl_crystal_grow.temp_details    ? 
_exptl_crystal_grow.pdbx_details    
;35% PEG 3000 or 6000, 100mM TRIS pH7.5, 100-300 mM NaCl, 2mM DTE with a protein concentration of 11 mg/ml, VAPOR DIFFUSION, HANGING DROP, temperature 291K
;
_exptl_crystal_grow.pdbx_pH_range   . 
# 
_diffrn.id                     1 
_diffrn.ambient_temp           100 
_diffrn.ambient_temp_details   ? 
_diffrn.crystal_id             1 
# 
_diffrn_detector.diffrn_id              1 
_diffrn_detector.detector               'IMAGE PLATE' 
_diffrn_detector.type                   MARRESEARCH 
_diffrn_detector.pdbx_collection_date   2000-04-25 
_diffrn_detector.details                ? 
# 
_diffrn_radiation.diffrn_id                        1 
_diffrn_radiation.wavelength_id                    1 
_diffrn_radiation.pdbx_monochromatic_or_laue_m_l   M 
_diffrn_radiation.monochromator                    ? 
_diffrn_radiation.pdbx_diffrn_protocol             'SINGLE WAVELENGTH' 
_diffrn_radiation.pdbx_scattering_type             x-ray 
# 
_diffrn_radiation_wavelength.id           1 
_diffrn_radiation_wavelength.wavelength   0.934 
_diffrn_radiation_wavelength.wt           1.0 
# 
_diffrn_source.diffrn_id                   1 
_diffrn_source.source                      SYNCHROTRON 
_diffrn_source.type                        'LURE BEAMLINE DW32' 
_diffrn_source.pdbx_wavelength             0.934 
_diffrn_source.pdbx_synchrotron_site       LURE 
_diffrn_source.pdbx_synchrotron_beamline   DW32 
_diffrn_source.pdbx_wavelength_list        ? 
# 
_reflns.entry_id                     1FL0 
_reflns.observed_criterion_sigma_I   ? 
_reflns.observed_criterion_sigma_F   ? 
_reflns.d_resolution_low             30. 
_reflns.d_resolution_high            1.14 
_reflns.number_obs                   52816 
_reflns.number_all                   ? 
_reflns.percent_possible_obs         93.3 
_reflns.pdbx_Rmerge_I_obs            ? 
_reflns.pdbx_Rsym_value              6.2000000 
_reflns.pdbx_netI_over_sigmaI        22.5 
_reflns.B_iso_Wilson_estimate        16.5 
_reflns.pdbx_redundancy              5.1 
_reflns.R_free_details               ? 
_reflns.limit_h_max                  ? 
_reflns.limit_h_min                  ? 
_reflns.limit_k_max                  ? 
_reflns.limit_k_min                  ? 
_reflns.limit_l_max                  ? 
_reflns.limit_l_min                  ? 
_reflns.observed_criterion_F_max     ? 
_reflns.observed_criterion_F_min     ? 
_reflns.pdbx_chi_squared             ? 
_reflns.pdbx_scaling_rejects         ? 
_reflns.pdbx_ordinal                 1 
_reflns.pdbx_diffrn_id               1 
# 
_reflns_shell.d_res_high             1.14 
_reflns_shell.d_res_low              1.16 
_reflns_shell.percent_possible_all   99.1 
_reflns_shell.Rmerge_I_obs           ? 
_reflns_shell.pdbx_Rsym_value        15.7000000 
_reflns_shell.meanI_over_sigI_obs    6.4 
_reflns_shell.pdbx_redundancy        ? 
_reflns_shell.percent_possible_obs   ? 
_reflns_shell.number_unique_all      ? 
_reflns_shell.number_measured_all    ? 
_reflns_shell.number_measured_obs    ? 
_reflns_shell.number_unique_obs      ? 
_reflns_shell.pdbx_chi_squared       ? 
_reflns_shell.pdbx_ordinal           1 
_reflns_shell.pdbx_diffrn_id         1 
# 
_refine.entry_id                                 1FL0 
_refine.ls_number_reflns_obs                     23301 
_refine.ls_number_reflns_all                     ? 
_refine.pdbx_ls_sigma_I                          ? 
_refine.pdbx_ls_sigma_F                          0.1 
_refine.pdbx_data_cutoff_high_absF               85632626.06 
_refine.pdbx_data_cutoff_low_absF                0.00 
_refine.pdbx_data_cutoff_high_rms_absF           ? 
_refine.ls_d_res_low                             34.35 
_refine.ls_d_res_high                            1.50 
_refine.ls_percent_reflns_obs                    100.0 
_refine.ls_R_factor_obs                          0.2210000 
_refine.ls_R_factor_all                          ? 
_refine.ls_R_factor_R_work                       0.2210000 
_refine.ls_R_factor_R_free                       0.2240000 
_refine.ls_R_factor_R_free_error                 0.007 
_refine.ls_R_factor_R_free_error_details         ? 
_refine.ls_percent_reflns_R_free                 4.8 
_refine.ls_number_reflns_R_free                  1127 
_refine.ls_number_parameters                     ? 
_refine.ls_number_restraints                     ? 
_refine.occupancy_min                            ? 
_refine.occupancy_max                            ? 
_refine.B_iso_mean                               19.0 
_refine.aniso_B[1][1]                            -0.41 
_refine.aniso_B[2][2]                            1.65 
_refine.aniso_B[3][3]                            -1.24 
_refine.aniso_B[1][2]                            0.00 
_refine.aniso_B[1][3]                            0.94 
_refine.aniso_B[2][3]                            0.00 
_refine.solvent_model_details                    'FLAT MODEL' 
_refine.solvent_model_param_ksol                 0.318 
_refine.solvent_model_param_bsol                 30.05 
_refine.pdbx_ls_cross_valid_method               THROUGHOUT 
_refine.details                                  ? 
_refine.pdbx_starting_model                      ? 
_refine.pdbx_method_to_determine_struct          MIRAS 
_refine.pdbx_isotropic_thermal_model             RESTRAINED 
_refine.pdbx_stereochemistry_target_values       'Engh & Huber' 
_refine.pdbx_stereochem_target_val_spec_case     ? 
_refine.pdbx_R_Free_selection_details            RANDOM 
_refine.pdbx_overall_ESU_R                       ? 
_refine.pdbx_overall_ESU_R_Free                  ? 
_refine.overall_SU_ML                            ? 
_refine.overall_SU_B                             ? 
_refine.ls_redundancy_reflns_obs                 ? 
_refine.B_iso_min                                ? 
_refine.B_iso_max                                ? 
_refine.correlation_coeff_Fo_to_Fc               ? 
_refine.correlation_coeff_Fo_to_Fc_free          ? 
_refine.overall_SU_R_Cruickshank_DPI             ? 
_refine.overall_SU_R_free                        ? 
_refine.pdbx_refine_id                           'X-RAY DIFFRACTION' 
_refine.pdbx_overall_phase_error                 ? 
_refine.pdbx_solvent_vdw_probe_radii             ? 
_refine.pdbx_solvent_ion_probe_radii             ? 
_refine.pdbx_solvent_shrinkage_radii             ? 
_refine.ls_wR_factor_R_free                      ? 
_refine.ls_wR_factor_R_work                      ? 
_refine.overall_FOM_free_R_set                   ? 
_refine.overall_FOM_work_R_set                   ? 
_refine.pdbx_diffrn_id                           1 
_refine.pdbx_TLS_residual_ADP_flag               ? 
_refine.pdbx_overall_SU_R_free_Cruickshank_DPI   ? 
_refine.pdbx_overall_SU_R_Blow_DPI               ? 
_refine.pdbx_overall_SU_R_free_Blow_DPI          ? 
# 
_refine_analyze.entry_id                        1FL0 
_refine_analyze.Luzzati_coordinate_error_obs    0.19 
_refine_analyze.Luzzati_sigma_a_obs             0.08 
_refine_analyze.Luzzati_d_res_low_obs           5.00 
_refine_analyze.Luzzati_coordinate_error_free   0.20 
_refine_analyze.Luzzati_sigma_a_free            0.15 
_refine_analyze.Luzzati_d_res_low_free          ? 
_refine_analyze.number_disordered_residues      ? 
_refine_analyze.occupancy_sum_hydrogen          ? 
_refine_analyze.occupancy_sum_non_hydrogen      ? 
_refine_analyze.pdbx_Luzzati_d_res_high_obs     ? 
_refine_analyze.pdbx_refine_id                  'X-RAY DIFFRACTION' 
# 
_refine_hist.pdbx_refine_id                   'X-RAY DIFFRACTION' 
_refine_hist.cycle_id                         LAST 
_refine_hist.pdbx_number_atoms_protein        1257 
_refine_hist.pdbx_number_atoms_nucleic_acid   0 
_refine_hist.pdbx_number_atoms_ligand         0 
_refine_hist.number_atoms_solvent             247 
_refine_hist.number_atoms_total               1504 
_refine_hist.d_res_high                       1.50 
_refine_hist.d_res_low                        34.35 
# 
loop_
_refine_ls_restr.type 
_refine_ls_restr.dev_ideal 
_refine_ls_restr.dev_ideal_target 
_refine_ls_restr.weight 
_refine_ls_restr.number 
_refine_ls_restr.pdbx_refine_id 
_refine_ls_restr.pdbx_restraint_function 
c_bond_d                0.004 ?    ? ? 'X-RAY DIFFRACTION' ? 
c_bond_d_na             ?     ?    ? ? 'X-RAY DIFFRACTION' ? 
c_bond_d_prot           ?     ?    ? ? 'X-RAY DIFFRACTION' ? 
c_angle_d               ?     ?    ? ? 'X-RAY DIFFRACTION' ? 
c_angle_d_na            ?     ?    ? ? 'X-RAY DIFFRACTION' ? 
c_angle_d_prot          ?     ?    ? ? 'X-RAY DIFFRACTION' ? 
c_angle_deg             1.5   ?    ? ? 'X-RAY DIFFRACTION' ? 
c_angle_deg_na          ?     ?    ? ? 'X-RAY DIFFRACTION' ? 
c_angle_deg_prot        ?     ?    ? ? 'X-RAY DIFFRACTION' ? 
c_dihedral_angle_d      25.3  ?    ? ? 'X-RAY DIFFRACTION' ? 
c_dihedral_angle_d_na   ?     ?    ? ? 'X-RAY DIFFRACTION' ? 
c_dihedral_angle_d_prot ?     ?    ? ? 'X-RAY DIFFRACTION' ? 
c_improper_angle_d      0.93  ?    ? ? 'X-RAY DIFFRACTION' ? 
c_improper_angle_d_na   ?     ?    ? ? 'X-RAY DIFFRACTION' ? 
c_improper_angle_d_prot ?     ?    ? ? 'X-RAY DIFFRACTION' ? 
c_mcbond_it             1.58  1.50 ? ? 'X-RAY DIFFRACTION' ? 
c_mcangle_it            2.60  2.00 ? ? 'X-RAY DIFFRACTION' ? 
c_scbond_it             2.90  2.00 ? ? 'X-RAY DIFFRACTION' ? 
c_scangle_it            4.60  2.50 ? ? 'X-RAY DIFFRACTION' ? 
# 
_refine_ls_shell.pdbx_total_number_of_bins_used   6 
_refine_ls_shell.d_res_high                       1.50 
_refine_ls_shell.d_res_low                        1.59 
_refine_ls_shell.number_reflns_R_work             3676 
_refine_ls_shell.R_factor_R_work                  0.2530000 
_refine_ls_shell.percent_reflns_obs               100.0 
_refine_ls_shell.R_factor_R_free                  0.3220000 
_refine_ls_shell.R_factor_R_free_error            0.023 
_refine_ls_shell.percent_reflns_R_free            5.0 
_refine_ls_shell.number_reflns_R_free             193 
_refine_ls_shell.redundancy_reflns_obs            ? 
_refine_ls_shell.number_reflns_all                ? 
_refine_ls_shell.number_reflns_obs                ? 
_refine_ls_shell.pdbx_refine_id                   'X-RAY DIFFRACTION' 
_refine_ls_shell.R_factor_all                     ? 
# 
loop_
_pdbx_xplor_file.serial_no 
_pdbx_xplor_file.param_file 
_pdbx_xplor_file.topol_file 
_pdbx_xplor_file.pdbx_refine_id 
1 PROTEIN_REP.PARAM PROTEIN.TOP 'X-RAY DIFFRACTION' 
2 WATER_REP.PARAM   WATER.TOP   'X-RAY DIFFRACTION' 
# 
_struct.entry_id                  1FL0 
_struct.title                     
'CRYSTAL STRUCTURE OF THE EMAP2/RNA-BINDING DOMAIN OF THE P43 PROTEIN FROM HUMAN AMINOACYL-TRNA SYNTHETASE COMPLEX' 
_struct.pdbx_model_details        ? 
_struct.pdbx_CASP_flag            ? 
_struct.pdbx_model_type_details   ? 
# 
_struct_keywords.entry_id        1FL0 
_struct_keywords.pdbx_keywords   'RNA BINDING PROTEIN' 
_struct_keywords.text            'RNA-binding domain, OB-fold, tRNA synthetase complex, RNA BINDING PROTEIN' 
# 
loop_
_struct_asym.id 
_struct_asym.pdbx_blank_PDB_chainid_flag 
_struct_asym.pdbx_modified 
_struct_asym.entity_id 
_struct_asym.details 
A N N 1 ? 
B N N 2 ? 
# 
_struct_ref.id                         1 
_struct_ref.db_name                    UNP 
_struct_ref.db_code                    MCA1_HUMAN 
_struct_ref.pdbx_db_accession          Q12904 
_struct_ref.entity_id                  1 
_struct_ref.pdbx_seq_one_letter_code   
;MANNDAVLKRLEQKGAEADQIIEYLKQQVSLLKEKAILQATLREEKKLRVENAKLKKEIEELKQELIQAEIQNGVKQIAF
PSGTPLHANSMVSENVIQSTAVTTVSSGTKEQIKGGTGDEKKAKEKIEKKGEKKEKKQQSIAGSADSKPIDVSRLDLRIG
CIITARKHPDADSLYVEEVDVGEIAPRTVVSGLVNHVPLEQMQNRMVILLCNLKPAKMRGVLSQAMVMCASSPEKIEILA
PPNGSVPGDRITFDAFPGEPDKELNPKKKIWEQIQPDLHTNDECVATYKGVPFEVKGKGVCRAQTMSNSGIK
;
_struct_ref.pdbx_align_begin           150 
_struct_ref.pdbx_db_isoform            ? 
# 
_struct_ref_seq.align_id                      1 
_struct_ref_seq.ref_id                        1 
_struct_ref_seq.pdbx_PDB_id_code              1FL0 
_struct_ref_seq.pdbx_strand_id                A 
_struct_ref_seq.seq_align_beg                 1 
_struct_ref_seq.pdbx_seq_align_beg_ins_code   ? 
_struct_ref_seq.seq_align_end                 163 
_struct_ref_seq.pdbx_seq_align_end_ins_code   ? 
_struct_ref_seq.pdbx_db_accession             Q12904 
_struct_ref_seq.db_align_beg                  150 
_struct_ref_seq.pdbx_db_align_beg_ins_code    ? 
_struct_ref_seq.db_align_end                  312 
_struct_ref_seq.pdbx_db_align_end_ins_code    ? 
_struct_ref_seq.pdbx_auth_seq_align_beg       150 
_struct_ref_seq.pdbx_auth_seq_align_end       312 
# 
loop_
_struct_ref_seq_dif.align_id 
_struct_ref_seq_dif.pdbx_pdb_id_code 
_struct_ref_seq_dif.mon_id 
_struct_ref_seq_dif.pdbx_pdb_strand_id 
_struct_ref_seq_dif.seq_num 
_struct_ref_seq_dif.pdbx_pdb_ins_code 
_struct_ref_seq_dif.pdbx_seq_db_name 
_struct_ref_seq_dif.pdbx_seq_db_accession_code 
_struct_ref_seq_dif.db_mon_id 
_struct_ref_seq_dif.pdbx_seq_db_seq_num 
_struct_ref_seq_dif.details 
_struct_ref_seq_dif.pdbx_auth_seq_num 
_struct_ref_seq_dif.pdbx_ordinal 
1 1FL0 LEU A 164 ? UNP Q12904 ? ? 'expression tag' 313 1 
1 1FL0 GLU A 165 ? UNP Q12904 ? ? 'expression tag' 314 2 
1 1FL0 HIS A 166 ? UNP Q12904 ? ? 'expression tag' 315 3 
1 1FL0 HIS A 167 ? UNP Q12904 ? ? 'expression tag' 316 4 
1 1FL0 HIS A 168 ? UNP Q12904 ? ? 'expression tag' 317 5 
1 1FL0 HIS A 169 ? UNP Q12904 ? ? 'expression tag' 318 6 
1 1FL0 HIS A 170 ? UNP Q12904 ? ? 'expression tag' 319 7 
1 1FL0 HIS A 171 ? UNP Q12904 ? ? 'expression tag' 320 8 
# 
_pdbx_struct_assembly.id                   1 
_pdbx_struct_assembly.details              author_defined_assembly 
_pdbx_struct_assembly.method_details       ? 
_pdbx_struct_assembly.oligomeric_details   monomeric 
_pdbx_struct_assembly.oligomeric_count     1 
# 
_pdbx_struct_assembly_gen.assembly_id       1 
_pdbx_struct_assembly_gen.oper_expression   1 
_pdbx_struct_assembly_gen.asym_id_list      A,B 
# 
_pdbx_struct_oper_list.id                   1 
_pdbx_struct_oper_list.type                 'identity operation' 
_pdbx_struct_oper_list.name                 1_555 
_pdbx_struct_oper_list.symmetry_operation   x,y,z 
_pdbx_struct_oper_list.matrix[1][1]         1.0000000000 
_pdbx_struct_oper_list.matrix[1][2]         0.0000000000 
_pdbx_struct_oper_list.matrix[1][3]         0.0000000000 
_pdbx_struct_oper_list.vector[1]            0.0000000000 
_pdbx_struct_oper_list.matrix[2][1]         0.0000000000 
_pdbx_struct_oper_list.matrix[2][2]         1.0000000000 
_pdbx_struct_oper_list.matrix[2][3]         0.0000000000 
_pdbx_struct_oper_list.vector[2]            0.0000000000 
_pdbx_struct_oper_list.matrix[3][1]         0.0000000000 
_pdbx_struct_oper_list.matrix[3][2]         0.0000000000 
_pdbx_struct_oper_list.matrix[3][3]         1.0000000000 
_pdbx_struct_oper_list.vector[3]            0.0000000000 
# 
_struct_biol.id   1 
# 
loop_
_struct_conf.conf_type_id 
_struct_conf.id 
_struct_conf.pdbx_PDB_helix_id 
_struct_conf.beg_label_comp_id 
_struct_conf.beg_label_asym_id 
_struct_conf.beg_label_seq_id 
_struct_conf.pdbx_beg_PDB_ins_code 
_struct_conf.end_label_comp_id 
_struct_conf.end_label_asym_id 
_struct_conf.end_label_seq_id 
_struct_conf.pdbx_end_PDB_ins_code 
_struct_conf.beg_auth_comp_id 
_struct_conf.beg_auth_asym_id 
_struct_conf.beg_auth_seq_id 
_struct_conf.end_auth_comp_id 
_struct_conf.end_auth_asym_id 
_struct_conf.end_auth_seq_id 
_struct_conf.pdbx_PDB_helix_class 
_struct_conf.details 
_struct_conf.pdbx_PDB_helix_length 
HELX_P HELX_P1 1 ASP A 2   ? LEU A 6   ? ASP A 151 LEU A 155 5 ? 5 
HELX_P HELX_P2 2 PRO A 49  ? GLN A 54  ? PRO A 198 GLN A 203 5 ? 6 
HELX_P HELX_P3 3 ILE A 121 ? GLN A 126 ? ILE A 270 GLN A 275 1 ? 6 
# 
_struct_conf_type.id          HELX_P 
_struct_conf_type.criteria    ? 
_struct_conf_type.reference   ? 
# 
loop_
_struct_sheet.id 
_struct_sheet.type 
_struct_sheet.number_strands 
_struct_sheet.details 
A ? 5 ? 
B ? 2 ? 
C ? 3 ? 
D ? 3 ? 
E ? 2 ? 
# 
loop_
_struct_sheet_order.sheet_id 
_struct_sheet_order.range_id_1 
_struct_sheet_order.range_id_2 
_struct_sheet_order.offset 
_struct_sheet_order.sense 
A 1 2 ? anti-parallel 
A 2 3 ? anti-parallel 
A 3 4 ? anti-parallel 
A 4 5 ? anti-parallel 
B 1 2 ? anti-parallel 
C 1 2 ? anti-parallel 
C 2 3 ? anti-parallel 
D 1 2 ? anti-parallel 
D 2 3 ? anti-parallel 
E 1 2 ? anti-parallel 
# 
loop_
_struct_sheet_range.sheet_id 
_struct_sheet_range.id 
_struct_sheet_range.beg_label_comp_id 
_struct_sheet_range.beg_label_asym_id 
_struct_sheet_range.beg_label_seq_id 
_struct_sheet_range.pdbx_beg_PDB_ins_code 
_struct_sheet_range.end_label_comp_id 
_struct_sheet_range.end_label_asym_id 
_struct_sheet_range.end_label_seq_id 
_struct_sheet_range.pdbx_end_PDB_ins_code 
_struct_sheet_range.beg_auth_comp_id 
_struct_sheet_range.beg_auth_asym_id 
_struct_sheet_range.beg_auth_seq_id 
_struct_sheet_range.end_auth_comp_id 
_struct_sheet_range.end_auth_asym_id 
_struct_sheet_range.end_auth_seq_id 
A 1 ARG A 38  ? SER A 42  ? ARG A 187 SER A 191 
A 2 ALA A 22  ? ASP A 31  ? ALA A 171 ASP A 180 
A 3 LEU A 8   ? HIS A 19  ? LEU A 157 HIS A 168 
A 4 ARG A 56  ? LEU A 61  ? ARG A 205 LEU A 210 
A 5 MET A 77  ? VAL A 78  ? MET A 226 VAL A 227 
B 1 ALA A 67  ? LYS A 68  ? ALA A 216 LYS A 217 
B 2 LEU A 73  ? SER A 74  ? LEU A 222 SER A 223 
C 1 LYS A 86  ? ILE A 89  ? LYS A 235 ILE A 238 
C 2 CYS A 80  ? SER A 83  ? CYS A 229 SER A 232 
C 3 GLY A 161 ? ILE A 162 ? GLY A 310 ILE A 311 
D 1 LEU A 129 ? THR A 131 ? LEU A 278 THR A 280 
D 2 ALA A 137 ? TYR A 139 ? ALA A 286 TYR A 288 
D 3 VAL A 142 ? PRO A 143 ? VAL A 291 PRO A 292 
E 1 GLU A 145 ? VAL A 146 ? GLU A 294 VAL A 295 
E 2 GLY A 150 ? VAL A 151 ? GLY A 299 VAL A 300 
# 
loop_
_pdbx_struct_sheet_hbond.sheet_id 
_pdbx_struct_sheet_hbond.range_id_1 
_pdbx_struct_sheet_hbond.range_id_2 
_pdbx_struct_sheet_hbond.range_1_label_atom_id 
_pdbx_struct_sheet_hbond.range_1_label_comp_id 
_pdbx_struct_sheet_hbond.range_1_label_asym_id 
_pdbx_struct_sheet_hbond.range_1_label_seq_id 
_pdbx_struct_sheet_hbond.range_1_PDB_ins_code 
_pdbx_struct_sheet_hbond.range_1_auth_atom_id 
_pdbx_struct_sheet_hbond.range_1_auth_comp_id 
_pdbx_struct_sheet_hbond.range_1_auth_asym_id 
_pdbx_struct_sheet_hbond.range_1_auth_seq_id 
_pdbx_struct_sheet_hbond.range_2_label_atom_id 
_pdbx_struct_sheet_hbond.range_2_label_comp_id 
_pdbx_struct_sheet_hbond.range_2_label_asym_id 
_pdbx_struct_sheet_hbond.range_2_label_seq_id 
_pdbx_struct_sheet_hbond.range_2_PDB_ins_code 
_pdbx_struct_sheet_hbond.range_2_auth_atom_id 
_pdbx_struct_sheet_hbond.range_2_auth_comp_id 
_pdbx_struct_sheet_hbond.range_2_auth_asym_id 
_pdbx_struct_sheet_hbond.range_2_auth_seq_id 
A 1 2 O SER A 42  ? O SER A 191 N TYR A 26  ? N TYR A 175 
A 2 3 N ASP A 31  ? N ASP A 180 O CYS A 12  ? O CYS A 161 
A 3 4 N ILE A 13  ? N ILE A 162 O ARG A 56  ? O ARG A 205 
A 4 5 N LEU A 61  ? N LEU A 210 O MET A 77  ? O MET A 226 
B 1 2 O ALA A 67  ? O ALA A 216 N SER A 74  ? N SER A 223 
C 1 2 O GLU A 88  ? O GLU A 237 N ALA A 81  ? N ALA A 230 
C 2 3 N SER A 82  ? N SER A 231 O GLY A 161 ? O GLY A 310 
D 1 2 N HIS A 130 ? N HIS A 279 O THR A 138 ? O THR A 287 
D 2 3 O TYR A 139 ? O TYR A 288 N VAL A 142 ? N VAL A 291 
E 1 2 N VAL A 146 ? N VAL A 295 O GLY A 150 ? O GLY A 299 
# 
loop_
_pdbx_validate_torsion.id 
_pdbx_validate_torsion.PDB_model_num 
_pdbx_validate_torsion.auth_comp_id 
_pdbx_validate_torsion.auth_asym_id 
_pdbx_validate_torsion.auth_seq_id 
_pdbx_validate_torsion.PDB_ins_code 
_pdbx_validate_torsion.label_alt_id 
_pdbx_validate_torsion.phi 
_pdbx_validate_torsion.psi 
1 1 ALA A 171 ? ? -166.06 81.92  
2 1 ASP A 172 ? ? -59.63  -8.34  
3 1 ARG A 219 ? ? 91.11   54.63  
4 1 LYS A 235 ? ? 179.88  150.86 
5 1 LYS A 268 ? ? 104.95  -41.60 
# 
loop_
_pdbx_unobs_or_zero_occ_residues.id 
_pdbx_unobs_or_zero_occ_residues.PDB_model_num 
_pdbx_unobs_or_zero_occ_residues.polymer_flag 
_pdbx_unobs_or_zero_occ_residues.occupancy_flag 
_pdbx_unobs_or_zero_occ_residues.auth_asym_id 
_pdbx_unobs_or_zero_occ_residues.auth_comp_id 
_pdbx_unobs_or_zero_occ_residues.auth_seq_id 
_pdbx_unobs_or_zero_occ_residues.PDB_ins_code 
_pdbx_unobs_or_zero_occ_residues.label_asym_id 
_pdbx_unobs_or_zero_occ_residues.label_comp_id 
_pdbx_unobs_or_zero_occ_residues.label_seq_id 
1 1 Y 1 A GLU 314 ? A GLU 165 
2 1 Y 1 A HIS 315 ? A HIS 166 
3 1 Y 1 A HIS 316 ? A HIS 167 
4 1 Y 1 A HIS 317 ? A HIS 168 
5 1 Y 1 A HIS 318 ? A HIS 169 
6 1 Y 1 A HIS 319 ? A HIS 170 
7 1 Y 1 A HIS 320 ? A HIS 171 
# 
loop_
_chem_comp_atom.comp_id 
_chem_comp_atom.atom_id 
_chem_comp_atom.type_symbol 
_chem_comp_atom.pdbx_aromatic_flag 
_chem_comp_atom.pdbx_stereo_config 
_chem_comp_atom.pdbx_ordinal 
ALA N    N N N 1   
ALA CA   C N S 2   
ALA C    C N N 3   
ALA O    O N N 4   
ALA CB   C N N 5   
ALA OXT  O N N 6   
ALA H    H N N 7   
ALA H2   H N N 8   
ALA HA   H N N 9   
ALA HB1  H N N 10  
ALA HB2  H N N 11  
ALA HB3  H N N 12  
ALA HXT  H N N 13  
ARG N    N N N 14  
ARG CA   C N S 15  
ARG C    C N N 16  
ARG O    O N N 17  
ARG CB   C N N 18  
ARG CG   C N N 19  
ARG CD   C N N 20  
ARG NE   N N N 21  
ARG CZ   C N N 22  
ARG NH1  N N N 23  
ARG NH2  N N N 24  
ARG OXT  O N N 25  
ARG H    H N N 26  
ARG H2   H N N 27  
ARG HA   H N N 28  
ARG HB2  H N N 29  
ARG HB3  H N N 30  
ARG HG2  H N N 31  
ARG HG3  H N N 32  
ARG HD2  H N N 33  
ARG HD3  H N N 34  
ARG HE   H N N 35  
ARG HH11 H N N 36  
ARG HH12 H N N 37  
ARG HH21 H N N 38  
ARG HH22 H N N 39  
ARG HXT  H N N 40  
ASN N    N N N 41  
ASN CA   C N S 42  
ASN C    C N N 43  
ASN O    O N N 44  
ASN CB   C N N 45  
ASN CG   C N N 46  
ASN OD1  O N N 47  
ASN ND2  N N N 48  
ASN OXT  O N N 49  
ASN H    H N N 50  
ASN H2   H N N 51  
ASN HA   H N N 52  
ASN HB2  H N N 53  
ASN HB3  H N N 54  
ASN HD21 H N N 55  
ASN HD22 H N N 56  
ASN HXT  H N N 57  
ASP N    N N N 58  
ASP CA   C N S 59  
ASP C    C N N 60  
ASP O    O N N 61  
ASP CB   C N N 62  
ASP CG   C N N 63  
ASP OD1  O N N 64  
ASP OD2  O N N 65  
ASP OXT  O N N 66  
ASP H    H N N 67  
ASP H2   H N N 68  
ASP HA   H N N 69  
ASP HB2  H N N 70  
ASP HB3  H N N 71  
ASP HD2  H N N 72  
ASP HXT  H N N 73  
CYS N    N N N 74  
CYS CA   C N R 75  
CYS C    C N N 76  
CYS O    O N N 77  
CYS CB   C N N 78  
CYS SG   S N N 79  
CYS OXT  O N N 80  
CYS H    H N N 81  
CYS H2   H N N 82  
CYS HA   H N N 83  
CYS HB2  H N N 84  
CYS HB3  H N N 85  
CYS HG   H N N 86  
CYS HXT  H N N 87  
GLN N    N N N 88  
GLN CA   C N S 89  
GLN C    C N N 90  
GLN O    O N N 91  
GLN CB   C N N 92  
GLN CG   C N N 93  
GLN CD   C N N 94  
GLN OE1  O N N 95  
GLN NE2  N N N 96  
GLN OXT  O N N 97  
GLN H    H N N 98  
GLN H2   H N N 99  
GLN HA   H N N 100 
GLN HB2  H N N 101 
GLN HB3  H N N 102 
GLN HG2  H N N 103 
GLN HG3  H N N 104 
GLN HE21 H N N 105 
GLN HE22 H N N 106 
GLN HXT  H N N 107 
GLU N    N N N 108 
GLU CA   C N S 109 
GLU C    C N N 110 
GLU O    O N N 111 
GLU CB   C N N 112 
GLU CG   C N N 113 
GLU CD   C N N 114 
GLU OE1  O N N 115 
GLU OE2  O N N 116 
GLU OXT  O N N 117 
GLU H    H N N 118 
GLU H2   H N N 119 
GLU HA   H N N 120 
GLU HB2  H N N 121 
GLU HB3  H N N 122 
GLU HG2  H N N 123 
GLU HG3  H N N 124 
GLU HE2  H N N 125 
GLU HXT  H N N 126 
GLY N    N N N 127 
GLY CA   C N N 128 
GLY C    C N N 129 
GLY O    O N N 130 
GLY OXT  O N N 131 
GLY H    H N N 132 
GLY H2   H N N 133 
GLY HA2  H N N 134 
GLY HA3  H N N 135 
GLY HXT  H N N 136 
HIS N    N N N 137 
HIS CA   C N S 138 
HIS C    C N N 139 
HIS O    O N N 140 
HIS CB   C N N 141 
HIS CG   C Y N 142 
HIS ND1  N Y N 143 
HIS CD2  C Y N 144 
HIS CE1  C Y N 145 
HIS NE2  N Y N 146 
HIS OXT  O N N 147 
HIS H    H N N 148 
HIS H2   H N N 149 
HIS HA   H N N 150 
HIS HB2  H N N 151 
HIS HB3  H N N 152 
HIS HD1  H N N 153 
HIS HD2  H N N 154 
HIS HE1  H N N 155 
HIS HE2  H N N 156 
HIS HXT  H N N 157 
HOH O    O N N 158 
HOH H1   H N N 159 
HOH H2   H N N 160 
ILE N    N N N 161 
ILE CA   C N S 162 
ILE C    C N N 163 
ILE O    O N N 164 
ILE CB   C N S 165 
ILE CG1  C N N 166 
ILE CG2  C N N 167 
ILE CD1  C N N 168 
ILE OXT  O N N 169 
ILE H    H N N 170 
ILE H2   H N N 171 
ILE HA   H N N 172 
ILE HB   H N N 173 
ILE HG12 H N N 174 
ILE HG13 H N N 175 
ILE HG21 H N N 176 
ILE HG22 H N N 177 
ILE HG23 H N N 178 
ILE HD11 H N N 179 
ILE HD12 H N N 180 
ILE HD13 H N N 181 
ILE HXT  H N N 182 
LEU N    N N N 183 
LEU CA   C N S 184 
LEU C    C N N 185 
LEU O    O N N 186 
LEU CB   C N N 187 
LEU CG   C N N 188 
LEU CD1  C N N 189 
LEU CD2  C N N 190 
LEU OXT  O N N 191 
LEU H    H N N 192 
LEU H2   H N N 193 
LEU HA   H N N 194 
LEU HB2  H N N 195 
LEU HB3  H N N 196 
LEU HG   H N N 197 
LEU HD11 H N N 198 
LEU HD12 H N N 199 
LEU HD13 H N N 200 
LEU HD21 H N N 201 
LEU HD22 H N N 202 
LEU HD23 H N N 203 
LEU HXT  H N N 204 
LYS N    N N N 205 
LYS CA   C N S 206 
LYS C    C N N 207 
LYS O    O N N 208 
LYS CB   C N N 209 
LYS CG   C N N 210 
LYS CD   C N N 211 
LYS CE   C N N 212 
LYS NZ   N N N 213 
LYS OXT  O N N 214 
LYS H    H N N 215 
LYS H2   H N N 216 
LYS HA   H N N 217 
LYS HB2  H N N 218 
LYS HB3  H N N 219 
LYS HG2  H N N 220 
LYS HG3  H N N 221 
LYS HD2  H N N 222 
LYS HD3  H N N 223 
LYS HE2  H N N 224 
LYS HE3  H N N 225 
LYS HZ1  H N N 226 
LYS HZ2  H N N 227 
LYS HZ3  H N N 228 
LYS HXT  H N N 229 
MET N    N N N 230 
MET CA   C N S 231 
MET C    C N N 232 
MET O    O N N 233 
MET CB   C N N 234 
MET CG   C N N 235 
MET SD   S N N 236 
MET CE   C N N 237 
MET OXT  O N N 238 
MET H    H N N 239 
MET H2   H N N 240 
MET HA   H N N 241 
MET HB2  H N N 242 
MET HB3  H N N 243 
MET HG2  H N N 244 
MET HG3  H N N 245 
MET HE1  H N N 246 
MET HE2  H N N 247 
MET HE3  H N N 248 
MET HXT  H N N 249 
PHE N    N N N 250 
PHE CA   C N S 251 
PHE C    C N N 252 
PHE O    O N N 253 
PHE CB   C N N 254 
PHE CG   C Y N 255 
PHE CD1  C Y N 256 
PHE CD2  C Y N 257 
PHE CE1  C Y N 258 
PHE CE2  C Y N 259 
PHE CZ   C Y N 260 
PHE OXT  O N N 261 
PHE H    H N N 262 
PHE H2   H N N 263 
PHE HA   H N N 264 
PHE HB2  H N N 265 
PHE HB3  H N N 266 
PHE HD1  H N N 267 
PHE HD2  H N N 268 
PHE HE1  H N N 269 
PHE HE2  H N N 270 
PHE HZ   H N N 271 
PHE HXT  H N N 272 
PRO N    N N N 273 
PRO CA   C N S 274 
PRO C    C N N 275 
PRO O    O N N 276 
PRO CB   C N N 277 
PRO CG   C N N 278 
PRO CD   C N N 279 
PRO OXT  O N N 280 
PRO H    H N N 281 
PRO HA   H N N 282 
PRO HB2  H N N 283 
PRO HB3  H N N 284 
PRO HG2  H N N 285 
PRO HG3  H N N 286 
PRO HD2  H N N 287 
PRO HD3  H N N 288 
PRO HXT  H N N 289 
SER N    N N N 290 
SER CA   C N S 291 
SER C    C N N 292 
SER O    O N N 293 
SER CB   C N N 294 
SER OG   O N N 295 
SER OXT  O N N 296 
SER H    H N N 297 
SER H2   H N N 298 
SER HA   H N N 299 
SER HB2  H N N 300 
SER HB3  H N N 301 
SER HG   H N N 302 
SER HXT  H N N 303 
THR N    N N N 304 
THR CA   C N S 305 
THR C    C N N 306 
THR O    O N N 307 
THR CB   C N R 308 
THR OG1  O N N 309 
THR CG2  C N N 310 
THR OXT  O N N 311 
THR H    H N N 312 
THR H2   H N N 313 
THR HA   H N N 314 
THR HB   H N N 315 
THR HG1  H N N 316 
THR HG21 H N N 317 
THR HG22 H N N 318 
THR HG23 H N N 319 
THR HXT  H N N 320 
TRP N    N N N 321 
TRP CA   C N S 322 
TRP C    C N N 323 
TRP O    O N N 324 
TRP CB   C N N 325 
TRP CG   C Y N 326 
TRP CD1  C Y N 327 
TRP CD2  C Y N 328 
TRP NE1  N Y N 329 
TRP CE2  C Y N 330 
TRP CE3  C Y N 331 
TRP CZ2  C Y N 332 
TRP CZ3  C Y N 333 
TRP CH2  C Y N 334 
TRP OXT  O N N 335 
TRP H    H N N 336 
TRP H2   H N N 337 
TRP HA   H N N 338 
TRP HB2  H N N 339 
TRP HB3  H N N 340 
TRP HD1  H N N 341 
TRP HE1  H N N 342 
TRP HE3  H N N 343 
TRP HZ2  H N N 344 
TRP HZ3  H N N 345 
TRP HH2  H N N 346 
TRP HXT  H N N 347 
TYR N    N N N 348 
TYR CA   C N S 349 
TYR C    C N N 350 
TYR O    O N N 351 
TYR CB   C N N 352 
TYR CG   C Y N 353 
TYR CD1  C Y N 354 
TYR CD2  C Y N 355 
TYR CE1  C Y N 356 
TYR CE2  C Y N 357 
TYR CZ   C Y N 358 
TYR OH   O N N 359 
TYR OXT  O N N 360 
TYR H    H N N 361 
TYR H2   H N N 362 
TYR HA   H N N 363 
TYR HB2  H N N 364 
TYR HB3  H N N 365 
TYR HD1  H N N 366 
TYR HD2  H N N 367 
TYR HE1  H N N 368 
TYR HE2  H N N 369 
TYR HH   H N N 370 
TYR HXT  H N N 371 
VAL N    N N N 372 
VAL CA   C N S 373 
VAL C    C N N 374 
VAL O    O N N 375 
VAL CB   C N N 376 
VAL CG1  C N N 377 
VAL CG2  C N N 378 
VAL OXT  O N N 379 
VAL H    H N N 380 
VAL H2   H N N 381 
VAL HA   H N N 382 
VAL HB   H N N 383 
VAL HG11 H N N 384 
VAL HG12 H N N 385 
VAL HG13 H N N 386 
VAL HG21 H N N 387 
VAL HG22 H N N 388 
VAL HG23 H N N 389 
VAL HXT  H N N 390 
# 
loop_
_chem_comp_bond.comp_id 
_chem_comp_bond.atom_id_1 
_chem_comp_bond.atom_id_2 
_chem_comp_bond.value_order 
_chem_comp_bond.pdbx_aromatic_flag 
_chem_comp_bond.pdbx_stereo_config 
_chem_comp_bond.pdbx_ordinal 
ALA N   CA   sing N N 1   
ALA N   H    sing N N 2   
ALA N   H2   sing N N 3   
ALA CA  C    sing N N 4   
ALA CA  CB   sing N N 5   
ALA CA  HA   sing N N 6   
ALA C   O    doub N N 7   
ALA C   OXT  sing N N 8   
ALA CB  HB1  sing N N 9   
ALA CB  HB2  sing N N 10  
ALA CB  HB3  sing N N 11  
ALA OXT HXT  sing N N 12  
ARG N   CA   sing N N 13  
ARG N   H    sing N N 14  
ARG N   H2   sing N N 15  
ARG CA  C    sing N N 16  
ARG CA  CB   sing N N 17  
ARG CA  HA   sing N N 18  
ARG C   O    doub N N 19  
ARG C   OXT  sing N N 20  
ARG CB  CG   sing N N 21  
ARG CB  HB2  sing N N 22  
ARG CB  HB3  sing N N 23  
ARG CG  CD   sing N N 24  
ARG CG  HG2  sing N N 25  
ARG CG  HG3  sing N N 26  
ARG CD  NE   sing N N 27  
ARG CD  HD2  sing N N 28  
ARG CD  HD3  sing N N 29  
ARG NE  CZ   sing N N 30  
ARG NE  HE   sing N N 31  
ARG CZ  NH1  sing N N 32  
ARG CZ  NH2  doub N N 33  
ARG NH1 HH11 sing N N 34  
ARG NH1 HH12 sing N N 35  
ARG NH2 HH21 sing N N 36  
ARG NH2 HH22 sing N N 37  
ARG OXT HXT  sing N N 38  
ASN N   CA   sing N N 39  
ASN N   H    sing N N 40  
ASN N   H2   sing N N 41  
ASN CA  C    sing N N 42  
ASN CA  CB   sing N N 43  
ASN CA  HA   sing N N 44  
ASN C   O    doub N N 45  
ASN C   OXT  sing N N 46  
ASN CB  CG   sing N N 47  
ASN CB  HB2  sing N N 48  
ASN CB  HB3  sing N N 49  
ASN CG  OD1  doub N N 50  
ASN CG  ND2  sing N N 51  
ASN ND2 HD21 sing N N 52  
ASN ND2 HD22 sing N N 53  
ASN OXT HXT  sing N N 54  
ASP N   CA   sing N N 55  
ASP N   H    sing N N 56  
ASP N   H2   sing N N 57  
ASP CA  C    sing N N 58  
ASP CA  CB   sing N N 59  
ASP CA  HA   sing N N 60  
ASP C   O    doub N N 61  
ASP C   OXT  sing N N 62  
ASP CB  CG   sing N N 63  
ASP CB  HB2  sing N N 64  
ASP CB  HB3  sing N N 65  
ASP CG  OD1  doub N N 66  
ASP CG  OD2  sing N N 67  
ASP OD2 HD2  sing N N 68  
ASP OXT HXT  sing N N 69  
CYS N   CA   sing N N 70  
CYS N   H    sing N N 71  
CYS N   H2   sing N N 72  
CYS CA  C    sing N N 73  
CYS CA  CB   sing N N 74  
CYS CA  HA   sing N N 75  
CYS C   O    doub N N 76  
CYS C   OXT  sing N N 77  
CYS CB  SG   sing N N 78  
CYS CB  HB2  sing N N 79  
CYS CB  HB3  sing N N 80  
CYS SG  HG   sing N N 81  
CYS OXT HXT  sing N N 82  
GLN N   CA   sing N N 83  
GLN N   H    sing N N 84  
GLN N   H2   sing N N 85  
GLN CA  C    sing N N 86  
GLN CA  CB   sing N N 87  
GLN CA  HA   sing N N 88  
GLN C   O    doub N N 89  
GLN C   OXT  sing N N 90  
GLN CB  CG   sing N N 91  
GLN CB  HB2  sing N N 92  
GLN CB  HB3  sing N N 93  
GLN CG  CD   sing N N 94  
GLN CG  HG2  sing N N 95  
GLN CG  HG3  sing N N 96  
GLN CD  OE1  doub N N 97  
GLN CD  NE2  sing N N 98  
GLN NE2 HE21 sing N N 99  
GLN NE2 HE22 sing N N 100 
GLN OXT HXT  sing N N 101 
GLU N   CA   sing N N 102 
GLU N   H    sing N N 103 
GLU N   H2   sing N N 104 
GLU CA  C    sing N N 105 
GLU CA  CB   sing N N 106 
GLU CA  HA   sing N N 107 
GLU C   O    doub N N 108 
GLU C   OXT  sing N N 109 
GLU CB  CG   sing N N 110 
GLU CB  HB2  sing N N 111 
GLU CB  HB3  sing N N 112 
GLU CG  CD   sing N N 113 
GLU CG  HG2  sing N N 114 
GLU CG  HG3  sing N N 115 
GLU CD  OE1  doub N N 116 
GLU CD  OE2  sing N N 117 
GLU OE2 HE2  sing N N 118 
GLU OXT HXT  sing N N 119 
GLY N   CA   sing N N 120 
GLY N   H    sing N N 121 
GLY N   H2   sing N N 122 
GLY CA  C    sing N N 123 
GLY CA  HA2  sing N N 124 
GLY CA  HA3  sing N N 125 
GLY C   O    doub N N 126 
GLY C   OXT  sing N N 127 
GLY OXT HXT  sing N N 128 
HIS N   CA   sing N N 129 
HIS N   H    sing N N 130 
HIS N   H2   sing N N 131 
HIS CA  C    sing N N 132 
HIS CA  CB   sing N N 133 
HIS CA  HA   sing N N 134 
HIS C   O    doub N N 135 
HIS C   OXT  sing N N 136 
HIS CB  CG   sing N N 137 
HIS CB  HB2  sing N N 138 
HIS CB  HB3  sing N N 139 
HIS CG  ND1  sing Y N 140 
HIS CG  CD2  doub Y N 141 
HIS ND1 CE1  doub Y N 142 
HIS ND1 HD1  sing N N 143 
HIS CD2 NE2  sing Y N 144 
HIS CD2 HD2  sing N N 145 
HIS CE1 NE2  sing Y N 146 
HIS CE1 HE1  sing N N 147 
HIS NE2 HE2  sing N N 148 
HIS OXT HXT  sing N N 149 
HOH O   H1   sing N N 150 
HOH O   H2   sing N N 151 
ILE N   CA   sing N N 152 
ILE N   H    sing N N 153 
ILE N   H2   sing N N 154 
ILE CA  C    sing N N 155 
ILE CA  CB   sing N N 156 
ILE CA  HA   sing N N 157 
ILE C   O    doub N N 158 
ILE C   OXT  sing N N 159 
ILE CB  CG1  sing N N 160 
ILE CB  CG2  sing N N 161 
ILE CB  HB   sing N N 162 
ILE CG1 CD1  sing N N 163 
ILE CG1 HG12 sing N N 164 
ILE CG1 HG13 sing N N 165 
ILE CG2 HG21 sing N N 166 
ILE CG2 HG22 sing N N 167 
ILE CG2 HG23 sing N N 168 
ILE CD1 HD11 sing N N 169 
ILE CD1 HD12 sing N N 170 
ILE CD1 HD13 sing N N 171 
ILE OXT HXT  sing N N 172 
LEU N   CA   sing N N 173 
LEU N   H    sing N N 174 
LEU N   H2   sing N N 175 
LEU CA  C    sing N N 176 
LEU CA  CB   sing N N 177 
LEU CA  HA   sing N N 178 
LEU C   O    doub N N 179 
LEU C   OXT  sing N N 180 
LEU CB  CG   sing N N 181 
LEU CB  HB2  sing N N 182 
LEU CB  HB3  sing N N 183 
LEU CG  CD1  sing N N 184 
LEU CG  CD2  sing N N 185 
LEU CG  HG   sing N N 186 
LEU CD1 HD11 sing N N 187 
LEU CD1 HD12 sing N N 188 
LEU CD1 HD13 sing N N 189 
LEU CD2 HD21 sing N N 190 
LEU CD2 HD22 sing N N 191 
LEU CD2 HD23 sing N N 192 
LEU OXT HXT  sing N N 193 
LYS N   CA   sing N N 194 
LYS N   H    sing N N 195 
LYS N   H2   sing N N 196 
LYS CA  C    sing N N 197 
LYS CA  CB   sing N N 198 
LYS CA  HA   sing N N 199 
LYS C   O    doub N N 200 
LYS C   OXT  sing N N 201 
LYS CB  CG   sing N N 202 
LYS CB  HB2  sing N N 203 
LYS CB  HB3  sing N N 204 
LYS CG  CD   sing N N 205 
LYS CG  HG2  sing N N 206 
LYS CG  HG3  sing N N 207 
LYS CD  CE   sing N N 208 
LYS CD  HD2  sing N N 209 
LYS CD  HD3  sing N N 210 
LYS CE  NZ   sing N N 211 
LYS CE  HE2  sing N N 212 
LYS CE  HE3  sing N N 213 
LYS NZ  HZ1  sing N N 214 
LYS NZ  HZ2  sing N N 215 
LYS NZ  HZ3  sing N N 216 
LYS OXT HXT  sing N N 217 
MET N   CA   sing N N 218 
MET N   H    sing N N 219 
MET N   H2   sing N N 220 
MET CA  C    sing N N 221 
MET CA  CB   sing N N 222 
MET CA  HA   sing N N 223 
MET C   O    doub N N 224 
MET C   OXT  sing N N 225 
MET CB  CG   sing N N 226 
MET CB  HB2  sing N N 227 
MET CB  HB3  sing N N 228 
MET CG  SD   sing N N 229 
MET CG  HG2  sing N N 230 
MET CG  HG3  sing N N 231 
MET SD  CE   sing N N 232 
MET CE  HE1  sing N N 233 
MET CE  HE2  sing N N 234 
MET CE  HE3  sing N N 235 
MET OXT HXT  sing N N 236 
PHE N   CA   sing N N 237 
PHE N   H    sing N N 238 
PHE N   H2   sing N N 239 
PHE CA  C    sing N N 240 
PHE CA  CB   sing N N 241 
PHE CA  HA   sing N N 242 
PHE C   O    doub N N 243 
PHE C   OXT  sing N N 244 
PHE CB  CG   sing N N 245 
PHE CB  HB2  sing N N 246 
PHE CB  HB3  sing N N 247 
PHE CG  CD1  doub Y N 248 
PHE CG  CD2  sing Y N 249 
PHE CD1 CE1  sing Y N 250 
PHE CD1 HD1  sing N N 251 
PHE CD2 CE2  doub Y N 252 
PHE CD2 HD2  sing N N 253 
PHE CE1 CZ   doub Y N 254 
PHE CE1 HE1  sing N N 255 
PHE CE2 CZ   sing Y N 256 
PHE CE2 HE2  sing N N 257 
PHE CZ  HZ   sing N N 258 
PHE OXT HXT  sing N N 259 
PRO N   CA   sing N N 260 
PRO N   CD   sing N N 261 
PRO N   H    sing N N 262 
PRO CA  C    sing N N 263 
PRO CA  CB   sing N N 264 
PRO CA  HA   sing N N 265 
PRO C   O    doub N N 266 
PRO C   OXT  sing N N 267 
PRO CB  CG   sing N N 268 
PRO CB  HB2  sing N N 269 
PRO CB  HB3  sing N N 270 
PRO CG  CD   sing N N 271 
PRO CG  HG2  sing N N 272 
PRO CG  HG3  sing N N 273 
PRO CD  HD2  sing N N 274 
PRO CD  HD3  sing N N 275 
PRO OXT HXT  sing N N 276 
SER N   CA   sing N N 277 
SER N   H    sing N N 278 
SER N   H2   sing N N 279 
SER CA  C    sing N N 280 
SER CA  CB   sing N N 281 
SER CA  HA   sing N N 282 
SER C   O    doub N N 283 
SER C   OXT  sing N N 284 
SER CB  OG   sing N N 285 
SER CB  HB2  sing N N 286 
SER CB  HB3  sing N N 287 
SER OG  HG   sing N N 288 
SER OXT HXT  sing N N 289 
THR N   CA   sing N N 290 
THR N   H    sing N N 291 
THR N   H2   sing N N 292 
THR CA  C    sing N N 293 
THR CA  CB   sing N N 294 
THR CA  HA   sing N N 295 
THR C   O    doub N N 296 
THR C   OXT  sing N N 297 
THR CB  OG1  sing N N 298 
THR CB  CG2  sing N N 299 
THR CB  HB   sing N N 300 
THR OG1 HG1  sing N N 301 
THR CG2 HG21 sing N N 302 
THR CG2 HG22 sing N N 303 
THR CG2 HG23 sing N N 304 
THR OXT HXT  sing N N 305 
TRP N   CA   sing N N 306 
TRP N   H    sing N N 307 
TRP N   H2   sing N N 308 
TRP CA  C    sing N N 309 
TRP CA  CB   sing N N 310 
TRP CA  HA   sing N N 311 
TRP C   O    doub N N 312 
TRP C   OXT  sing N N 313 
TRP CB  CG   sing N N 314 
TRP CB  HB2  sing N N 315 
TRP CB  HB3  sing N N 316 
TRP CG  CD1  doub Y N 317 
TRP CG  CD2  sing Y N 318 
TRP CD1 NE1  sing Y N 319 
TRP CD1 HD1  sing N N 320 
TRP CD2 CE2  doub Y N 321 
TRP CD2 CE3  sing Y N 322 
TRP NE1 CE2  sing Y N 323 
TRP NE1 HE1  sing N N 324 
TRP CE2 CZ2  sing Y N 325 
TRP CE3 CZ3  doub Y N 326 
TRP CE3 HE3  sing N N 327 
TRP CZ2 CH2  doub Y N 328 
TRP CZ2 HZ2  sing N N 329 
TRP CZ3 CH2  sing Y N 330 
TRP CZ3 HZ3  sing N N 331 
TRP CH2 HH2  sing N N 332 
TRP OXT HXT  sing N N 333 
TYR N   CA   sing N N 334 
TYR N   H    sing N N 335 
TYR N   H2   sing N N 336 
TYR CA  C    sing N N 337 
TYR CA  CB   sing N N 338 
TYR CA  HA   sing N N 339 
TYR C   O    doub N N 340 
TYR C   OXT  sing N N 341 
TYR CB  CG   sing N N 342 
TYR CB  HB2  sing N N 343 
TYR CB  HB3  sing N N 344 
TYR CG  CD1  doub Y N 345 
TYR CG  CD2  sing Y N 346 
TYR CD1 CE1  sing Y N 347 
TYR CD1 HD1  sing N N 348 
TYR CD2 CE2  doub Y N 349 
TYR CD2 HD2  sing N N 350 
TYR CE1 CZ   doub Y N 351 
TYR CE1 HE1  sing N N 352 
TYR CE2 CZ   sing Y N 353 
TYR CE2 HE2  sing N N 354 
TYR CZ  OH   sing N N 355 
TYR OH  HH   sing N N 356 
TYR OXT HXT  sing N N 357 
VAL N   CA   sing N N 358 
VAL N   H    sing N N 359 
VAL N   H2   sing N N 360 
VAL CA  C    sing N N 361 
VAL CA  CB   sing N N 362 
VAL CA  HA   sing N N 363 
VAL C   O    doub N N 364 
VAL C   OXT  sing N N 365 
VAL CB  CG1  sing N N 366 
VAL CB  CG2  sing N N 367 
VAL CB  HB   sing N N 368 
VAL CG1 HG11 sing N N 369 
VAL CG1 HG12 sing N N 370 
VAL CG1 HG13 sing N N 371 
VAL CG2 HG21 sing N N 372 
VAL CG2 HG22 sing N N 373 
VAL CG2 HG23 sing N N 374 
VAL OXT HXT  sing N N 375 
# 
_atom_sites.entry_id                    1FL0 
_atom_sites.fract_transf_matrix[1][1]   0.02594087 
_atom_sites.fract_transf_matrix[1][2]   0.00685534 
_atom_sites.fract_transf_matrix[1][3]   -0.01480535 
_atom_sites.fract_transf_matrix[2][1]   0.00865705 
_atom_sites.fract_transf_matrix[2][2]   -0.00211656 
_atom_sites.fract_transf_matrix[2][3]   0.01418822 
_atom_sites.fract_transf_matrix[3][1]   0.01373855 
_atom_sites.fract_transf_matrix[3][2]   -0.02279886 
_atom_sites.fract_transf_matrix[3][3]   -0.01178374 
_atom_sites.fract_transf_vector[1]      0.238447 
_atom_sites.fract_transf_vector[2]      0.049466 
_atom_sites.fract_transf_vector[3]      -0.152403 
# 
loop_
_atom_type.symbol 
C 
N 
O 
S 
# 
loop_
_atom_site.group_PDB 
_atom_site.id 
_atom_site.type_symbol 
_atom_site.label_atom_id 
_atom_site.label_alt_id 
_atom_site.label_comp_id 
_atom_site.label_asym_id 
_atom_site.label_entity_id 
_atom_site.label_seq_id 
_atom_site.pdbx_PDB_ins_code 
_atom_site.Cartn_x 
_atom_site.Cartn_y 
_atom_site.Cartn_z 
_atom_site.occupancy 
_atom_site.B_iso_or_equiv 
_atom_site.pdbx_formal_charge 
_atom_site.auth_seq_id 
_atom_site.auth_comp_id 
_atom_site.auth_asym_id 
_atom_site.auth_atom_id 
_atom_site.pdbx_PDB_model_num 
ATOM   1    N N   . ILE A 1 1   ? 0.600   19.109  -7.491  1.00 26.27 ? 150 ILE A N   1 
ATOM   2    C CA  . ILE A 1 1   ? 0.094   17.812  -6.953  1.00 25.28 ? 150 ILE A CA  1 
ATOM   3    C C   . ILE A 1 1   ? 1.228   16.979  -6.370  1.00 22.27 ? 150 ILE A C   1 
ATOM   4    O O   . ILE A 1 1   ? 2.098   16.508  -7.102  1.00 21.67 ? 150 ILE A O   1 
ATOM   5    C CB  . ILE A 1 1   ? -0.607  16.982  -8.058  1.00 26.91 ? 150 ILE A CB  1 
ATOM   6    C CG1 . ILE A 1 1   ? -1.928  17.650  -8.447  1.00 29.80 ? 150 ILE A CG1 1 
ATOM   7    C CG2 . ILE A 1 1   ? -0.832  15.552  -7.585  1.00 28.69 ? 150 ILE A CG2 1 
ATOM   8    C CD1 . ILE A 1 1   ? -2.737  16.873  -9.469  1.00 32.02 ? 150 ILE A CD1 1 
ATOM   9    N N   . ASP A 1 2   ? 1.226   16.807  -5.050  1.00 17.43 ? 151 ASP A N   1 
ATOM   10   C CA  . ASP A 1 2   ? 2.261   16.011  -4.409  1.00 13.89 ? 151 ASP A CA  1 
ATOM   11   C C   . ASP A 1 2   ? 1.669   14.874  -3.577  1.00 11.56 ? 151 ASP A C   1 
ATOM   12   O O   . ASP A 1 2   ? 0.445   14.698  -3.511  1.00 12.30 ? 151 ASP A O   1 
ATOM   13   C CB  . ASP A 1 2   ? 3.188   16.887  -3.548  1.00 16.25 ? 151 ASP A CB  1 
ATOM   14   C CG  . ASP A 1 2   ? 2.456   17.618  -2.443  1.00 16.24 ? 151 ASP A CG  1 
ATOM   15   O OD1 . ASP A 1 2   ? 1.644   16.985  -1.741  1.00 15.90 ? 151 ASP A OD1 1 
ATOM   16   O OD2 . ASP A 1 2   ? 2.707   18.829  -2.264  1.00 19.01 ? 151 ASP A OD2 1 
ATOM   17   N N   . VAL A 1 3   ? 2.550   14.107  -2.943  1.00 10.95 ? 152 VAL A N   1 
ATOM   18   C CA  . VAL A 1 3   ? 2.153   12.955  -2.146  1.00 10.49 ? 152 VAL A CA  1 
ATOM   19   C C   . VAL A 1 3   ? 1.173   13.238  -1.010  1.00 10.05 ? 152 VAL A C   1 
ATOM   20   O O   . VAL A 1 3   ? 0.523   12.309  -0.517  1.00 10.13 ? 152 VAL A O   1 
ATOM   21   C CB  . VAL A 1 3   ? 3.400   12.237  -1.574  1.00 11.23 ? 152 VAL A CB  1 
ATOM   22   C CG1 . VAL A 1 3   ? 4.065   13.105  -0.513  1.00 12.15 ? 152 VAL A CG1 1 
ATOM   23   C CG2 . VAL A 1 3   ? 3.012   10.879  -1.008  1.00 13.88 ? 152 VAL A CG2 1 
ATOM   24   N N   . SER A 1 4   ? 1.050   14.494  -0.589  1.00 10.79 ? 153 SER A N   1 
ATOM   25   C CA  . SER A 1 4   ? 0.126   14.815  0.498   1.00 12.19 ? 153 SER A CA  1 
ATOM   26   C C   . SER A 1 4   ? -1.322  14.496  0.124   1.00 9.62  ? 153 SER A C   1 
ATOM   27   O O   . SER A 1 4   ? -2.185  14.375  1.000   1.00 10.08 ? 153 SER A O   1 
ATOM   28   C CB  . SER A 1 4   ? 0.242   16.289  0.906   1.00 15.50 ? 153 SER A CB  1 
ATOM   29   O OG  . SER A 1 4   ? -0.239  17.155  -0.102  1.00 16.01 ? 153 SER A OG  1 
ATOM   30   N N   . ARG A 1 5   ? -1.594  14.345  -1.168  1.00 9.21  ? 154 ARG A N   1 
ATOM   31   C CA  . ARG A 1 5   ? -2.950  14.022  -1.603  1.00 8.87  ? 154 ARG A CA  1 
ATOM   32   C C   . ARG A 1 5   ? -3.328  12.590  -1.226  1.00 8.68  ? 154 ARG A C   1 
ATOM   33   O O   . ARG A 1 5   ? -4.516  12.279  -1.088  1.00 8.81  ? 154 ARG A O   1 
ATOM   34   C CB  . ARG A 1 5   ? -3.091  14.182  -3.122  1.00 11.04 ? 154 ARG A CB  1 
ATOM   35   C CG  . ARG A 1 5   ? -2.729  15.564  -3.658  1.00 12.90 ? 154 ARG A CG  1 
ATOM   36   C CD  . ARG A 1 5   ? -3.650  16.649  -3.110  1.00 15.41 ? 154 ARG A CD  1 
ATOM   37   N NE  . ARG A 1 5   ? -4.998  16.574  -3.666  1.00 19.14 ? 154 ARG A NE  1 
ATOM   38   C CZ  . ARG A 1 5   ? -5.328  16.958  -4.895  1.00 20.13 ? 154 ARG A CZ  1 
ATOM   39   N NH1 . ARG A 1 5   ? -4.404  17.452  -5.711  1.00 22.91 ? 154 ARG A NH1 1 
ATOM   40   N NH2 . ARG A 1 5   ? -6.584  16.850  -5.308  1.00 20.93 ? 154 ARG A NH2 1 
ATOM   41   N N   . LEU A 1 6   ? -2.326  11.721  -1.073  1.00 8.42  ? 155 LEU A N   1 
ATOM   42   C CA  . LEU A 1 6   ? -2.571  10.319  -0.745  1.00 8.20  ? 155 LEU A CA  1 
ATOM   43   C C   . LEU A 1 6   ? -2.739  10.062  0.739   1.00 7.98  ? 155 LEU A C   1 
ATOM   44   O O   . LEU A 1 6   ? -2.078  10.684  1.567   1.00 8.61  ? 155 LEU A O   1 
ATOM   45   C CB  . LEU A 1 6   ? -1.423  9.439   -1.257  1.00 9.09  ? 155 LEU A CB  1 
ATOM   46   C CG  . LEU A 1 6   ? -0.989  9.540   -2.722  1.00 9.98  ? 155 LEU A CG  1 
ATOM   47   C CD1 . LEU A 1 6   ? 0.075   8.491   -3.000  1.00 10.73 ? 155 LEU A CD1 1 
ATOM   48   C CD2 . LEU A 1 6   ? -2.184  9.354   -3.642  1.00 11.00 ? 155 LEU A CD2 1 
ATOM   49   N N   . ASP A 1 7   ? -3.630  9.131   1.061   1.00 7.81  ? 156 ASP A N   1 
ATOM   50   C CA  . ASP A 1 7   ? -3.871  8.738   2.439   1.00 7.85  ? 156 ASP A CA  1 
ATOM   51   C C   . ASP A 1 7   ? -3.193  7.381   2.624   1.00 7.83  ? 156 ASP A C   1 
ATOM   52   O O   . ASP A 1 7   ? -3.775  6.338   2.332   1.00 7.99  ? 156 ASP A O   1 
ATOM   53   C CB  . ASP A 1 7   ? -5.373  8.607   2.704   1.00 9.78  ? 156 ASP A CB  1 
ATOM   54   C CG  . ASP A 1 7   ? -5.702  8.538   4.187   1.00 13.96 ? 156 ASP A CG  1 
ATOM   55   O OD1 . ASP A 1 7   ? -4.857  8.062   4.971   1.00 13.61 ? 156 ASP A OD1 1 
ATOM   56   O OD2 . ASP A 1 7   ? -6.816  8.958   4.569   1.00 17.29 ? 156 ASP A OD2 1 
ATOM   57   N N   . LEU A 1 8   ? -1.946  7.406   3.083   1.00 7.50  ? 157 LEU A N   1 
ATOM   58   C CA  . LEU A 1 8   ? -1.169  6.188   3.306   1.00 7.19  ? 157 LEU A CA  1 
ATOM   59   C C   . LEU A 1 8   ? -1.182  5.844   4.793   1.00 7.43  ? 157 LEU A C   1 
ATOM   60   O O   . LEU A 1 8   ? -0.831  6.677   5.635   1.00 8.25  ? 157 LEU A O   1 
ATOM   61   C CB  . LEU A 1 8   ? 0.271   6.384   2.819   1.00 8.46  ? 157 LEU A CB  1 
ATOM   62   C CG  . LEU A 1 8   ? 0.437   6.649   1.317   1.00 9.30  ? 157 LEU A CG  1 
ATOM   63   C CD1 . LEU A 1 8   ? 1.845   7.154   1.042   1.00 11.63 ? 157 LEU A CD1 1 
ATOM   64   C CD2 . LEU A 1 8   ? 0.149   5.379   0.528   1.00 11.75 ? 157 LEU A CD2 1 
ATOM   65   N N   . ARG A 1 9   ? -1.593  4.620   5.112   1.00 7.83  ? 158 ARG A N   1 
ATOM   66   C CA  . ARG A 1 9   ? -1.668  4.178   6.498   1.00 8.07  ? 158 ARG A CA  1 
ATOM   67   C C   . ARG A 1 9   ? -1.156  2.759   6.669   1.00 7.15  ? 158 ARG A C   1 
ATOM   68   O O   . ARG A 1 9   ? -1.217  1.940   5.757   1.00 8.34  ? 158 ARG A O   1 
ATOM   69   C CB  . ARG A 1 9   ? -3.113  4.193   7.006   1.00 11.25 ? 158 ARG A CB  1 
ATOM   70   C CG  . ARG A 1 9   ? -3.917  5.447   6.734   1.00 12.20 ? 158 ARG A CG  1 
ATOM   71   C CD  . ARG A 1 9   ? -5.323  5.290   7.308   1.00 14.39 ? 158 ARG A CD  1 
ATOM   72   N NE  . ARG A 1 9   ? -6.262  6.251   6.737   1.00 15.25 ? 158 ARG A NE  1 
ATOM   73   C CZ  . ARG A 1 9   ? -7.565  6.278   7.004   1.00 16.31 ? 158 ARG A CZ  1 
ATOM   74   N NH1 . ARG A 1 9   ? -8.094  5.397   7.844   1.00 16.98 ? 158 ARG A NH1 1 
ATOM   75   N NH2 . ARG A 1 9   ? -8.343  7.181   6.420   1.00 18.58 ? 158 ARG A NH2 1 
ATOM   76   N N   . ILE A 1 10  ? -0.677  2.464   7.868   1.00 6.96  ? 159 ILE A N   1 
ATOM   77   C CA  . ILE A 1 10  ? -0.210  1.133   8.194   1.00 7.22  ? 159 ILE A CA  1 
ATOM   78   C C   . ILE A 1 10  ? -1.433  0.266   8.467   1.00 7.49  ? 159 ILE A C   1 
ATOM   79   O O   . ILE A 1 10  ? -2.423  0.717   9.058   1.00 7.71  ? 159 ILE A O   1 
ATOM   80   C CB  . ILE A 1 10  ? 0.661   1.152   9.465   1.00 7.78  ? 159 ILE A CB  1 
ATOM   81   C CG1 . ILE A 1 10  ? 1.914   1.990   9.223   1.00 9.00  ? 159 ILE A CG1 1 
ATOM   82   C CG2 . ILE A 1 10  ? 0.976   -0.269  9.908   1.00 9.92  ? 159 ILE A CG2 1 
ATOM   83   C CD1 . ILE A 1 10  ? 2.745   1.542   8.041   1.00 11.53 ? 159 ILE A CD1 1 
ATOM   84   N N   . GLY A 1 11  ? -1.360  -0.979  8.027   1.00 7.52  ? 160 GLY A N   1 
ATOM   85   C CA  . GLY A 1 11  ? -2.434  -1.916  8.275   1.00 8.08  ? 160 GLY A CA  1 
ATOM   86   C C   . GLY A 1 11  ? -1.835  -3.265  8.616   1.00 8.23  ? 160 GLY A C   1 
ATOM   87   O O   . GLY A 1 11  ? -0.644  -3.500  8.400   1.00 9.12  ? 160 GLY A O   1 
ATOM   88   N N   . CYS A 1 12  ? -2.652  -4.141  9.183   1.00 7.85  ? 161 CYS A N   1 
ATOM   89   C CA  . CYS A 1 12  ? -2.233  -5.496  9.502   1.00 8.10  ? 161 CYS A CA  1 
ATOM   90   C C   . CYS A 1 12  ? -3.225  -6.418  8.808   1.00 8.38  ? 161 CYS A C   1 
ATOM   91   O O   . CYS A 1 12  ? -4.441  -6.286  8.994   1.00 8.74  ? 161 CYS A O   1 
ATOM   92   C CB  . CYS A 1 12  ? -2.273  -5.765  11.007  1.00 10.32 ? 161 CYS A CB  1 
ATOM   93   S SG  . CYS A 1 12  ? -1.938  -7.499  11.418  1.00 15.76 ? 161 CYS A SG  1 
ATOM   94   N N   . ILE A 1 13  ? -2.717  -7.326  7.984   1.00 8.63  ? 162 ILE A N   1 
ATOM   95   C CA  . ILE A 1 13  ? -3.582  -8.276  7.304   1.00 9.26  ? 162 ILE A CA  1 
ATOM   96   C C   . ILE A 1 13  ? -3.988  -9.312  8.337   1.00 10.06 ? 162 ILE A C   1 
ATOM   97   O O   . ILE A 1 13  ? -3.172  -10.130 8.764   1.00 12.55 ? 162 ILE A O   1 
ATOM   98   C CB  . ILE A 1 13  ? -2.858  -8.970  6.139   1.00 11.47 ? 162 ILE A CB  1 
ATOM   99   C CG1 . ILE A 1 13  ? -2.550  -7.944  5.047   1.00 11.02 ? 162 ILE A CG1 1 
ATOM   100  C CG2 . ILE A 1 13  ? -3.725  -10.088 5.575   1.00 11.88 ? 162 ILE A CG2 1 
ATOM   101  C CD1 . ILE A 1 13  ? -1.744  -8.482  3.885   1.00 11.53 ? 162 ILE A CD1 1 
ATOM   102  N N   . ILE A 1 14  ? -5.245  -9.257  8.756   1.00 9.86  ? 163 ILE A N   1 
ATOM   103  C CA  . ILE A 1 14  ? -5.753  -10.189 9.751   1.00 12.40 ? 163 ILE A CA  1 
ATOM   104  C C   . ILE A 1 14  ? -5.921  -11.560 9.112   1.00 14.75 ? 163 ILE A C   1 
ATOM   105  O O   . ILE A 1 14  ? -5.365  -12.550 9.594   1.00 18.77 ? 163 ILE A O   1 
ATOM   106  C CB  . ILE A 1 14  ? -7.115  -9.723  10.296  1.00 11.98 ? 163 ILE A CB  1 
ATOM   107  C CG1 . ILE A 1 14  ? -7.003  -8.294  10.825  1.00 13.78 ? 163 ILE A CG1 1 
ATOM   108  C CG2 . ILE A 1 14  ? -7.585  -10.671 11.392  1.00 14.14 ? 163 ILE A CG2 1 
ATOM   109  C CD1 . ILE A 1 14  ? -8.334  -7.675  11.189  1.00 16.68 ? 163 ILE A CD1 1 
ATOM   110  N N   . THR A 1 15  ? -6.683  -11.601 8.021   1.00 14.74 ? 164 THR A N   1 
ATOM   111  C CA  . THR A 1 15  ? -6.940  -12.842 7.296   1.00 14.13 ? 164 THR A CA  1 
ATOM   112  C C   . THR A 1 15  ? -6.702  -12.651 5.804   1.00 10.87 ? 164 THR A C   1 
ATOM   113  O O   . THR A 1 15  ? -6.896  -11.563 5.269   1.00 10.08 ? 164 THR A O   1 
ATOM   114  C CB  . THR A 1 15  ? -8.401  -13.315 7.468   1.00 18.01 ? 164 THR A CB  1 
ATOM   115  O OG1 . THR A 1 15  ? -9.276  -12.430 6.756   1.00 20.42 ? 164 THR A OG1 1 
ATOM   116  C CG2 . THR A 1 15  ? -8.789  -13.337 8.933   1.00 20.44 ? 164 THR A CG2 1 
ATOM   117  N N   . ALA A 1 16  ? -6.282  -13.721 5.141   1.00 10.42 ? 165 ALA A N   1 
ATOM   118  C CA  . ALA A 1 16  ? -6.053  -13.693 3.707   1.00 9.13  ? 165 ALA A CA  1 
ATOM   119  C C   . ALA A 1 16  ? -6.424  -15.051 3.148   1.00 9.45  ? 165 ALA A C   1 
ATOM   120  O O   . ALA A 1 16  ? -6.114  -16.084 3.746   1.00 9.93  ? 165 ALA A O   1 
ATOM   121  C CB  . ALA A 1 16  ? -4.597  -13.390 3.401   1.00 9.85  ? 165 ALA A CB  1 
ATOM   122  N N   . ARG A 1 17  ? -7.099  -15.043 2.007   1.00 8.05  ? 166 ARG A N   1 
ATOM   123  C CA  . ARG A 1 17  ? -7.494  -16.281 1.359   1.00 9.06  ? 166 ARG A CA  1 
ATOM   124  C C   . ARG A 1 17  ? -7.612  -16.037 -0.140  1.00 7.93  ? 166 ARG A C   1 
ATOM   125  O O   . ARG A 1 17  ? -7.626  -14.890 -0.593  1.00 8.39  ? 166 ARG A O   1 
ATOM   126  C CB  . ARG A 1 17  ? -8.839  -16.766 1.902   1.00 11.05 ? 166 ARG A CB  1 
ATOM   127  C CG  . ARG A 1 17  ? -9.994  -15.827 1.602   1.00 12.43 ? 166 ARG A CG  1 
ATOM   128  C CD  . ARG A 1 17  ? -11.326 -16.388 2.074   1.00 19.29 ? 166 ARG A CD  1 
ATOM   129  N NE  . ARG A 1 17  ? -12.411 -15.432 1.869   1.00 23.73 ? 166 ARG A NE  1 
ATOM   130  C CZ  . ARG A 1 17  ? -13.702 -15.739 1.931   1.00 27.36 ? 166 ARG A CZ  1 
ATOM   131  N NH1 . ARG A 1 17  ? -14.078 -16.984 2.190   1.00 30.22 ? 166 ARG A NH1 1 
ATOM   132  N NH2 . ARG A 1 17  ? -14.618 -14.801 1.736   1.00 29.18 ? 166 ARG A NH2 1 
ATOM   133  N N   . LYS A 1 18  ? -7.659  -17.119 -0.908  1.00 9.28  ? 167 LYS A N   1 
ATOM   134  C CA  . LYS A 1 18  ? -7.842  -17.011 -2.344  1.00 8.96  ? 167 LYS A CA  1 
ATOM   135  C C   . LYS A 1 18  ? -9.229  -16.420 -2.559  1.00 9.16  ? 167 LYS A C   1 
ATOM   136  O O   . LYS A 1 18  ? -10.172 -16.768 -1.850  1.00 10.61 ? 167 LYS A O   1 
ATOM   137  C CB  . LYS A 1 18  ? -7.807  -18.392 -2.995  1.00 12.79 ? 167 LYS A CB  1 
ATOM   138  C CG  . LYS A 1 18  ? -6.429  -18.992 -3.178  1.00 15.41 ? 167 LYS A CG  1 
ATOM   139  C CD  . LYS A 1 18  ? -5.662  -18.259 -4.264  1.00 16.96 ? 167 LYS A CD  1 
ATOM   140  C CE  . LYS A 1 18  ? -4.448  -19.053 -4.704  1.00 20.20 ? 167 LYS A CE  1 
ATOM   141  N NZ  . LYS A 1 18  ? -4.840  -20.375 -5.270  1.00 21.06 ? 167 LYS A NZ  1 
ATOM   142  N N   . HIS A 1 19  ? -9.353  -15.526 -3.528  1.00 8.75  ? 168 HIS A N   1 
ATOM   143  C CA  . HIS A 1 19  ? -10.651 -14.948 -3.829  1.00 10.30 ? 168 HIS A CA  1 
ATOM   144  C C   . HIS A 1 19  ? -11.515 -16.114 -4.318  1.00 11.21 ? 168 HIS A C   1 
ATOM   145  O O   . HIS A 1 19  ? -11.145 -16.810 -5.264  1.00 10.52 ? 168 HIS A O   1 
ATOM   146  C CB  . HIS A 1 19  ? -10.490 -13.894 -4.918  1.00 12.51 ? 168 HIS A CB  1 
ATOM   147  C CG  . HIS A 1 19  ? -11.762 -13.196 -5.273  1.00 14.24 ? 168 HIS A CG  1 
ATOM   148  N ND1 . HIS A 1 19  ? -11.805 -11.864 -5.613  1.00 16.98 ? 168 HIS A ND1 1 
ATOM   149  C CD2 . HIS A 1 19  ? -13.034 -13.653 -5.354  1.00 14.45 ? 168 HIS A CD2 1 
ATOM   150  C CE1 . HIS A 1 19  ? -13.054 -11.527 -5.888  1.00 15.63 ? 168 HIS A CE1 1 
ATOM   151  N NE2 . HIS A 1 19  ? -13.817 -12.593 -5.738  1.00 18.80 ? 168 HIS A NE2 1 
ATOM   152  N N   . PRO A 1 20  ? -12.669 -16.348 -3.668  1.00 12.30 ? 169 PRO A N   1 
ATOM   153  C CA  . PRO A 1 20  ? -13.593 -17.434 -4.017  1.00 14.20 ? 169 PRO A CA  1 
ATOM   154  C C   . PRO A 1 20  ? -14.039 -17.497 -5.474  1.00 13.48 ? 169 PRO A C   1 
ATOM   155  O O   . PRO A 1 20  ? -14.402 -18.566 -5.967  1.00 14.08 ? 169 PRO A O   1 
ATOM   156  C CB  . PRO A 1 20  ? -14.767 -17.203 -3.070  1.00 18.53 ? 169 PRO A CB  1 
ATOM   157  C CG  . PRO A 1 20  ? -14.106 -16.619 -1.861  1.00 19.54 ? 169 PRO A CG  1 
ATOM   158  C CD  . PRO A 1 20  ? -13.157 -15.619 -2.483  1.00 17.35 ? 169 PRO A CD  1 
ATOM   159  N N   . ASP A 1 21  ? -14.019 -16.364 -6.167  1.00 12.90 ? 170 ASP A N   1 
ATOM   160  C CA  . ASP A 1 21  ? -14.446 -16.345 -7.559  1.00 13.14 ? 170 ASP A CA  1 
ATOM   161  C C   . ASP A 1 21  ? -13.418 -15.726 -8.504  1.00 13.42 ? 170 ASP A C   1 
ATOM   162  O O   . ASP A 1 21  ? -13.770 -15.214 -9.568  1.00 15.40 ? 170 ASP A O   1 
ATOM   163  C CB  . ASP A 1 21  ? -15.783 -15.609 -7.680  1.00 15.82 ? 170 ASP A CB  1 
ATOM   164  C CG  . ASP A 1 21  ? -16.441 -15.823 -9.025  1.00 16.99 ? 170 ASP A CG  1 
ATOM   165  O OD1 . ASP A 1 21  ? -16.457 -16.980 -9.495  1.00 17.15 ? 170 ASP A OD1 1 
ATOM   166  O OD2 . ASP A 1 21  ? -16.949 -14.840 -9.607  1.00 21.35 ? 170 ASP A OD2 1 
ATOM   167  N N   . ALA A 1 22  ? -12.149 -15.782 -8.113  1.00 12.26 ? 171 ALA A N   1 
ATOM   168  C CA  . ALA A 1 22  ? -11.055 -15.242 -8.917  1.00 12.77 ? 171 ALA A CA  1 
ATOM   169  C C   . ALA A 1 22  ? -9.765  -15.797 -8.323  1.00 12.33 ? 171 ALA A C   1 
ATOM   170  O O   . ALA A 1 22  ? -9.082  -15.127 -7.546  1.00 11.84 ? 171 ALA A O   1 
ATOM   171  C CB  . ALA A 1 22  ? -11.057 -13.718 -8.851  1.00 13.91 ? 171 ALA A CB  1 
ATOM   172  N N   . ASP A 1 23  ? -9.432  -17.024 -8.702  1.00 13.14 ? 172 ASP A N   1 
ATOM   173  C CA  . ASP A 1 23  ? -8.255  -17.695 -8.164  1.00 13.30 ? 172 ASP A CA  1 
ATOM   174  C C   . ASP A 1 23  ? -6.904  -17.024 -8.386  1.00 13.19 ? 172 ASP A C   1 
ATOM   175  O O   . ASP A 1 23  ? -5.899  -17.461 -7.823  1.00 14.31 ? 172 ASP A O   1 
ATOM   176  C CB  . ASP A 1 23  ? -8.199  -19.136 -8.673  1.00 14.35 ? 172 ASP A CB  1 
ATOM   177  C CG  . ASP A 1 23  ? -7.336  -20.019 -7.798  1.00 13.54 ? 172 ASP A CG  1 
ATOM   178  O OD1 . ASP A 1 23  ? -7.593  -20.066 -6.576  1.00 14.36 ? 172 ASP A OD1 1 
ATOM   179  O OD2 . ASP A 1 23  ? -6.404  -20.661 -8.327  1.00 14.98 ? 172 ASP A OD2 1 
ATOM   180  N N   . SER A 1 24  ? -6.864  -15.969 -9.194  1.00 14.79 ? 173 SER A N   1 
ATOM   181  C CA  . SER A 1 24  ? -5.610  -15.263 -9.440  1.00 15.50 ? 173 SER A CA  1 
ATOM   182  C C   . SER A 1 24  ? -5.447  -14.099 -8.463  1.00 14.69 ? 173 SER A C   1 
ATOM   183  O O   . SER A 1 24  ? -4.455  -13.370 -8.507  1.00 16.18 ? 173 SER A O   1 
ATOM   184  C CB  . SER A 1 24  ? -5.570  -14.736 -10.877 1.00 20.92 ? 173 SER A CB  1 
ATOM   185  O OG  . SER A 1 24  ? -6.597  -13.785 -11.101 1.00 23.52 ? 173 SER A OG  1 
ATOM   186  N N   . LEU A 1 25  ? -6.421  -13.937 -7.575  1.00 11.62 ? 174 LEU A N   1 
ATOM   187  C CA  . LEU A 1 25  ? -6.395  -12.853 -6.601  1.00 9.95  ? 174 LEU A CA  1 
ATOM   188  C C   . LEU A 1 25  ? -6.597  -13.345 -5.179  1.00 9.04  ? 174 LEU A C   1 
ATOM   189  O O   . LEU A 1 25  ? -7.121  -14.437 -4.956  1.00 9.07  ? 174 LEU A O   1 
ATOM   190  C CB  . LEU A 1 25  ? -7.511  -11.849 -6.904  1.00 12.16 ? 174 LEU A CB  1 
ATOM   191  C CG  . LEU A 1 25  ? -7.664  -11.304 -8.322  1.00 13.16 ? 174 LEU A CG  1 
ATOM   192  C CD1 . LEU A 1 25  ? -8.935  -10.467 -8.415  1.00 13.60 ? 174 LEU A CD1 1 
ATOM   193  C CD2 . LEU A 1 25  ? -6.441  -10.485 -8.684  1.00 14.93 ? 174 LEU A CD2 1 
ATOM   194  N N   . TYR A 1 26  ? -6.163  -12.528 -4.224  1.00 8.84  ? 175 TYR A N   1 
ATOM   195  C CA  . TYR A 1 26  ? -6.370  -12.812 -2.811  1.00 8.27  ? 175 TYR A CA  1 
ATOM   196  C C   . TYR A 1 26  ? -7.394  -11.799 -2.324  1.00 8.52  ? 175 TYR A C   1 
ATOM   197  O O   . TYR A 1 26  ? -7.541  -10.719 -2.904  1.00 9.06  ? 175 TYR A O   1 
ATOM   198  C CB  . TYR A 1 26  ? -5.123  -12.553 -1.958  1.00 8.89  ? 175 TYR A CB  1 
ATOM   199  C CG  . TYR A 1 26  ? -4.000  -13.546 -2.060  1.00 7.98  ? 175 TYR A CG  1 
ATOM   200  C CD1 . TYR A 1 26  ? -4.232  -14.919 -1.989  1.00 9.55  ? 175 TYR A CD1 1 
ATOM   201  C CD2 . TYR A 1 26  ? -2.687  -13.104 -2.178  1.00 9.26  ? 175 TYR A CD2 1 
ATOM   202  C CE1 . TYR A 1 26  ? -3.175  -15.826 -2.034  1.00 10.01 ? 175 TYR A CE1 1 
ATOM   203  C CE2 . TYR A 1 26  ? -1.628  -14.000 -2.220  1.00 8.53  ? 175 TYR A CE2 1 
ATOM   204  C CZ  . TYR A 1 26  ? -1.878  -15.361 -2.149  1.00 9.30  ? 175 TYR A CZ  1 
ATOM   205  O OH  . TYR A 1 26  ? -0.845  -16.274 -2.189  1.00 11.25 ? 175 TYR A OH  1 
ATOM   206  N N   . VAL A 1 27  ? -8.098  -12.162 -1.263  1.00 8.75  ? 176 VAL A N   1 
ATOM   207  C CA  . VAL A 1 27  ? -9.014  -11.244 -0.613  1.00 10.07 ? 176 VAL A CA  1 
ATOM   208  C C   . VAL A 1 27  ? -8.464  -11.194 0.805   1.00 9.36  ? 176 VAL A C   1 
ATOM   209  O O   . VAL A 1 27  ? -8.278  -12.236 1.442   1.00 11.22 ? 176 VAL A O   1 
ATOM   210  C CB  . VAL A 1 27  ? -10.464 -11.753 -0.565  1.00 12.98 ? 176 VAL A CB  1 
ATOM   211  C CG1 . VAL A 1 27  ? -11.299 -10.832 0.324   1.00 16.35 ? 176 VAL A CG1 1 
ATOM   212  C CG2 . VAL A 1 27  ? -11.051 -11.791 -1.965  1.00 16.12 ? 176 VAL A CG2 1 
ATOM   213  N N   . GLU A 1 28  ? -8.172  -9.989  1.282   1.00 8.66  ? 177 GLU A N   1 
ATOM   214  C CA  . GLU A 1 28  ? -7.644  -9.804  2.625   1.00 9.27  ? 177 GLU A CA  1 
ATOM   215  C C   . GLU A 1 28  ? -8.577  -8.933  3.442   1.00 8.61  ? 177 GLU A C   1 
ATOM   216  O O   . GLU A 1 28  ? -9.282  -8.086  2.908   1.00 9.99  ? 177 GLU A O   1 
ATOM   217  C CB  . GLU A 1 28  ? -6.279  -9.098  2.602   1.00 10.90 ? 177 GLU A CB  1 
ATOM   218  C CG  . GLU A 1 28  ? -5.187  -9.765  1.794   1.00 13.04 ? 177 GLU A CG  1 
ATOM   219  C CD  . GLU A 1 28  ? -4.978  -9.103  0.450   1.00 11.42 ? 177 GLU A CD  1 
ATOM   220  O OE1 . GLU A 1 28  ? -4.824  -7.861  0.409   1.00 10.83 ? 177 GLU A OE1 1 
ATOM   221  O OE2 . GLU A 1 28  ? -4.967  -9.826  -0.565  1.00 16.99 ? 177 GLU A OE2 1 
ATOM   222  N N   . GLU A 1 29  ? -8.564  -9.154  4.748   1.00 9.08  ? 178 GLU A N   1 
ATOM   223  C CA  . GLU A 1 29  ? -9.332  -8.339  5.673   1.00 9.26  ? 178 GLU A CA  1 
ATOM   224  C C   . GLU A 1 29  ? -8.198  -7.671  6.441   1.00 8.20  ? 178 GLU A C   1 
ATOM   225  O O   . GLU A 1 29  ? -7.349  -8.339  7.032   1.00 9.27  ? 178 GLU A O   1 
ATOM   226  C CB  . GLU A 1 29  ? -10.221 -9.248  6.504   1.00 11.88 ? 178 GLU A CB  1 
ATOM   227  C CG  . GLU A 1 29  ? -11.051 -10.097 5.548   1.00 24.13 ? 178 GLU A CG  1 
ATOM   228  C CD  . GLU A 1 29  ? -12.042 -11.000 6.215   1.00 31.39 ? 178 GLU A CD  1 
ATOM   229  O OE1 . GLU A 1 29  ? -11.635 -11.788 7.089   1.00 36.12 ? 178 GLU A OE1 1 
ATOM   230  O OE2 . GLU A 1 29  ? -13.231 -10.936 5.843   1.00 36.55 ? 178 GLU A OE2 1 
ATOM   231  N N   . VAL A 1 30  ? -8.171  -6.346  6.385   1.00 8.56  ? 179 VAL A N   1 
ATOM   232  C CA  . VAL A 1 30  ? -7.078  -5.584  6.961   1.00 7.63  ? 179 VAL A CA  1 
ATOM   233  C C   . VAL A 1 30  ? -7.483  -4.582  8.031   1.00 7.84  ? 179 VAL A C   1 
ATOM   234  O O   . VAL A 1 30  ? -8.382  -3.766  7.834   1.00 8.46  ? 179 VAL A O   1 
ATOM   235  C CB  . VAL A 1 30  ? -6.338  -4.829  5.821   1.00 8.82  ? 179 VAL A CB  1 
ATOM   236  C CG1 . VAL A 1 30  ? -5.043  -4.222  6.334   1.00 10.79 ? 179 VAL A CG1 1 
ATOM   237  C CG2 . VAL A 1 30  ? -6.090  -5.777  4.652   1.00 8.89  ? 179 VAL A CG2 1 
ATOM   238  N N   . ASP A 1 31  ? -6.808  -4.658  9.170   1.00 8.60  ? 180 ASP A N   1 
ATOM   239  C CA  . ASP A 1 31  ? -7.043  -3.725  10.254  1.00 8.93  ? 180 ASP A CA  1 
ATOM   240  C C   . ASP A 1 31  ? -6.218  -2.488  9.912   1.00 8.48  ? 180 ASP A C   1 
ATOM   241  O O   . ASP A 1 31  ? -4.981  -2.546  9.839   1.00 8.72  ? 180 ASP A O   1 
ATOM   242  C CB  . ASP A 1 31  ? -6.562  -4.323  11.575  1.00 11.81 ? 180 ASP A CB  1 
ATOM   243  C CG  . ASP A 1 31  ? -6.664  -3.349  12.740  1.00 12.19 ? 180 ASP A CG  1 
ATOM   244  O OD1 . ASP A 1 31  ? -7.179  -2.229  12.550  1.00 12.59 ? 180 ASP A OD1 1 
ATOM   245  O OD2 . ASP A 1 31  ? -6.226  -3.716  13.851  1.00 14.29 ? 180 ASP A OD2 1 
ATOM   246  N N   . VAL A 1 32  ? -6.906  -1.379  9.663   1.00 9.02  ? 181 VAL A N   1 
ATOM   247  C CA  . VAL A 1 32  ? -6.242  -0.127  9.334   1.00 10.58 ? 181 VAL A CA  1 
ATOM   248  C C   . VAL A 1 32  ? -6.513  0.927   10.412  1.00 11.08 ? 181 VAL A C   1 
ATOM   249  O O   . VAL A 1 32  ? -6.417  2.131   10.169  1.00 12.78 ? 181 VAL A O   1 
ATOM   250  C CB  . VAL A 1 32  ? -6.694  0.393   7.945   1.00 13.59 ? 181 VAL A CB  1 
ATOM   251  C CG1 . VAL A 1 32  ? -8.160  0.785   7.984   1.00 15.08 ? 181 VAL A CG1 1 
ATOM   252  C CG2 . VAL A 1 32  ? -5.818  1.559   7.513   1.00 17.06 ? 181 VAL A CG2 1 
ATOM   253  N N   . GLY A 1 33  ? -6.855  0.463   11.610  1.00 10.68 ? 182 GLY A N   1 
ATOM   254  C CA  . GLY A 1 33  ? -7.104  1.382   12.707  1.00 12.07 ? 182 GLY A CA  1 
ATOM   255  C C   . GLY A 1 33  ? -8.510  1.939   12.780  1.00 13.08 ? 182 GLY A C   1 
ATOM   256  O O   . GLY A 1 33  ? -8.771  2.860   13.556  1.00 13.80 ? 182 GLY A O   1 
ATOM   257  N N   . GLU A 1 34  ? -9.413  1.398   11.973  1.00 12.20 ? 183 GLU A N   1 
ATOM   258  C CA  . GLU A 1 34  ? -10.801 1.842   11.977  1.00 11.77 ? 183 GLU A CA  1 
ATOM   259  C C   . GLU A 1 34  ? -11.617 0.845   12.792  1.00 11.78 ? 183 GLU A C   1 
ATOM   260  O O   . GLU A 1 34  ? -11.093 -0.181  13.231  1.00 13.08 ? 183 GLU A O   1 
ATOM   261  C CB  . GLU A 1 34  ? -11.318 1.961   10.537  1.00 11.12 ? 183 GLU A CB  1 
ATOM   262  C CG  . GLU A 1 34  ? -10.515 2.980   9.732   1.00 13.89 ? 183 GLU A CG  1 
ATOM   263  C CD  . GLU A 1 34  ? -10.967 3.122   8.292   1.00 12.81 ? 183 GLU A CD  1 
ATOM   264  O OE1 . GLU A 1 34  ? -11.448 2.130   7.706   1.00 13.86 ? 183 GLU A OE1 1 
ATOM   265  O OE2 . GLU A 1 34  ? -10.815 4.228   7.733   1.00 13.74 ? 183 GLU A OE2 1 
ATOM   266  N N   . ILE A 1 35  ? -12.891 1.147   13.013  1.00 13.77 ? 184 ILE A N   1 
ATOM   267  C CA  . ILE A 1 35  ? -13.739 0.262   13.802  1.00 15.32 ? 184 ILE A CA  1 
ATOM   268  C C   . ILE A 1 35  ? -13.812 -1.140  13.211  1.00 14.87 ? 184 ILE A C   1 
ATOM   269  O O   . ILE A 1 35  ? -13.717 -2.134  13.932  1.00 16.09 ? 184 ILE A O   1 
ATOM   270  C CB  . ILE A 1 35  ? -15.160 0.840   13.942  1.00 16.51 ? 184 ILE A CB  1 
ATOM   271  C CG1 . ILE A 1 35  ? -15.091 2.183   14.675  1.00 20.84 ? 184 ILE A CG1 1 
ATOM   272  C CG2 . ILE A 1 35  ? -16.052 -0.133  14.701  1.00 17.52 ? 184 ILE A CG2 1 
ATOM   273  C CD1 . ILE A 1 35  ? -16.425 2.862   14.858  1.00 25.35 ? 184 ILE A CD1 1 
ATOM   274  N N   . ALA A 1 36  ? -13.974 -1.218  11.899  1.00 12.43 ? 185 ALA A N   1 
ATOM   275  C CA  . ALA A 1 36  ? -14.050 -2.504  11.227  1.00 11.93 ? 185 ALA A CA  1 
ATOM   276  C C   . ALA A 1 36  ? -12.903 -2.653  10.236  1.00 10.64 ? 185 ALA A C   1 
ATOM   277  O O   . ALA A 1 36  ? -12.351 -1.662  9.751   1.00 10.54 ? 185 ALA A O   1 
ATOM   278  C CB  . ALA A 1 36  ? -15.383 -2.631  10.502  1.00 18.44 ? 185 ALA A CB  1 
ATOM   279  N N   . PRO A 1 37  ? -12.511 -3.899  9.940   1.00 10.02 ? 186 PRO A N   1 
ATOM   280  C CA  . PRO A 1 37  ? -11.421 -4.127  8.988   1.00 9.50  ? 186 PRO A CA  1 
ATOM   281  C C   . PRO A 1 37  ? -11.884 -3.734  7.589   1.00 9.51  ? 186 PRO A C   1 
ATOM   282  O O   . PRO A 1 37  ? -13.089 -3.685  7.318   1.00 11.12 ? 186 PRO A O   1 
ATOM   283  C CB  . PRO A 1 37  ? -11.183 -5.635  9.087   1.00 11.21 ? 186 PRO A CB  1 
ATOM   284  C CG  . PRO A 1 37  ? -11.654 -5.978  10.476  1.00 12.45 ? 186 PRO A CG  1 
ATOM   285  C CD  . PRO A 1 37  ? -12.902 -5.154  10.605  1.00 11.99 ? 186 PRO A CD  1 
ATOM   286  N N   . ARG A 1 38  ? -10.935 -3.438  6.710   1.00 9.13  ? 187 ARG A N   1 
ATOM   287  C CA  . ARG A 1 38  ? -11.257 -3.123  5.329   1.00 9.04  ? 187 ARG A CA  1 
ATOM   288  C C   . ARG A 1 38  ? -10.967 -4.349  4.476   1.00 8.48  ? 187 ARG A C   1 
ATOM   289  O O   . ARG A 1 38  ? -9.972  -5.046  4.688   1.00 9.64  ? 187 ARG A O   1 
ATOM   290  C CB  . ARG A 1 38  ? -10.393 -1.986  4.802   1.00 9.93  ? 187 ARG A CB  1 
ATOM   291  C CG  . ARG A 1 38  ? -10.756 -0.625  5.319   1.00 10.26 ? 187 ARG A CG  1 
ATOM   292  C CD  . ARG A 1 38  ? -10.151 0.446   4.429   1.00 10.33 ? 187 ARG A CD  1 
ATOM   293  N NE  . ARG A 1 38  ? -10.364 1.784   4.965   1.00 10.28 ? 187 ARG A NE  1 
ATOM   294  C CZ  . ARG A 1 38  ? -10.209 2.902   4.263   1.00 10.06 ? 187 ARG A CZ  1 
ATOM   295  N NH1 . ARG A 1 38  ? -9.848  2.848   2.988   1.00 10.80 ? 187 ARG A NH1 1 
ATOM   296  N NH2 . ARG A 1 38  ? -10.393 4.078   4.846   1.00 12.20 ? 187 ARG A NH2 1 
ATOM   297  N N   . THR A 1 39  ? -11.839 -4.608  3.514   1.00 8.85  ? 188 THR A N   1 
ATOM   298  C CA  . THR A 1 39  ? -11.646 -5.721  2.600   1.00 9.50  ? 188 THR A CA  1 
ATOM   299  C C   . THR A 1 39  ? -10.745 -5.187  1.500   1.00 8.42  ? 188 THR A C   1 
ATOM   300  O O   . THR A 1 39  ? -10.959 -4.086  1.000   1.00 9.85  ? 188 THR A O   1 
ATOM   301  C CB  . THR A 1 39  ? -12.977 -6.179  1.977   1.00 13.47 ? 188 THR A CB  1 
ATOM   302  O OG1 . THR A 1 39  ? -13.878 -6.573  3.018   1.00 17.41 ? 188 THR A OG1 1 
ATOM   303  C CG2 . THR A 1 39  ? -12.749 -7.353  1.029   1.00 15.50 ? 188 THR A CG2 1 
ATOM   304  N N   . VAL A 1 40  ? -9.734  -5.966  1.138   1.00 8.19  ? 189 VAL A N   1 
ATOM   305  C CA  . VAL A 1 40  ? -8.782  -5.576  0.101   1.00 8.81  ? 189 VAL A CA  1 
ATOM   306  C C   . VAL A 1 40  ? -8.574  -6.759  -0.843  1.00 8.15  ? 189 VAL A C   1 
ATOM   307  O O   . VAL A 1 40  ? -8.415  -7.897  -0.396  1.00 9.49  ? 189 VAL A O   1 
ATOM   308  C CB  . VAL A 1 40  ? -7.420  -5.194  0.729   1.00 9.10  ? 189 VAL A CB  1 
ATOM   309  C CG1 . VAL A 1 40  ? -6.423  -4.822  -0.355  1.00 9.79  ? 189 VAL A CG1 1 
ATOM   310  C CG2 . VAL A 1 40  ? -7.607  -4.042  1.708   1.00 10.46 ? 189 VAL A CG2 1 
ATOM   311  N N   . VAL A 1 41  ? -8.601  -6.498  -2.144  1.00 9.07  ? 190 VAL A N   1 
ATOM   312  C CA  . VAL A 1 41  ? -8.396  -7.545  -3.139  1.00 8.99  ? 190 VAL A CA  1 
ATOM   313  C C   . VAL A 1 41  ? -7.056  -7.252  -3.803  1.00 9.65  ? 190 VAL A C   1 
ATOM   314  O O   . VAL A 1 41  ? -6.862  -6.180  -4.374  1.00 10.28 ? 190 VAL A O   1 
ATOM   315  C CB  . VAL A 1 41  ? -9.534  -7.546  -4.180  1.00 10.66 ? 190 VAL A CB  1 
ATOM   316  C CG1 . VAL A 1 41  ? -9.252  -8.565  -5.261  1.00 12.91 ? 190 VAL A CG1 1 
ATOM   317  C CG2 . VAL A 1 41  ? -10.855 -7.859  -3.496  1.00 13.46 ? 190 VAL A CG2 1 
ATOM   318  N N   . SER A 1 42  ? -6.137  -8.212  -3.731  1.00 9.23  ? 191 SER A N   1 
ATOM   319  C CA  . SER A 1 42  ? -4.792  -8.024  -4.255  1.00 9.17  ? 191 SER A CA  1 
ATOM   320  C C   . SER A 1 42  ? -4.321  -9.117  -5.198  1.00 8.21  ? 191 SER A C   1 
ATOM   321  O O   . SER A 1 42  ? -4.454  -10.300 -4.902  1.00 9.61  ? 191 SER A O   1 
ATOM   322  C CB  . SER A 1 42  ? -3.807  -7.948  -3.090  1.00 9.50  ? 191 SER A CB  1 
ATOM   323  O OG  . SER A 1 42  ? -4.228  -7.024  -2.101  1.00 10.09 ? 191 SER A OG  1 
ATOM   324  N N   . GLY A 1 43  ? -3.736  -8.710  -6.321  1.00 9.91  ? 192 GLY A N   1 
ATOM   325  C CA  . GLY A 1 43  ? -3.227  -9.675  -7.284  1.00 11.03 ? 192 GLY A CA  1 
ATOM   326  C C   . GLY A 1 43  ? -1.804  -10.054 -6.924  1.00 10.34 ? 192 GLY A C   1 
ATOM   327  O O   . GLY A 1 43  ? -0.855  -9.699  -7.625  1.00 12.63 ? 192 GLY A O   1 
ATOM   328  N N   . LEU A 1 44  ? -1.653  -10.787 -5.826  1.00 9.48  ? 193 LEU A N   1 
ATOM   329  C CA  . LEU A 1 44  ? -0.335  -11.187 -5.344  1.00 10.09 ? 193 LEU A CA  1 
ATOM   330  C C   . LEU A 1 44  ? -0.131  -12.694 -5.282  1.00 10.21 ? 193 LEU A C   1 
ATOM   331  O O   . LEU A 1 44  ? 0.886   -13.161 -4.772  1.00 10.76 ? 193 LEU A O   1 
ATOM   332  C CB  . LEU A 1 44  ? -0.100  -10.602 -3.949  1.00 10.90 ? 193 LEU A CB  1 
ATOM   333  C CG  . LEU A 1 44  ? -0.044  -9.078  -3.868  1.00 11.51 ? 193 LEU A CG  1 
ATOM   334  C CD1 . LEU A 1 44  ? -0.124  -8.623  -2.421  1.00 12.73 ? 193 LEU A CD1 1 
ATOM   335  C CD2 . LEU A 1 44  ? 1.239   -8.583  -4.517  1.00 14.27 ? 193 LEU A CD2 1 
ATOM   336  N N   . VAL A 1 45  ? -1.089  -13.451 -5.806  1.00 10.57 ? 194 VAL A N   1 
ATOM   337  C CA  . VAL A 1 45  ? -1.007  -14.909 -5.788  1.00 11.07 ? 194 VAL A CA  1 
ATOM   338  C C   . VAL A 1 45  ? 0.279   -15.468 -6.401  1.00 10.19 ? 194 VAL A C   1 
ATOM   339  O O   . VAL A 1 45  ? 0.824   -16.455 -5.914  1.00 11.18 ? 194 VAL A O   1 
ATOM   340  C CB  . VAL A 1 45  ? -2.219  -15.533 -6.522  1.00 12.01 ? 194 VAL A CB  1 
ATOM   341  C CG1 . VAL A 1 45  ? -2.060  -17.051 -6.614  1.00 15.50 ? 194 VAL A CG1 1 
ATOM   342  C CG2 . VAL A 1 45  ? -3.506  -15.182 -5.794  1.00 13.83 ? 194 VAL A CG2 1 
ATOM   343  N N   . ASN A 1 46  ? 0.767   -14.847 -7.466  1.00 10.52 ? 195 ASN A N   1 
ATOM   344  C CA  . ASN A 1 46  ? 1.975   -15.342 -8.116  1.00 11.97 ? 195 ASN A CA  1 
ATOM   345  C C   . ASN A 1 46  ? 3.245   -14.671 -7.610  1.00 11.68 ? 195 ASN A C   1 
ATOM   346  O O   . ASN A 1 46  ? 4.301   -14.776 -8.239  1.00 12.95 ? 195 ASN A O   1 
ATOM   347  C CB  . ASN A 1 46  ? 1.856   -15.160 -9.633  1.00 16.09 ? 195 ASN A CB  1 
ATOM   348  C CG  . ASN A 1 46  ? 0.638   -15.858 -10.203 1.00 16.38 ? 195 ASN A CG  1 
ATOM   349  O OD1 . ASN A 1 46  ? 0.412   -17.041 -9.950  1.00 19.63 ? 195 ASN A OD1 1 
ATOM   350  N ND2 . ASN A 1 46  ? -0.153  -15.128 -10.979 1.00 20.50 ? 195 ASN A ND2 1 
ATOM   351  N N   . HIS A 1 47  ? 3.153   -14.010 -6.459  1.00 10.93 ? 196 HIS A N   1 
ATOM   352  C CA  . HIS A 1 47  ? 4.302   -13.304 -5.907  1.00 12.38 ? 196 HIS A CA  1 
ATOM   353  C C   . HIS A 1 47  ? 4.547   -13.539 -4.422  1.00 10.74 ? 196 HIS A C   1 
ATOM   354  O O   . HIS A 1 47  ? 5.679   -13.415 -3.948  1.00 13.12 ? 196 HIS A O   1 
ATOM   355  C CB  . HIS A 1 47  ? 4.136   -11.804 -6.159  1.00 15.43 ? 196 HIS A CB  1 
ATOM   356  C CG  . HIS A 1 47  ? 3.911   -11.457 -7.597  1.00 17.68 ? 196 HIS A CG  1 
ATOM   357  N ND1 . HIS A 1 47  ? 4.909   -11.532 -8.545  1.00 21.42 ? 196 HIS A ND1 1 
ATOM   358  C CD2 . HIS A 1 47  ? 2.794   -11.067 -8.256  1.00 20.41 ? 196 HIS A CD2 1 
ATOM   359  C CE1 . HIS A 1 47  ? 4.416   -11.203 -9.726  1.00 21.00 ? 196 HIS A CE1 1 
ATOM   360  N NE2 . HIS A 1 47  ? 3.136   -10.917 -9.579  1.00 21.96 ? 196 HIS A NE2 1 
ATOM   361  N N   . VAL A 1 48  ? 3.490   -13.867 -3.690  1.00 10.47 ? 197 VAL A N   1 
ATOM   362  C CA  . VAL A 1 48  ? 3.588   -14.097 -2.256  1.00 10.61 ? 197 VAL A CA  1 
ATOM   363  C C   . VAL A 1 48  ? 2.755   -15.312 -1.869  1.00 10.31 ? 197 VAL A C   1 
ATOM   364  O O   . VAL A 1 48  ? 1.570   -15.384 -2.193  1.00 12.28 ? 197 VAL A O   1 
ATOM   365  C CB  . VAL A 1 48  ? 3.053   -12.880 -1.463  1.00 13.28 ? 197 VAL A CB  1 
ATOM   366  C CG1 . VAL A 1 48  ? 3.204   -13.119 0.027   1.00 13.97 ? 197 VAL A CG1 1 
ATOM   367  C CG2 . VAL A 1 48  ? 3.789   -11.618 -1.880  1.00 15.61 ? 197 VAL A CG2 1 
ATOM   368  N N   . PRO A 1 49  ? 3.363   -16.298 -1.192  1.00 11.69 ? 198 PRO A N   1 
ATOM   369  C CA  . PRO A 1 49  ? 2.577   -17.470 -0.805  1.00 12.81 ? 198 PRO A CA  1 
ATOM   370  C C   . PRO A 1 49  ? 1.558   -17.057 0.254   1.00 11.06 ? 198 PRO A C   1 
ATOM   371  O O   . PRO A 1 49  ? 1.811   -16.157 1.057   1.00 11.43 ? 198 PRO A O   1 
ATOM   372  C CB  . PRO A 1 49  ? 3.632   -18.433 -0.269  1.00 16.14 ? 198 PRO A CB  1 
ATOM   373  C CG  . PRO A 1 49  ? 4.648   -17.510 0.318   1.00 18.38 ? 198 PRO A CG  1 
ATOM   374  C CD  . PRO A 1 49  ? 4.755   -16.417 -0.727  1.00 15.26 ? 198 PRO A CD  1 
ATOM   375  N N   . LEU A 1 50  ? 0.409   -17.717 0.249   1.00 12.04 ? 199 LEU A N   1 
ATOM   376  C CA  . LEU A 1 50  ? -0.656  -17.397 1.188   1.00 12.53 ? 199 LEU A CA  1 
ATOM   377  C C   . LEU A 1 50  ? -0.191  -17.371 2.641   1.00 11.84 ? 199 LEU A C   1 
ATOM   378  O O   . LEU A 1 50  ? -0.603  -16.508 3.415   1.00 11.96 ? 199 LEU A O   1 
ATOM   379  C CB  . LEU A 1 50  ? -1.808  -18.389 1.017   1.00 15.42 ? 199 LEU A CB  1 
ATOM   380  C CG  . LEU A 1 50  ? -3.086  -18.121 1.815   1.00 16.28 ? 199 LEU A CG  1 
ATOM   381  C CD1 . LEU A 1 50  ? -3.608  -16.724 1.510   1.00 16.97 ? 199 LEU A CD1 1 
ATOM   382  C CD2 . LEU A 1 50  ? -4.128  -19.169 1.461   1.00 17.51 ? 199 LEU A CD2 1 
ATOM   383  N N   . GLU A 1 51  ? 0.670   -18.312 3.009   1.00 13.25 ? 200 GLU A N   1 
ATOM   384  C CA  . GLU A 1 51  ? 1.182   -18.384 4.369   1.00 15.53 ? 200 GLU A CA  1 
ATOM   385  C C   . GLU A 1 51  ? 1.842   -17.076 4.810   1.00 14.61 ? 200 GLU A C   1 
ATOM   386  O O   . GLU A 1 51  ? 1.701   -16.658 5.962   1.00 15.33 ? 200 GLU A O   1 
ATOM   387  C CB  . GLU A 1 51  ? 2.168   -19.553 4.468   1.00 24.40 ? 200 GLU A CB  1 
ATOM   388  C CG  . GLU A 1 51  ? 3.374   -19.327 5.360   1.00 36.36 ? 200 GLU A CG  1 
ATOM   389  C CD  . GLU A 1 51  ? 4.671   -19.338 4.574   1.00 43.16 ? 200 GLU A CD  1 
ATOM   390  O OE1 . GLU A 1 51  ? 4.828   -20.216 3.700   1.00 48.54 ? 200 GLU A OE1 1 
ATOM   391  O OE2 . GLU A 1 51  ? 5.538   -18.478 4.835   1.00 48.41 ? 200 GLU A OE2 1 
ATOM   392  N N   . GLN A 1 52  ? 2.547   -16.426 3.888   1.00 13.34 ? 201 GLN A N   1 
ATOM   393  C CA  . GLN A 1 52  ? 3.234   -15.179 4.197   1.00 14.14 ? 201 GLN A CA  1 
ATOM   394  C C   . GLN A 1 52  ? 2.338   -13.946 4.164   1.00 12.36 ? 201 GLN A C   1 
ATOM   395  O O   . GLN A 1 52  ? 2.799   -12.833 4.413   1.00 11.82 ? 201 GLN A O   1 
ATOM   396  C CB  . GLN A 1 52  ? 4.429   -14.995 3.257   1.00 15.84 ? 201 GLN A CB  1 
ATOM   397  C CG  . GLN A 1 52  ? 5.561   -15.968 3.552   1.00 18.85 ? 201 GLN A CG  1 
ATOM   398  C CD  . GLN A 1 52  ? 6.680   -15.912 2.536   1.00 21.60 ? 201 GLN A CD  1 
ATOM   399  O OE1 . GLN A 1 52  ? 7.206   -14.842 2.233   1.00 24.09 ? 201 GLN A OE1 1 
ATOM   400  N NE2 . GLN A 1 52  ? 7.059   -17.072 2.009   1.00 24.26 ? 201 GLN A NE2 1 
ATOM   401  N N   . MET A 1 53  ? 1.061   -14.145 3.857   1.00 12.19 ? 202 MET A N   1 
ATOM   402  C CA  . MET A 1 53  ? 0.111   -13.036 3.827   1.00 11.78 ? 202 MET A CA  1 
ATOM   403  C C   . MET A 1 53  ? -0.551  -12.883 5.197   1.00 10.39 ? 202 MET A C   1 
ATOM   404  O O   . MET A 1 53  ? -1.046  -11.808 5.537   1.00 11.53 ? 202 MET A O   1 
ATOM   405  C CB  . MET A 1 53  ? -0.992  -13.285 2.787   1.00 11.27 ? 202 MET A CB  1 
ATOM   406  C CG  . MET A 1 53  ? -0.556  -13.248 1.326   1.00 11.08 ? 202 MET A CG  1 
ATOM   407  S SD  . MET A 1 53  ? -0.074  -11.613 0.745   1.00 12.83 ? 202 MET A SD  1 
ATOM   408  C CE  . MET A 1 53  ? -1.686  -10.796 0.682   1.00 15.39 ? 202 MET A CE  1 
ATOM   409  N N   . GLN A 1 54  ? -0.552  -13.955 5.989   1.00 11.56 ? 203 GLN A N   1 
ATOM   410  C CA  . GLN A 1 54  ? -1.201  -13.949 7.301   1.00 10.88 ? 203 GLN A CA  1 
ATOM   411  C C   . GLN A 1 54  ? -0.549  -13.078 8.379   1.00 10.89 ? 203 GLN A C   1 
ATOM   412  O O   . GLN A 1 54  ? 0.658   -13.165 8.619   1.00 11.73 ? 203 GLN A O   1 
ATOM   413  C CB  . GLN A 1 54  ? -1.315  -15.381 7.839   1.00 12.74 ? 203 GLN A CB  1 
ATOM   414  C CG  . GLN A 1 54  ? -1.838  -16.423 6.854   1.00 12.18 ? 203 GLN A CG  1 
ATOM   415  C CD  . GLN A 1 54  ? -3.199  -16.092 6.264   1.00 11.23 ? 203 GLN A CD  1 
ATOM   416  O OE1 . GLN A 1 54  ? -3.999  -15.377 6.865   1.00 12.48 ? 203 GLN A OE1 1 
ATOM   417  N NE2 . GLN A 1 54  ? -3.474  -16.638 5.084   1.00 14.02 ? 203 GLN A NE2 1 
ATOM   418  N N   . ASN A 1 55  ? -1.370  -12.251 9.027   1.00 10.72 ? 204 ASN A N   1 
ATOM   419  C CA  . ASN A 1 55  ? -0.932  -11.371 10.110  1.00 13.06 ? 204 ASN A CA  1 
ATOM   420  C C   . ASN A 1 55  ? 0.291   -10.553 9.725   1.00 12.89 ? 204 ASN A C   1 
ATOM   421  O O   . ASN A 1 55  ? 1.208   -10.361 10.523  1.00 17.45 ? 204 ASN A O   1 
ATOM   422  C CB  . ASN A 1 55  ? -0.647  -12.205 11.364  1.00 17.41 ? 204 ASN A CB  1 
ATOM   423  C CG  . ASN A 1 55  ? -0.310  -11.352 12.570  1.00 20.48 ? 204 ASN A CG  1 
ATOM   424  O OD1 . ASN A 1 55  ? -1.044  -10.427 12.920  1.00 22.92 ? 204 ASN A OD1 1 
ATOM   425  N ND2 . ASN A 1 55  ? 0.805   -11.668 13.218  1.00 24.91 ? 204 ASN A ND2 1 
ATOM   426  N N   . ARG A 1 56  ? 0.287   -10.057 8.496   1.00 13.30 ? 205 ARG A N   1 
ATOM   427  C CA  . ARG A 1 56  ? 1.400   -9.275  7.986   1.00 12.86 ? 205 ARG A CA  1 
ATOM   428  C C   . ARG A 1 56  ? 1.137   -7.774  7.994   1.00 10.39 ? 205 ARG A C   1 
ATOM   429  O O   . ARG A 1 56  ? 0.061   -7.327  7.600   1.00 10.47 ? 205 ARG A O   1 
ATOM   430  C CB  . ARG A 1 56  ? 1.700   -9.722  6.570   1.00 15.09 ? 205 ARG A CB  1 
ATOM   431  C CG  . ARG A 1 56  ? 2.856   -9.011  5.926   1.00 16.40 ? 205 ARG A CG  1 
ATOM   432  C CD  . ARG A 1 56  ? 3.125   -9.645  4.596   1.00 18.98 ? 205 ARG A CD  1 
ATOM   433  N NE  . ARG A 1 56  ? 4.367   -9.190  3.992   1.00 16.92 ? 205 ARG A NE  1 
ATOM   434  C CZ  . ARG A 1 56  ? 5.053   -9.910  3.114   1.00 14.40 ? 205 ARG A CZ  1 
ATOM   435  N NH1 . ARG A 1 56  ? 4.609   -11.107 2.758   1.00 15.53 ? 205 ARG A NH1 1 
ATOM   436  N NH2 . ARG A 1 56  ? 6.172   -9.438  2.587   1.00 15.89 ? 205 ARG A NH2 1 
ATOM   437  N N   . MET A 1 57  ? 2.125   -7.001  8.440   1.00 11.49 ? 206 MET A N   1 
ATOM   438  C CA  . MET A 1 57  ? 2.008   -5.545  8.474   1.00 10.70 ? 206 MET A CA  1 
ATOM   439  C C   . MET A 1 57  ? 2.308   -5.005  7.076   1.00 10.68 ? 206 MET A C   1 
ATOM   440  O O   . MET A 1 57  ? 3.286   -5.412  6.441   1.00 13.48 ? 206 MET A O   1 
ATOM   441  C CB  . MET A 1 57  ? 2.995   -4.944  9.481   1.00 13.34 ? 206 MET A CB  1 
ATOM   442  C CG  . MET A 1 57  ? 2.838   -5.449  10.912  1.00 15.37 ? 206 MET A CG  1 
ATOM   443  S SD  . MET A 1 57  ? 1.180   -5.236  11.583  1.00 17.88 ? 206 MET A SD  1 
ATOM   444  C CE  . MET A 1 57  ? 0.967   -3.475  11.463  1.00 15.60 ? 206 MET A CE  1 
ATOM   445  N N   . VAL A 1 58  ? 1.474   -4.083  6.608   1.00 7.75  ? 207 VAL A N   1 
ATOM   446  C CA  . VAL A 1 58  ? 1.635   -3.513  5.279   1.00 7.70  ? 207 VAL A CA  1 
ATOM   447  C C   . VAL A 1 58  ? 1.317   -2.028  5.300   1.00 7.24  ? 207 VAL A C   1 
ATOM   448  O O   . VAL A 1 58  ? 0.918   -1.476  6.328   1.00 7.85  ? 207 VAL A O   1 
ATOM   449  C CB  . VAL A 1 58  ? 0.668   -4.196  4.280   1.00 11.11 ? 207 VAL A CB  1 
ATOM   450  C CG1 . VAL A 1 58  ? 0.961   -5.686  4.198   1.00 13.02 ? 207 VAL A CG1 1 
ATOM   451  C CG2 . VAL A 1 58  ? -0.777  -3.972  4.722   1.00 12.51 ? 207 VAL A CG2 1 
ATOM   452  N N   . ILE A 1 59  ? 1.529   -1.385  4.157   1.00 7.73  ? 208 ILE A N   1 
ATOM   453  C CA  . ILE A 1 59  ? 1.194   0.022   3.999   1.00 7.39  ? 208 ILE A CA  1 
ATOM   454  C C   . ILE A 1 59  ? 0.075   0.036   2.959   1.00 8.23  ? 208 ILE A C   1 
ATOM   455  O O   . ILE A 1 59  ? 0.203   -0.574  1.890   1.00 9.04  ? 208 ILE A O   1 
ATOM   456  C CB  . ILE A 1 59  ? 2.381   0.869   3.482   1.00 9.19  ? 208 ILE A CB  1 
ATOM   457  C CG1 . ILE A 1 59  ? 3.531   0.841   4.490   1.00 9.72  ? 208 ILE A CG1 1 
ATOM   458  C CG2 . ILE A 1 59  ? 1.928   2.309   3.259   1.00 11.77 ? 208 ILE A CG2 1 
ATOM   459  C CD1 . ILE A 1 59  ? 4.638   -0.129  4.146   1.00 13.71 ? 208 ILE A CD1 1 
ATOM   460  N N   . LEU A 1 60  ? -1.025  0.712   3.273   1.00 8.56  ? 209 LEU A N   1 
ATOM   461  C CA  . LEU A 1 60  ? -2.157  0.771   2.358   1.00 8.99  ? 209 LEU A CA  1 
ATOM   462  C C   . LEU A 1 60  ? -2.498  2.171   1.891   1.00 7.25  ? 209 LEU A C   1 
ATOM   463  O O   . LEU A 1 60  ? -2.367  3.126   2.648   1.00 7.89  ? 209 LEU A O   1 
ATOM   464  C CB  . LEU A 1 60  ? -3.409  0.220   3.040   1.00 15.69 ? 209 LEU A CB  1 
ATOM   465  C CG  . LEU A 1 60  ? -3.467  -1.204  3.590   1.00 18.75 ? 209 LEU A CG  1 
ATOM   466  C CD1 . LEU A 1 60  ? -4.658  -1.337  4.529   1.00 21.20 ? 209 LEU A CD1 1 
ATOM   467  C CD2 . LEU A 1 60  ? -3.586  -2.183  2.445   1.00 19.88 ? 209 LEU A CD2 1 
ATOM   468  N N   . LEU A 1 61  ? -2.921  2.282   0.637   1.00 7.46  ? 210 LEU A N   1 
ATOM   469  C CA  . LEU A 1 61  ? -3.402  3.553   0.113   1.00 7.12  ? 210 LEU A CA  1 
ATOM   470  C C   . LEU A 1 61  ? -4.883  3.427   0.471   1.00 7.39  ? 210 LEU A C   1 
ATOM   471  O O   . LEU A 1 61  ? -5.559  2.495   0.021   1.00 8.39  ? 210 LEU A O   1 
ATOM   472  C CB  . LEU A 1 61  ? -3.211  3.646   -1.400  1.00 8.36  ? 210 LEU A CB  1 
ATOM   473  C CG  . LEU A 1 61  ? -3.834  4.889   -2.057  1.00 8.96  ? 210 LEU A CG  1 
ATOM   474  C CD1 . LEU A 1 61  ? -3.338  6.173   -1.378  1.00 11.56 ? 210 LEU A CD1 1 
ATOM   475  C CD2 . LEU A 1 61  ? -3.497  4.894   -3.540  1.00 11.00 ? 210 LEU A CD2 1 
ATOM   476  N N   . CYS A 1 62  ? -5.380  4.367   1.273   1.00 8.56  ? 211 CYS A N   1 
ATOM   477  C CA  . CYS A 1 62  ? -6.748  4.298   1.773   1.00 10.26 ? 211 CYS A CA  1 
ATOM   478  C C   . CYS A 1 62  ? -7.804  5.248   1.223   1.00 11.17 ? 211 CYS A C   1 
ATOM   479  O O   . CYS A 1 62  ? -8.972  5.146   1.605   1.00 13.48 ? 211 CYS A O   1 
ATOM   480  C CB  . CYS A 1 62  ? -6.720  4.436   3.295   1.00 11.03 ? 211 CYS A CB  1 
ATOM   481  S SG  . CYS A 1 62  ? -5.755  3.166   4.131   1.00 12.96 ? 211 CYS A SG  1 
ATOM   482  N N   . ASN A 1 63  ? -7.432  6.163   0.336   1.00 9.27  ? 212 ASN A N   1 
ATOM   483  C CA  . ASN A 1 63  ? -8.430  7.085   -0.177  1.00 10.48 ? 212 ASN A CA  1 
ATOM   484  C C   . ASN A 1 63  ? -8.755  6.949   -1.658  1.00 11.69 ? 212 ASN A C   1 
ATOM   485  O O   . ASN A 1 63  ? -9.206  7.897   -2.295  1.00 10.80 ? 212 ASN A O   1 
ATOM   486  C CB  . ASN A 1 63  ? -8.067  8.532   0.198   1.00 9.56  ? 212 ASN A CB  1 
ATOM   487  C CG  . ASN A 1 63  ? -6.733  8.985   -0.356  1.00 8.52  ? 212 ASN A CG  1 
ATOM   488  O OD1 . ASN A 1 63  ? -5.853  8.176   -0.675  1.00 8.31  ? 212 ASN A OD1 1 
ATOM   489  N ND2 . ASN A 1 63  ? -6.562  10.298  -0.449  1.00 8.01  ? 212 ASN A ND2 1 
ATOM   490  N N   . LEU A 1 64  ? -8.533  5.759   -2.208  1.00 13.32 ? 213 LEU A N   1 
ATOM   491  C CA  . LEU A 1 64  ? -8.882  5.495   -3.602  1.00 15.10 ? 213 LEU A CA  1 
ATOM   492  C C   . LEU A 1 64  ? -10.374 5.179   -3.566  1.00 16.10 ? 213 LEU A C   1 
ATOM   493  O O   . LEU A 1 64  ? -10.885 4.726   -2.544  1.00 16.02 ? 213 LEU A O   1 
ATOM   494  C CB  . LEU A 1 64  ? -8.123  4.276   -4.137  1.00 21.97 ? 213 LEU A CB  1 
ATOM   495  C CG  . LEU A 1 64  ? -6.718  4.447   -4.718  1.00 23.81 ? 213 LEU A CG  1 
ATOM   496  C CD1 . LEU A 1 64  ? -6.119  3.076   -4.998  1.00 25.68 ? 213 LEU A CD1 1 
ATOM   497  C CD2 . LEU A 1 64  ? -6.782  5.273   -5.995  1.00 25.67 ? 213 LEU A CD2 1 
ATOM   498  N N   . LYS A 1 65  ? -11.081 5.419   -4.665  1.00 15.85 ? 214 LYS A N   1 
ATOM   499  C CA  . LYS A 1 65  ? -12.507 5.120   -4.697  1.00 17.86 ? 214 LYS A CA  1 
ATOM   500  C C   . LYS A 1 65  ? -12.681 3.602   -4.692  1.00 17.09 ? 214 LYS A C   1 
ATOM   501  O O   . LYS A 1 65  ? -12.137 2.907   -5.549  1.00 17.19 ? 214 LYS A O   1 
ATOM   502  C CB  . LYS A 1 65  ? -13.145 5.714   -5.955  1.00 24.09 ? 214 LYS A CB  1 
ATOM   503  C CG  . LYS A 1 65  ? -14.663 5.664   -5.956  1.00 29.93 ? 214 LYS A CG  1 
ATOM   504  C CD  . LYS A 1 65  ? -15.236 6.270   -7.226  1.00 34.95 ? 214 LYS A CD  1 
ATOM   505  C CE  . LYS A 1 65  ? -16.741 6.439   -7.119  1.00 38.41 ? 214 LYS A CE  1 
ATOM   506  N NZ  . LYS A 1 65  ? -17.111 7.370   -6.015  1.00 40.41 ? 214 LYS A NZ  1 
ATOM   507  N N   . PRO A 1 66  ? -13.426 3.063   -3.713  1.00 13.41 ? 215 PRO A N   1 
ATOM   508  C CA  . PRO A 1 66  ? -13.642 1.614   -3.638  1.00 14.76 ? 215 PRO A CA  1 
ATOM   509  C C   . PRO A 1 66  ? -14.225 1.063   -4.938  1.00 15.80 ? 215 PRO A C   1 
ATOM   510  O O   . PRO A 1 66  ? -15.069 1.704   -5.565  1.00 15.03 ? 215 PRO A O   1 
ATOM   511  C CB  . PRO A 1 66  ? -14.609 1.472   -2.467  1.00 20.91 ? 215 PRO A CB  1 
ATOM   512  C CG  . PRO A 1 66  ? -14.220 2.611   -1.579  1.00 21.17 ? 215 PRO A CG  1 
ATOM   513  C CD  . PRO A 1 66  ? -14.049 3.744   -2.564  1.00 21.49 ? 215 PRO A CD  1 
ATOM   514  N N   . ALA A 1 67  ? -13.772 -0.122  -5.335  1.00 20.75 ? 216 ALA A N   1 
ATOM   515  C CA  . ALA A 1 67  ? -14.252 -0.748  -6.563  1.00 23.12 ? 216 ALA A CA  1 
ATOM   516  C C   . ALA A 1 67  ? -14.357 -2.261  -6.406  1.00 25.55 ? 216 ALA A C   1 
ATOM   517  O O   . ALA A 1 67  ? -13.538 -2.883  -5.729  1.00 24.62 ? 216 ALA A O   1 
ATOM   518  C CB  . ALA A 1 67  ? -13.320 -0.406  -7.717  1.00 25.34 ? 216 ALA A CB  1 
ATOM   519  N N   . LYS A 1 68  ? -15.366 -2.850  -7.042  1.00 28.97 ? 217 LYS A N   1 
ATOM   520  C CA  . LYS A 1 68  ? -15.571 -4.293  -6.964  1.00 32.85 ? 217 LYS A CA  1 
ATOM   521  C C   . LYS A 1 68  ? -14.588 -5.057  -7.844  1.00 35.34 ? 217 LYS A C   1 
ATOM   522  O O   . LYS A 1 68  ? -14.116 -4.549  -8.861  1.00 36.03 ? 217 LYS A O   1 
ATOM   523  C CB  . LYS A 1 68  ? -17.005 -4.647  -7.362  1.00 35.42 ? 217 LYS A CB  1 
ATOM   524  C CG  . LYS A 1 68  ? -18.051 -4.115  -6.403  1.00 35.74 ? 217 LYS A CG  1 
ATOM   525  C CD  . LYS A 1 68  ? -19.446 -4.565  -6.798  1.00 37.07 ? 217 LYS A CD  1 
ATOM   526  C CE  . LYS A 1 68  ? -20.486 -4.035  -5.827  1.00 37.75 ? 217 LYS A CE  1 
ATOM   527  N NZ  . LYS A 1 68  ? -21.860 -4.483  -6.187  1.00 39.34 ? 217 LYS A NZ  1 
ATOM   528  N N   . MET A 1 69  ? -14.286 -6.285  -7.434  1.00 40.67 ? 218 MET A N   1 
ATOM   529  C CA  . MET A 1 69  ? -13.357 -7.145  -8.155  1.00 42.89 ? 218 MET A CA  1 
ATOM   530  C C   . MET A 1 69  ? -13.874 -8.580  -8.094  1.00 43.44 ? 218 MET A C   1 
ATOM   531  O O   . MET A 1 69  ? -13.224 -9.447  -7.520  1.00 43.48 ? 218 MET A O   1 
ATOM   532  C CB  . MET A 1 69  ? -11.972 -7.069  -7.505  1.00 45.16 ? 218 MET A CB  1 
ATOM   533  C CG  . MET A 1 69  ? -11.517 -5.652  -7.178  1.00 48.23 ? 218 MET A CG  1 
ATOM   534  S SD  . MET A 1 69  ? -10.129 -5.079  -8.172  1.00 51.19 ? 218 MET A SD  1 
ATOM   535  C CE  . MET A 1 69  ? -8.843  -4.979  -6.929  1.00 50.95 ? 218 MET A CE  1 
ATOM   536  N N   . ARG A 1 70  ? -15.042 -8.809  -8.692  1.00 43.27 ? 219 ARG A N   1 
ATOM   537  C CA  . ARG A 1 70  ? -15.710 -10.116 -8.715  1.00 43.76 ? 219 ARG A CA  1 
ATOM   538  C C   . ARG A 1 70  ? -16.660 -10.265 -7.533  1.00 42.04 ? 219 ARG A C   1 
ATOM   539  O O   . ARG A 1 70  ? -16.568 -11.223 -6.764  1.00 43.18 ? 219 ARG A O   1 
ATOM   540  C CB  . ARG A 1 70  ? -14.710 -11.278 -8.692  1.00 47.13 ? 219 ARG A CB  1 
ATOM   541  C CG  . ARG A 1 70  ? -14.090 -11.628 -10.031 1.00 49.44 ? 219 ARG A CG  1 
ATOM   542  C CD  . ARG A 1 70  ? -12.873 -10.785 -10.339 1.00 51.55 ? 219 ARG A CD  1 
ATOM   543  N NE  . ARG A 1 70  ? -12.238 -11.216 -11.581 1.00 53.86 ? 219 ARG A NE  1 
ATOM   544  C CZ  . ARG A 1 70  ? -11.078 -10.750 -12.029 1.00 54.91 ? 219 ARG A CZ  1 
ATOM   545  N NH1 . ARG A 1 70  ? -10.415 -9.834  -11.336 1.00 56.04 ? 219 ARG A NH1 1 
ATOM   546  N NH2 . ARG A 1 70  ? -10.581 -11.198 -13.175 1.00 56.01 ? 219 ARG A NH2 1 
ATOM   547  N N   . GLY A 1 71  ? -17.573 -9.311  -7.396  1.00 39.05 ? 220 GLY A N   1 
ATOM   548  C CA  . GLY A 1 71  ? -18.523 -9.358  -6.302  1.00 34.45 ? 220 GLY A CA  1 
ATOM   549  C C   . GLY A 1 71  ? -17.872 -8.976  -4.991  1.00 31.17 ? 220 GLY A C   1 
ATOM   550  O O   . GLY A 1 71  ? -18.503 -9.032  -3.935  1.00 31.75 ? 220 GLY A O   1 
ATOM   551  N N   . VAL A 1 72  ? -16.602 -8.587  -5.055  1.00 22.93 ? 221 VAL A N   1 
ATOM   552  C CA  . VAL A 1 72  ? -15.870 -8.192  -3.860  1.00 18.76 ? 221 VAL A CA  1 
ATOM   553  C C   . VAL A 1 72  ? -15.367 -6.756  -3.964  1.00 15.69 ? 221 VAL A C   1 
ATOM   554  O O   . VAL A 1 72  ? -14.504 -6.437  -4.781  1.00 14.14 ? 221 VAL A O   1 
ATOM   555  C CB  . VAL A 1 72  ? -14.673 -9.128  -3.596  1.00 20.30 ? 221 VAL A CB  1 
ATOM   556  C CG1 . VAL A 1 72  ? -13.965 -8.713  -2.318  1.00 19.75 ? 221 VAL A CG1 1 
ATOM   557  C CG2 . VAL A 1 72  ? -15.157 -10.566 -3.486  1.00 19.68 ? 221 VAL A CG2 1 
ATOM   558  N N   . LEU A 1 73  ? -15.930 -5.893  -3.128  1.00 19.16 ? 222 LEU A N   1 
ATOM   559  C CA  . LEU A 1 73  ? -15.558 -4.486  -3.109  1.00 17.17 ? 222 LEU A CA  1 
ATOM   560  C C   . LEU A 1 73  ? -14.219 -4.310  -2.396  1.00 15.66 ? 222 LEU A C   1 
ATOM   561  O O   . LEU A 1 73  ? -14.092 -4.622  -1.214  1.00 16.62 ? 222 LEU A O   1 
ATOM   562  C CB  . LEU A 1 73  ? -16.641 -3.681  -2.387  1.00 20.43 ? 222 LEU A CB  1 
ATOM   563  C CG  . LEU A 1 73  ? -16.524 -2.156  -2.372  1.00 21.09 ? 222 LEU A CG  1 
ATOM   564  C CD1 . LEU A 1 73  ? -16.646 -1.615  -3.789  1.00 22.57 ? 222 LEU A CD1 1 
ATOM   565  C CD2 . LEU A 1 73  ? -17.616 -1.577  -1.487  1.00 24.19 ? 222 LEU A CD2 1 
ATOM   566  N N   . SER A 1 74  ? -13.222 -3.820  -3.125  1.00 13.40 ? 223 SER A N   1 
ATOM   567  C CA  . SER A 1 74  ? -11.898 -3.596  -2.553  1.00 11.76 ? 223 SER A CA  1 
ATOM   568  C C   . SER A 1 74  ? -11.887 -2.175  -1.996  1.00 10.98 ? 223 SER A C   1 
ATOM   569  O O   . SER A 1 74  ? -12.196 -1.223  -2.713  1.00 13.18 ? 223 SER A O   1 
ATOM   570  C CB  . SER A 1 74  ? -10.826 -3.761  -3.625  1.00 14.14 ? 223 SER A CB  1 
ATOM   571  O OG  . SER A 1 74  ? -9.544  -3.797  -3.032  1.00 11.44 ? 223 SER A OG  1 
ATOM   572  N N   . GLN A 1 75  ? -11.515 -2.036  -0.725  1.00 9.19  ? 224 GLN A N   1 
ATOM   573  C CA  . GLN A 1 75  ? -11.548 -0.740  -0.054  1.00 9.45  ? 224 GLN A CA  1 
ATOM   574  C C   . GLN A 1 75  ? -10.210 -0.045  0.181   1.00 9.26  ? 224 GLN A C   1 
ATOM   575  O O   . GLN A 1 75  ? -10.168 1.040   0.765   1.00 9.99  ? 224 GLN A O   1 
ATOM   576  C CB  . GLN A 1 75  ? -12.292 -0.898  1.272   1.00 12.37 ? 224 GLN A CB  1 
ATOM   577  C CG  . GLN A 1 75  ? -13.680 -1.508  1.099   1.00 14.53 ? 224 GLN A CG  1 
ATOM   578  C CD  . GLN A 1 75  ? -14.369 -1.818  2.413   1.00 15.56 ? 224 GLN A CD  1 
ATOM   579  O OE1 . GLN A 1 75  ? -13.900 -2.640  3.199   1.00 15.74 ? 224 GLN A OE1 1 
ATOM   580  N NE2 . GLN A 1 75  ? -15.496 -1.158  2.656   1.00 19.18 ? 224 GLN A NE2 1 
ATOM   581  N N   . ALA A 1 76  ? -9.118  -0.665  -0.255  1.00 9.00  ? 225 ALA A N   1 
ATOM   582  C CA  . ALA A 1 76  ? -7.785  -0.085  -0.111  1.00 8.58  ? 225 ALA A CA  1 
ATOM   583  C C   . ALA A 1 76  ? -6.849  -0.859  -1.020  1.00 7.84  ? 225 ALA A C   1 
ATOM   584  O O   . ALA A 1 76  ? -7.260  -1.840  -1.643  1.00 8.99  ? 225 ALA A O   1 
ATOM   585  C CB  . ALA A 1 76  ? -7.307  -0.172  1.338   1.00 8.90  ? 225 ALA A CB  1 
ATOM   586  N N   . MET A 1 77  ? -5.598  -0.425  -1.098  1.00 8.44  ? 226 MET A N   1 
ATOM   587  C CA  . MET A 1 77  ? -4.621  -1.090  -1.943  1.00 8.77  ? 226 MET A CA  1 
ATOM   588  C C   . MET A 1 77  ? -3.293  -1.227  -1.203  1.00 7.14  ? 226 MET A C   1 
ATOM   589  O O   . MET A 1 77  ? -2.798  -0.260  -0.618  1.00 8.21  ? 226 MET A O   1 
ATOM   590  C CB  . MET A 1 77  ? -4.420  -0.278  -3.225  1.00 11.01 ? 226 MET A CB  1 
ATOM   591  C CG  . MET A 1 77  ? -3.405  -0.863  -4.190  1.00 14.08 ? 226 MET A CG  1 
ATOM   592  S SD  . MET A 1 77  ? -3.065  0.271   -5.552  1.00 19.79 ? 226 MET A SD  1 
ATOM   593  C CE  . MET A 1 77  ? -1.585  1.084   -4.945  1.00 21.83 ? 226 MET A CE  1 
ATOM   594  N N   . VAL A 1 78  ? -2.742  -2.440  -1.216  1.00 7.34  ? 227 VAL A N   1 
ATOM   595  C CA  . VAL A 1 78  ? -1.458  -2.714  -0.583  1.00 7.33  ? 227 VAL A CA  1 
ATOM   596  C C   . VAL A 1 78  ? -0.343  -2.121  -1.448  1.00 6.80  ? 227 VAL A C   1 
ATOM   597  O O   . VAL A 1 78  ? -0.269  -2.379  -2.656  1.00 9.28  ? 227 VAL A O   1 
ATOM   598  C CB  . VAL A 1 78  ? -1.221  -4.235  -0.424  1.00 7.67  ? 227 VAL A CB  1 
ATOM   599  C CG1 . VAL A 1 78  ? 0.172   -4.501  0.116   1.00 8.96  ? 227 VAL A CG1 1 
ATOM   600  C CG2 . VAL A 1 78  ? -2.265  -4.825  0.519   1.00 10.10 ? 227 VAL A CG2 1 
ATOM   601  N N   . MET A 1 79  ? 0.522   -1.325  -0.825  1.00 7.25  ? 228 MET A N   1 
ATOM   602  C CA  . MET A 1 79  ? 1.626   -0.689  -1.528  1.00 7.57  ? 228 MET A CA  1 
ATOM   603  C C   . MET A 1 79  ? 2.788   -1.661  -1.721  1.00 7.40  ? 228 MET A C   1 
ATOM   604  O O   . MET A 1 79  ? 3.285   -2.263  -0.759  1.00 7.61  ? 228 MET A O   1 
ATOM   605  C CB  . MET A 1 79  ? 2.098   0.544   -0.756  1.00 7.48  ? 228 MET A CB  1 
ATOM   606  C CG  . MET A 1 79  ? 1.063   1.655   -0.649  1.00 8.54  ? 228 MET A CG  1 
ATOM   607  S SD  . MET A 1 79  ? 0.746   2.530   -2.198  1.00 12.60 ? 228 MET A SD  1 
ATOM   608  C CE  . MET A 1 79  ? 2.132   3.666   -2.209  1.00 15.16 ? 228 MET A CE  1 
ATOM   609  N N   . CYS A 1 80  ? 3.228   -1.777  -2.972  1.00 7.60  ? 229 CYS A N   1 
ATOM   610  C CA  . CYS A 1 80  ? 4.298   -2.695  -3.343  1.00 8.44  ? 229 CYS A CA  1 
ATOM   611  C C   . CYS A 1 80  ? 5.320   -2.086  -4.285  1.00 7.38  ? 229 CYS A C   1 
ATOM   612  O O   . CYS A 1 80  ? 5.028   -1.136  -5.012  1.00 9.25  ? 229 CYS A O   1 
ATOM   613  C CB  . CYS A 1 80  ? 3.732   -3.906  -4.094  1.00 9.80  ? 229 CYS A CB  1 
ATOM   614  S SG  . CYS A 1 80  ? 2.437   -4.846  -3.288  1.00 9.94  ? 229 CYS A SG  1 
ATOM   615  N N   . ALA A 1 81  ? 6.522   -2.648  -4.266  1.00 8.90  ? 230 ALA A N   1 
ATOM   616  C CA  . ALA A 1 81  ? 7.556   -2.265  -5.217  1.00 9.29  ? 230 ALA A CA  1 
ATOM   617  C C   . ALA A 1 81  ? 7.247   -3.227  -6.374  1.00 10.01 ? 230 ALA A C   1 
ATOM   618  O O   . ALA A 1 81  ? 6.867   -4.373  -6.135  1.00 10.08 ? 230 ALA A O   1 
ATOM   619  C CB  . ALA A 1 81  ? 8.940   -2.556  -4.660  1.00 11.51 ? 230 ALA A CB  1 
ATOM   620  N N   . SER A 1 82  ? 7.381   -2.782  -7.616  1.00 10.21 ? 231 SER A N   1 
ATOM   621  C CA  . SER A 1 82  ? 7.087   -3.681  -8.720  1.00 13.13 ? 231 SER A CA  1 
ATOM   622  C C   . SER A 1 82  ? 7.882   -3.417  -9.983  1.00 12.71 ? 231 SER A C   1 
ATOM   623  O O   . SER A 1 82  ? 8.447   -2.339  -10.183 1.00 12.24 ? 231 SER A O   1 
ATOM   624  C CB  . SER A 1 82  ? 5.594   -3.647  -9.047  1.00 16.45 ? 231 SER A CB  1 
ATOM   625  O OG  . SER A 1 82  ? 5.202   -2.362  -9.488  1.00 18.57 ? 231 SER A OG  1 
ATOM   626  N N   . SER A 1 83  ? 7.916   -4.443  -10.824 1.00 12.89 ? 232 SER A N   1 
ATOM   627  C CA  . SER A 1 83  ? 8.597   -4.422  -12.107 1.00 14.34 ? 232 SER A CA  1 
ATOM   628  C C   . SER A 1 83  ? 7.847   -5.458  -12.936 1.00 16.79 ? 232 SER A C   1 
ATOM   629  O O   . SER A 1 83  ? 6.979   -6.162  -12.417 1.00 15.93 ? 232 SER A O   1 
ATOM   630  C CB  . SER A 1 83  ? 10.053  -4.854  -11.949 1.00 17.05 ? 232 SER A CB  1 
ATOM   631  O OG  . SER A 1 83  ? 10.137  -6.241  -11.669 1.00 19.00 ? 232 SER A OG  1 
ATOM   632  N N   . PRO A 1 84  ? 8.156   -5.559  -14.234 1.00 18.84 ? 233 PRO A N   1 
ATOM   633  C CA  . PRO A 1 84  ? 7.452   -6.551  -15.049 1.00 22.34 ? 233 PRO A CA  1 
ATOM   634  C C   . PRO A 1 84  ? 7.748   -7.989  -14.622 1.00 25.28 ? 233 PRO A C   1 
ATOM   635  O O   . PRO A 1 84  ? 7.001   -8.906  -14.958 1.00 26.74 ? 233 PRO A O   1 
ATOM   636  C CB  . PRO A 1 84  ? 7.961   -6.260  -16.459 1.00 20.68 ? 233 PRO A CB  1 
ATOM   637  C CG  . PRO A 1 84  ? 8.217   -4.786  -16.420 1.00 19.41 ? 233 PRO A CG  1 
ATOM   638  C CD  . PRO A 1 84  ? 8.907   -4.619  -15.086 1.00 18.32 ? 233 PRO A CD  1 
ATOM   639  N N   . GLU A 1 85  ? 8.831   -8.181  -13.872 1.00 28.48 ? 234 GLU A N   1 
ATOM   640  C CA  . GLU A 1 85  ? 9.215   -9.522  -13.440 1.00 31.23 ? 234 GLU A CA  1 
ATOM   641  C C   . GLU A 1 85  ? 9.112   -9.817  -11.944 1.00 29.18 ? 234 GLU A C   1 
ATOM   642  O O   . GLU A 1 85  ? 9.608   -10.851 -11.492 1.00 30.32 ? 234 GLU A O   1 
ATOM   643  C CB  . GLU A 1 85  ? 10.645  -9.834  -13.897 1.00 37.66 ? 234 GLU A CB  1 
ATOM   644  C CG  . GLU A 1 85  ? 10.893  -9.685  -15.393 1.00 45.11 ? 234 GLU A CG  1 
ATOM   645  C CD  . GLU A 1 85  ? 11.092  -8.243  -15.818 1.00 48.94 ? 234 GLU A CD  1 
ATOM   646  O OE1 . GLU A 1 85  ? 11.074  -7.353  -14.941 1.00 51.29 ? 234 GLU A OE1 1 
ATOM   647  O OE2 . GLU A 1 85  ? 11.272  -7.999  -17.030 1.00 51.22 ? 234 GLU A OE2 1 
ATOM   648  N N   . LYS A 1 86  ? 8.482   -8.935  -11.172 1.00 24.13 ? 235 LYS A N   1 
ATOM   649  C CA  . LYS A 1 86  ? 8.357   -9.181  -9.737  1.00 19.28 ? 235 LYS A CA  1 
ATOM   650  C C   . LYS A 1 86  ? 7.616   -8.096  -8.961  1.00 14.27 ? 235 LYS A C   1 
ATOM   651  O O   . LYS A 1 86  ? 7.632   -6.922  -9.335  1.00 12.37 ? 235 LYS A O   1 
ATOM   652  C CB  . LYS A 1 86  ? 9.746   -9.372  -9.116  1.00 21.85 ? 235 LYS A CB  1 
ATOM   653  C CG  . LYS A 1 86  ? 9.722   -9.845  -7.670  1.00 23.66 ? 235 LYS A CG  1 
ATOM   654  C CD  . LYS A 1 86  ? 11.125  -10.031 -7.116  1.00 25.71 ? 235 LYS A CD  1 
ATOM   655  C CE  . LYS A 1 86  ? 11.089  -10.566 -5.693  1.00 26.30 ? 235 LYS A CE  1 
ATOM   656  N NZ  . LYS A 1 86  ? 10.448  -11.910 -5.617  1.00 26.64 ? 235 LYS A NZ  1 
ATOM   657  N N   . ILE A 1 87  ? 6.971   -8.511  -7.873  1.00 13.33 ? 236 ILE A N   1 
ATOM   658  C CA  . ILE A 1 87  ? 6.238   -7.603  -6.994  1.00 11.95 ? 236 ILE A CA  1 
ATOM   659  C C   . ILE A 1 87  ? 6.592   -7.953  -5.550  1.00 10.97 ? 236 ILE A C   1 
ATOM   660  O O   . ILE A 1 87  ? 6.582   -9.127  -5.168  1.00 11.51 ? 236 ILE A O   1 
ATOM   661  C CB  . ILE A 1 87  ? 4.703   -7.740  -7.162  1.00 13.09 ? 236 ILE A CB  1 
ATOM   662  C CG1 . ILE A 1 87  ? 4.297   -7.471  -8.615  1.00 14.07 ? 236 ILE A CG1 1 
ATOM   663  C CG2 . ILE A 1 87  ? 3.990   -6.757  -6.233  1.00 13.41 ? 236 ILE A CG2 1 
ATOM   664  C CD1 . ILE A 1 87  ? 2.800   -7.604  -8.874  1.00 16.91 ? 236 ILE A CD1 1 
ATOM   665  N N   . GLU A 1 88  ? 6.926   -6.935  -4.761  1.00 10.79 ? 237 GLU A N   1 
ATOM   666  C CA  . GLU A 1 88  ? 7.257   -7.123  -3.352  1.00 10.72 ? 237 GLU A CA  1 
ATOM   667  C C   . GLU A 1 88  ? 6.423   -6.184  -2.492  1.00 9.53  ? 237 GLU A C   1 
ATOM   668  O O   . GLU A 1 88  ? 6.291   -5.002  -2.799  1.00 9.31  ? 237 GLU A O   1 
ATOM   669  C CB  . GLU A 1 88  ? 8.736   -6.831  -3.074  1.00 12.34 ? 237 GLU A CB  1 
ATOM   670  C CG  . GLU A 1 88  ? 9.721   -7.825  -3.665  1.00 14.66 ? 237 GLU A CG  1 
ATOM   671  C CD  . GLU A 1 88  ? 11.111  -7.699  -3.058  1.00 13.91 ? 237 GLU A CD  1 
ATOM   672  O OE1 . GLU A 1 88  ? 11.530  -6.566  -2.732  1.00 13.57 ? 237 GLU A OE1 1 
ATOM   673  O OE2 . GLU A 1 88  ? 11.792  -8.736  -2.914  1.00 18.40 ? 237 GLU A OE2 1 
ATOM   674  N N   . ILE A 1 89  ? 5.853   -6.725  -1.422  1.00 9.84  ? 238 ILE A N   1 
ATOM   675  C CA  . ILE A 1 89  ? 5.056   -5.939  -0.489  1.00 8.71  ? 238 ILE A CA  1 
ATOM   676  C C   . ILE A 1 89  ? 6.008   -5.060  0.324   1.00 7.95  ? 238 ILE A C   1 
ATOM   677  O O   . ILE A 1 89  ? 7.021   -5.546  0.836   1.00 9.58  ? 238 ILE A O   1 
ATOM   678  C CB  . ILE A 1 89  ? 4.270   -6.870  0.472   1.00 9.64  ? 238 ILE A CB  1 
ATOM   679  C CG1 . ILE A 1 89  ? 3.225   -7.664  -0.316  1.00 10.01 ? 238 ILE A CG1 1 
ATOM   680  C CG2 . ILE A 1 89  ? 3.616   -6.057  1.585   1.00 10.20 ? 238 ILE A CG2 1 
ATOM   681  C CD1 . ILE A 1 89  ? 2.485   -8.680  0.515   1.00 12.16 ? 238 ILE A CD1 1 
ATOM   682  N N   . LEU A 1 90  ? 5.712   -3.767  0.424   1.00 7.95  ? 239 LEU A N   1 
ATOM   683  C CA  . LEU A 1 90  ? 6.566   -2.889  1.214   1.00 7.79  ? 239 LEU A CA  1 
ATOM   684  C C   . LEU A 1 90  ? 6.353   -3.209  2.688   1.00 7.48  ? 239 LEU A C   1 
ATOM   685  O O   . LEU A 1 90  ? 5.223   -3.449  3.126   1.00 8.59  ? 239 LEU A O   1 
ATOM   686  C CB  . LEU A 1 90  ? 6.238   -1.428  0.944   1.00 7.70  ? 239 LEU A CB  1 
ATOM   687  C CG  . LEU A 1 90  ? 6.505   -0.954  -0.486  1.00 8.06  ? 239 LEU A CG  1 
ATOM   688  C CD1 . LEU A 1 90  ? 6.058   0.486   -0.612  1.00 10.83 ? 239 LEU A CD1 1 
ATOM   689  C CD2 . LEU A 1 90  ? 7.980   -1.110  -0.832  1.00 9.97  ? 239 LEU A CD2 1 
ATOM   690  N N   . ALA A 1 91  ? 7.444   -3.227  3.444   1.00 8.14  ? 240 ALA A N   1 
ATOM   691  C CA  . ALA A 1 91  ? 7.382   -3.534  4.864   1.00 8.95  ? 240 ALA A CA  1 
ATOM   692  C C   . ALA A 1 91  ? 7.540   -2.312  5.751   1.00 8.76  ? 240 ALA A C   1 
ATOM   693  O O   . ALA A 1 91  ? 8.485   -1.539  5.600   1.00 9.17  ? 240 ALA A O   1 
ATOM   694  C CB  . ALA A 1 91  ? 8.457   -4.551  5.217   1.00 12.77 ? 240 ALA A CB  1 
ATOM   695  N N   . PRO A 1 92  ? 6.597   -2.110  6.676   1.00 8.66  ? 241 PRO A N   1 
ATOM   696  C CA  . PRO A 1 92  ? 6.697   -0.964  7.580   1.00 9.61  ? 241 PRO A CA  1 
ATOM   697  C C   . PRO A 1 92  ? 7.805   -1.301  8.585   1.00 9.78  ? 241 PRO A C   1 
ATOM   698  O O   . PRO A 1 92  ? 8.200   -2.462  8.708   1.00 10.97 ? 241 PRO A O   1 
ATOM   699  C CB  . PRO A 1 92  ? 5.329   -0.932  8.264   1.00 12.97 ? 241 PRO A CB  1 
ATOM   700  C CG  . PRO A 1 92  ? 4.424   -1.699  7.327   1.00 14.95 ? 241 PRO A CG  1 
ATOM   701  C CD  . PRO A 1 92  ? 5.304   -2.798  6.827   1.00 11.53 ? 241 PRO A CD  1 
ATOM   702  N N   . PRO A 1 93  ? 8.322   -0.301  9.310   1.00 9.89  ? 242 PRO A N   1 
ATOM   703  C CA  . PRO A 1 93  ? 9.376   -0.581  10.293  1.00 10.00 ? 242 PRO A CA  1 
ATOM   704  C C   . PRO A 1 93  ? 8.776   -1.342  11.473  1.00 9.64  ? 242 PRO A C   1 
ATOM   705  O O   . PRO A 1 93  ? 7.564   -1.314  11.682  1.00 9.65  ? 242 PRO A O   1 
ATOM   706  C CB  . PRO A 1 93  ? 9.855   0.813   10.689  1.00 12.58 ? 242 PRO A CB  1 
ATOM   707  C CG  . PRO A 1 93  ? 8.612   1.654   10.529  1.00 11.73 ? 242 PRO A CG  1 
ATOM   708  C CD  . PRO A 1 93  ? 8.041   1.143   9.229   1.00 11.58 ? 242 PRO A CD  1 
ATOM   709  N N   . ASN A 1 94  ? 9.614   -2.024  12.247  1.00 10.57 ? 243 ASN A N   1 
ATOM   710  C CA  . ASN A 1 94  ? 9.110   -2.761  13.400  1.00 11.03 ? 243 ASN A CA  1 
ATOM   711  C C   . ASN A 1 94  ? 8.372   -1.839  14.362  1.00 10.58 ? 243 ASN A C   1 
ATOM   712  O O   . ASN A 1 94  ? 8.747   -0.679  14.547  1.00 10.95 ? 243 ASN A O   1 
ATOM   713  C CB  . ASN A 1 94  ? 10.251  -3.449  14.159  1.00 18.10 ? 243 ASN A CB  1 
ATOM   714  C CG  . ASN A 1 94  ? 10.805  -4.650  13.424  1.00 20.33 ? 243 ASN A CG  1 
ATOM   715  O OD1 . ASN A 1 94  ? 10.057  -5.450  12.866  1.00 24.41 ? 243 ASN A OD1 1 
ATOM   716  N ND2 . ASN A 1 94  ? 12.125  -4.794  13.438  1.00 26.10 ? 243 ASN A ND2 1 
ATOM   717  N N   . GLY A 1 95  ? 7.310   -2.364  14.961  1.00 10.34 ? 244 GLY A N   1 
ATOM   718  C CA  . GLY A 1 95  ? 6.559   -1.592  15.929  1.00 10.10 ? 244 GLY A CA  1 
ATOM   719  C C   . GLY A 1 95  ? 5.445   -0.722  15.390  1.00 9.41  ? 244 GLY A C   1 
ATOM   720  O O   . GLY A 1 95  ? 4.784   -0.035  16.168  1.00 10.69 ? 244 GLY A O   1 
ATOM   721  N N   . SER A 1 96  ? 5.232   -0.727  14.076  1.00 9.32  ? 245 SER A N   1 
ATOM   722  C CA  . SER A 1 96  ? 4.169   0.088   13.491  1.00 9.55  ? 245 SER A CA  1 
ATOM   723  C C   . SER A 1 96  ? 2.803   -0.414  13.979  1.00 8.76  ? 245 SER A C   1 
ATOM   724  O O   . SER A 1 96  ? 2.622   -1.605  14.236  1.00 11.09 ? 245 SER A O   1 
ATOM   725  C CB  A SER A 1 96  ? 4.238   0.039   11.960  0.50 8.18  ? 245 SER A CB  1 
ATOM   726  C CB  B SER A 1 96  ? 4.242   0.020   11.954  0.50 17.57 ? 245 SER A CB  1 
ATOM   727  O OG  A SER A 1 96  ? 5.458   0.582   11.482  0.50 11.25 ? 245 SER A OG  1 
ATOM   728  O OG  B SER A 1 96  ? 3.993   -1.289  11.474  0.50 21.03 ? 245 SER A OG  1 
ATOM   729  N N   . VAL A 1 97  ? 1.853   0.509   14.106  1.00 10.61 ? 246 VAL A N   1 
ATOM   730  C CA  . VAL A 1 97  ? 0.508   0.213   14.597  1.00 11.03 ? 246 VAL A CA  1 
ATOM   731  C C   . VAL A 1 97  ? -0.540  0.495   13.526  1.00 9.90  ? 246 VAL A C   1 
ATOM   732  O O   . VAL A 1 97  ? -0.455  1.502   12.838  1.00 9.21  ? 246 VAL A O   1 
ATOM   733  C CB  . VAL A 1 97  ? 0.193   1.100   15.832  1.00 11.01 ? 246 VAL A CB  1 
ATOM   734  C CG1 . VAL A 1 97  ? -1.211  0.835   16.344  1.00 14.08 ? 246 VAL A CG1 1 
ATOM   735  C CG2 . VAL A 1 97  ? 1.218   0.849   16.929  1.00 13.58 ? 246 VAL A CG2 1 
ATOM   736  N N   . PRO A 1 98  ? -1.539  -0.392  13.371  1.00 9.42  ? 247 PRO A N   1 
ATOM   737  C CA  . PRO A 1 98  ? -2.558  -0.133  12.351  1.00 9.77  ? 247 PRO A CA  1 
ATOM   738  C C   . PRO A 1 98  ? -3.128  1.267   12.526  1.00 9.20  ? 247 PRO A C   1 
ATOM   739  O O   . PRO A 1 98  ? -3.508  1.670   13.630  1.00 9.50  ? 247 PRO A O   1 
ATOM   740  C CB  . PRO A 1 98  ? -3.597  -1.217  12.618  1.00 10.99 ? 247 PRO A CB  1 
ATOM   741  C CG  . PRO A 1 98  ? -2.763  -2.355  13.102  1.00 12.58 ? 247 PRO A CG  1 
ATOM   742  C CD  . PRO A 1 98  ? -1.799  -1.670  14.055  1.00 12.58 ? 247 PRO A CD  1 
ATOM   743  N N   . GLY A 1 99  ? -3.188  2.011   11.435  1.00 9.01  ? 248 GLY A N   1 
ATOM   744  C CA  . GLY A 1 99  ? -3.702  3.363   11.518  1.00 9.67  ? 248 GLY A CA  1 
ATOM   745  C C   . GLY A 1 99  ? -2.605  4.412   11.474  1.00 10.53 ? 248 GLY A C   1 
ATOM   746  O O   . GLY A 1 99  ? -2.887  5.575   11.181  1.00 12.34 ? 248 GLY A O   1 
ATOM   747  N N   . ASP A 1 100 ? -1.362  4.028   11.772  1.00 10.39 ? 249 ASP A N   1 
ATOM   748  C CA  . ASP A 1 100 ? -0.263  4.994   11.717  1.00 10.43 ? 249 ASP A CA  1 
ATOM   749  C C   . ASP A 1 100 ? -0.231  5.585   10.316  1.00 10.61 ? 249 ASP A C   1 
ATOM   750  O O   . ASP A 1 100 ? -0.329  4.858   9.327   1.00 10.84 ? 249 ASP A O   1 
ATOM   751  C CB  . ASP A 1 100 ? 1.087   4.336   12.010  1.00 10.54 ? 249 ASP A CB  1 
ATOM   752  C CG  . ASP A 1 100 ? 1.300   4.058   13.481  1.00 12.62 ? 249 ASP A CG  1 
ATOM   753  O OD1 . ASP A 1 100 ? 0.597   4.656   14.326  1.00 14.79 ? 249 ASP A OD1 1 
ATOM   754  O OD2 . ASP A 1 100 ? 2.190   3.245   13.790  1.00 12.43 ? 249 ASP A OD2 1 
ATOM   755  N N   . ARG A 1 101 ? -0.076  6.901   10.229  1.00 11.26 ? 250 ARG A N   1 
ATOM   756  C CA  . ARG A 1 101 ? -0.070  7.578   8.936   1.00 12.13 ? 250 ARG A CA  1 
ATOM   757  C C   . ARG A 1 101 ? 1.326   7.906   8.419   1.00 11.65 ? 250 ARG A C   1 
ATOM   758  O O   . ARG A 1 101 ? 2.197   8.330   9.179   1.00 13.26 ? 250 ARG A O   1 
ATOM   759  C CB  . ARG A 1 101 ? -0.888  8.869   9.033   1.00 13.82 ? 250 ARG A CB  1 
ATOM   760  C CG  . ARG A 1 101 ? -2.317  8.648   9.509   1.00 16.02 ? 250 ARG A CG  1 
ATOM   761  C CD  . ARG A 1 101 ? -3.072  9.956   9.685   1.00 20.54 ? 250 ARG A CD  1 
ATOM   762  N NE  . ARG A 1 101 ? -3.193  10.694  8.432   1.00 23.54 ? 250 ARG A NE  1 
ATOM   763  C CZ  . ARG A 1 101 ? -3.860  11.836  8.300   1.00 25.64 ? 250 ARG A CZ  1 
ATOM   764  N NH1 . ARG A 1 101 ? -4.471  12.376  9.345   1.00 27.11 ? 250 ARG A NH1 1 
ATOM   765  N NH2 . ARG A 1 101 ? -3.915  12.442  7.121   1.00 26.61 ? 250 ARG A NH2 1 
ATOM   766  N N   . ILE A 1 102 ? 1.538   7.703   7.121   1.00 9.51  ? 251 ILE A N   1 
ATOM   767  C CA  . ILE A 1 102 ? 2.819   8.016   6.497   1.00 10.47 ? 251 ILE A CA  1 
ATOM   768  C C   . ILE A 1 102 ? 2.686   9.432   5.950   1.00 10.11 ? 251 ILE A C   1 
ATOM   769  O O   . ILE A 1 102 ? 2.010   9.643   4.944   1.00 12.86 ? 251 ILE A O   1 
ATOM   770  C CB  . ILE A 1 102 ? 3.130   7.083   5.307   1.00 12.00 ? 251 ILE A CB  1 
ATOM   771  C CG1 . ILE A 1 102 ? 3.043   5.618   5.737   1.00 16.77 ? 251 ILE A CG1 1 
ATOM   772  C CG2 . ILE A 1 102 ? 4.510   7.417   4.748   1.00 12.80 ? 251 ILE A CG2 1 
ATOM   773  C CD1 . ILE A 1 102 ? 4.018   5.228   6.817   1.00 17.60 ? 251 ILE A CD1 1 
ATOM   774  N N   . THR A 1 103 ? 3.317   10.399  6.609   1.00 10.97 ? 252 THR A N   1 
ATOM   775  C CA  . THR A 1 103 ? 3.252   11.783  6.149   1.00 12.52 ? 252 THR A CA  1 
ATOM   776  C C   . THR A 1 103 ? 4.652   12.331  5.902   1.00 11.75 ? 252 THR A C   1 
ATOM   777  O O   . THR A 1 103 ? 5.646   11.734  6.327   1.00 11.65 ? 252 THR A O   1 
ATOM   778  C CB  . THR A 1 103 ? 2.518   12.689  7.161   1.00 15.49 ? 252 THR A CB  1 
ATOM   779  O OG1 . THR A 1 103 ? 3.221   12.693  8.407   1.00 15.82 ? 252 THR A OG1 1 
ATOM   780  C CG2 . THR A 1 103 ? 1.091   12.194  7.380   1.00 16.70 ? 252 THR A CG2 1 
ATOM   781  N N   . PHE A 1 104 ? 4.724   13.471  5.222   1.00 11.90 ? 253 PHE A N   1 
ATOM   782  C CA  . PHE A 1 104 ? 6.001   14.083  4.884   1.00 13.31 ? 253 PHE A CA  1 
ATOM   783  C C   . PHE A 1 104 ? 6.072   15.556  5.276   1.00 14.50 ? 253 PHE A C   1 
ATOM   784  O O   . PHE A 1 104 ? 5.252   16.365  4.841   1.00 14.45 ? 253 PHE A O   1 
ATOM   785  C CB  . PHE A 1 104 ? 6.255   13.953  3.380   1.00 15.08 ? 253 PHE A CB  1 
ATOM   786  C CG  . PHE A 1 104 ? 6.181   12.539  2.865   1.00 13.53 ? 253 PHE A CG  1 
ATOM   787  C CD1 . PHE A 1 104 ? 4.959   11.876  2.763   1.00 14.09 ? 253 PHE A CD1 1 
ATOM   788  C CD2 . PHE A 1 104 ? 7.336   11.867  2.486   1.00 14.93 ? 253 PHE A CD2 1 
ATOM   789  C CE1 . PHE A 1 104 ? 4.896   10.566  2.291   1.00 13.94 ? 253 PHE A CE1 1 
ATOM   790  C CE2 . PHE A 1 104 ? 7.282   10.559  2.014   1.00 14.79 ? 253 PHE A CE2 1 
ATOM   791  C CZ  . PHE A 1 104 ? 6.061   9.907   1.917   1.00 15.23 ? 253 PHE A CZ  1 
ATOM   792  N N   . ASP A 1 105 ? 7.058   15.906  6.095   1.00 14.86 ? 254 ASP A N   1 
ATOM   793  C CA  . ASP A 1 105 ? 7.222   17.292  6.518   1.00 17.58 ? 254 ASP A CA  1 
ATOM   794  C C   . ASP A 1 105 ? 7.508   18.161  5.302   1.00 15.65 ? 254 ASP A C   1 
ATOM   795  O O   . ASP A 1 105 ? 7.166   19.345  5.276   1.00 16.32 ? 254 ASP A O   1 
ATOM   796  C CB  . ASP A 1 105 ? 8.379   17.416  7.514   1.00 28.59 ? 254 ASP A CB  1 
ATOM   797  C CG  . ASP A 1 105 ? 8.153   16.610  8.775   1.00 35.26 ? 254 ASP A CG  1 
ATOM   798  O OD1 . ASP A 1 105 ? 7.105   16.807  9.426   1.00 40.02 ? 254 ASP A OD1 1 
ATOM   799  O OD2 . ASP A 1 105 ? 9.023   15.784  9.118   1.00 40.10 ? 254 ASP A OD2 1 
ATOM   800  N N   . ALA A 1 106 ? 8.131   17.559  4.292   1.00 15.57 ? 255 ALA A N   1 
ATOM   801  C CA  . ALA A 1 106 ? 8.483   18.265  3.067   1.00 15.53 ? 255 ALA A CA  1 
ATOM   802  C C   . ALA A 1 106 ? 7.288   18.482  2.143   1.00 14.62 ? 255 ALA A C   1 
ATOM   803  O O   . ALA A 1 106 ? 7.335   19.330  1.253   1.00 15.15 ? 255 ALA A O   1 
ATOM   804  C CB  . ALA A 1 106 ? 9.579   17.503  2.329   1.00 17.85 ? 255 ALA A CB  1 
ATOM   805  N N   . PHE A 1 107 ? 6.220   17.718  2.354   1.00 12.50 ? 256 PHE A N   1 
ATOM   806  C CA  . PHE A 1 107 ? 5.017   17.835  1.532   1.00 12.70 ? 256 PHE A CA  1 
ATOM   807  C C   . PHE A 1 107 ? 3.793   17.884  2.443   1.00 12.28 ? 256 PHE A C   1 
ATOM   808  O O   . PHE A 1 107 ? 2.994   16.946  2.477   1.00 11.66 ? 256 PHE A O   1 
ATOM   809  C CB  . PHE A 1 107 ? 4.922   16.636  0.580   1.00 12.48 ? 256 PHE A CB  1 
ATOM   810  C CG  . PHE A 1 107 ? 6.124   16.476  -0.309  1.00 12.58 ? 256 PHE A CG  1 
ATOM   811  C CD1 . PHE A 1 107 ? 6.329   17.330  -1.387  1.00 13.81 ? 256 PHE A CD1 1 
ATOM   812  C CD2 . PHE A 1 107 ? 7.075   15.496  -0.045  1.00 13.56 ? 256 PHE A CD2 1 
ATOM   813  C CE1 . PHE A 1 107 ? 7.470   17.212  -2.188  1.00 15.52 ? 256 PHE A CE1 1 
ATOM   814  C CE2 . PHE A 1 107 ? 8.215   15.371  -0.839  1.00 15.61 ? 256 PHE A CE2 1 
ATOM   815  C CZ  . PHE A 1 107 ? 8.411   16.231  -1.909  1.00 15.45 ? 256 PHE A CZ  1 
ATOM   816  N N   . PRO A 1 108 ? 3.629   18.989  3.190   1.00 13.54 ? 257 PRO A N   1 
ATOM   817  C CA  . PRO A 1 108 ? 2.499   19.151  4.108   1.00 14.25 ? 257 PRO A CA  1 
ATOM   818  C C   . PRO A 1 108 ? 1.142   19.273  3.428   1.00 13.64 ? 257 PRO A C   1 
ATOM   819  O O   . PRO A 1 108 ? 1.006   19.928  2.394   1.00 14.47 ? 257 PRO A O   1 
ATOM   820  C CB  . PRO A 1 108 ? 2.870   20.413  4.880   1.00 16.81 ? 257 PRO A CB  1 
ATOM   821  C CG  . PRO A 1 108 ? 3.555   21.232  3.834   1.00 16.34 ? 257 PRO A CG  1 
ATOM   822  C CD  . PRO A 1 108 ? 4.462   20.206  3.173   1.00 15.19 ? 257 PRO A CD  1 
ATOM   823  N N   . GLY A 1 109 ? 0.141   18.638  4.024   1.00 12.13 ? 258 GLY A N   1 
ATOM   824  C CA  . GLY A 1 109 ? -1.197  18.693  3.471   1.00 11.10 ? 258 GLY A CA  1 
ATOM   825  C C   . GLY A 1 109 ? -2.067  17.564  3.980   1.00 12.35 ? 258 GLY A C   1 
ATOM   826  O O   . GLY A 1 109 ? -1.572  16.583  4.536   1.00 14.29 ? 258 GLY A O   1 
ATOM   827  N N   . GLU A 1 110 ? -3.372  17.703  3.788   1.00 12.04 ? 259 GLU A N   1 
ATOM   828  C CA  . GLU A 1 110 ? -4.319  16.687  4.222   1.00 12.73 ? 259 GLU A CA  1 
ATOM   829  C C   . GLU A 1 110 ? -4.712  15.904  2.975   1.00 11.18 ? 259 GLU A C   1 
ATOM   830  O O   . GLU A 1 110 ? -4.873  16.478  1.899   1.00 12.62 ? 259 GLU A O   1 
ATOM   831  C CB  . GLU A 1 110 ? -5.546  17.361  4.843   1.00 16.76 ? 259 GLU A CB  1 
ATOM   832  C CG  . GLU A 1 110 ? -6.451  16.453  5.662   1.00 17.71 ? 259 GLU A CG  1 
ATOM   833  C CD  . GLU A 1 110 ? -5.731  15.801  6.824   1.00 17.95 ? 259 GLU A CD  1 
ATOM   834  O OE1 . GLU A 1 110 ? -4.769  16.402  7.348   1.00 18.84 ? 259 GLU A OE1 1 
ATOM   835  O OE2 . GLU A 1 110 ? -6.136  14.687  7.224   1.00 20.35 ? 259 GLU A OE2 1 
ATOM   836  N N   . PRO A 1 111 ? -4.862  14.579  3.097   1.00 9.18  ? 260 PRO A N   1 
ATOM   837  C CA  . PRO A 1 111 ? -5.236  13.777  1.930   1.00 9.44  ? 260 PRO A CA  1 
ATOM   838  C C   . PRO A 1 111 ? -6.657  14.052  1.460   1.00 9.95  ? 260 PRO A C   1 
ATOM   839  O O   . PRO A 1 111 ? -7.494  14.527  2.229   1.00 10.46 ? 260 PRO A O   1 
ATOM   840  C CB  . PRO A 1 111 ? -5.093  12.338  2.433   1.00 10.73 ? 260 PRO A CB  1 
ATOM   841  C CG  . PRO A 1 111 ? -4.142  12.446  3.599   1.00 15.51 ? 260 PRO A CG  1 
ATOM   842  C CD  . PRO A 1 111 ? -4.587  13.720  4.258   1.00 10.91 ? 260 PRO A CD  1 
ATOM   843  N N   . ASP A 1 112 ? -6.927  13.757  0.193   1.00 10.11 ? 261 ASP A N   1 
ATOM   844  C CA  . ASP A 1 112 ? -8.276  13.925  -0.336  1.00 10.25 ? 261 ASP A CA  1 
ATOM   845  C C   . ASP A 1 112 ? -9.179  12.919  0.374   1.00 10.66 ? 261 ASP A C   1 
ATOM   846  O O   . ASP A 1 112 ? -8.751  11.811  0.697   1.00 9.56  ? 261 ASP A O   1 
ATOM   847  C CB  . ASP A 1 112 ? -8.325  13.605  -1.832  1.00 11.27 ? 261 ASP A CB  1 
ATOM   848  C CG  . ASP A 1 112 ? -7.644  14.651  -2.688  1.00 13.38 ? 261 ASP A CG  1 
ATOM   849  O OD1 . ASP A 1 112 ? -7.202  15.684  -2.150  1.00 17.87 ? 261 ASP A OD1 1 
ATOM   850  O OD2 . ASP A 1 112 ? -7.560  14.439  -3.915  1.00 15.77 ? 261 ASP A OD2 1 
ATOM   851  N N   . LYS A 1 113 ? -10.432 13.296  0.609   1.00 10.50 ? 262 LYS A N   1 
ATOM   852  C CA  . LYS A 1 113 ? -11.385 12.388  1.235   1.00 12.99 ? 262 LYS A CA  1 
ATOM   853  C C   . LYS A 1 113 ? -11.477 11.162  0.326   1.00 10.47 ? 262 LYS A C   1 
ATOM   854  O O   . LYS A 1 113 ? -11.554 10.028  0.794   1.00 12.20 ? 262 LYS A O   1 
ATOM   855  C CB  . LYS A 1 113 ? -12.752 13.063  1.359   1.00 14.57 ? 262 LYS A CB  1 
ATOM   856  C CG  . LYS A 1 113 ? -13.820 12.210  2.024   1.00 18.27 ? 262 LYS A CG  1 
ATOM   857  C CD  . LYS A 1 113 ? -15.118 12.990  2.182   1.00 23.33 ? 262 LYS A CD  1 
ATOM   858  C CE  . LYS A 1 113 ? -16.193 12.145  2.847   1.00 26.62 ? 262 LYS A CE  1 
ATOM   859  N NZ  . LYS A 1 113 ? -15.772 11.672  4.193   1.00 29.18 ? 262 LYS A NZ  1 
ATOM   860  N N   . GLU A 1 114 ? -11.475 11.406  -0.981  1.00 10.45 ? 263 GLU A N   1 
ATOM   861  C CA  . GLU A 1 114 ? -11.510 10.336  -1.968  1.00 11.08 ? 263 GLU A CA  1 
ATOM   862  C C   . GLU A 1 114 ? -10.855 10.837  -3.248  1.00 10.96 ? 263 GLU A C   1 
ATOM   863  O O   . GLU A 1 114 ? -11.239 11.881  -3.786  1.00 12.43 ? 263 GLU A O   1 
ATOM   864  C CB  . GLU A 1 114 ? -12.944 9.893   -2.268  1.00 13.13 ? 263 GLU A CB  1 
ATOM   865  C CG  . GLU A 1 114 ? -13.008 8.627   -3.113  1.00 17.46 ? 263 GLU A CG  1 
ATOM   866  C CD  . GLU A 1 114 ? -14.425 8.207   -3.444  1.00 19.06 ? 263 GLU A CD  1 
ATOM   867  O OE1 . GLU A 1 114 ? -15.042 8.831   -4.332  1.00 20.62 ? 263 GLU A OE1 1 
ATOM   868  O OE2 . GLU A 1 114 ? -14.925 7.257   -2.806  1.00 20.05 ? 263 GLU A OE2 1 
ATOM   869  N N   . LEU A 1 115 ? -9.854  10.103  -3.722  1.00 11.08 ? 264 LEU A N   1 
ATOM   870  C CA  . LEU A 1 115 ? -9.160  10.483  -4.940  1.00 12.11 ? 264 LEU A CA  1 
ATOM   871  C C   . LEU A 1 115 ? -10.170 10.386  -6.073  1.00 14.10 ? 264 LEU A C   1 
ATOM   872  O O   . LEU A 1 115 ? -10.738 9.329   -6.330  1.00 15.68 ? 264 LEU A O   1 
ATOM   873  C CB  . LEU A 1 115 ? -7.968  9.552   -5.177  1.00 11.98 ? 264 LEU A CB  1 
ATOM   874  C CG  . LEU A 1 115 ? -6.858  9.666   -4.121  1.00 11.65 ? 264 LEU A CG  1 
ATOM   875  C CD1 . LEU A 1 115 ? -5.883  8.506   -4.254  1.00 12.77 ? 264 LEU A CD1 1 
ATOM   876  C CD2 . LEU A 1 115 ? -6.138  10.993  -4.280  1.00 12.61 ? 264 LEU A CD2 1 
ATOM   877  N N   . ASN A 1 116 ? -10.405 11.508  -6.737  1.00 11.74 ? 265 ASN A N   1 
ATOM   878  C CA  . ASN A 1 116 ? -11.372 11.555  -7.822  1.00 14.47 ? 265 ASN A CA  1 
ATOM   879  C C   . ASN A 1 116 ? -10.984 10.596  -8.941  1.00 19.37 ? 265 ASN A C   1 
ATOM   880  O O   . ASN A 1 116 ? -9.958  10.778  -9.596  1.00 16.57 ? 265 ASN A O   1 
ATOM   881  C CB  . ASN A 1 116 ? -11.480 12.988  -8.348  1.00 17.07 ? 265 ASN A CB  1 
ATOM   882  C CG  . ASN A 1 116 ? -12.675 13.193  -9.257  1.00 16.24 ? 265 ASN A CG  1 
ATOM   883  O OD1 . ASN A 1 116 ? -13.160 14.314  -9.413  1.00 16.27 ? 265 ASN A OD1 1 
ATOM   884  N ND2 . ASN A 1 116 ? -13.152 12.116  -9.868  1.00 16.94 ? 265 ASN A ND2 1 
ATOM   885  N N   . PRO A 1 117 ? -11.804 9.553   -9.168  1.00 29.50 ? 266 PRO A N   1 
ATOM   886  C CA  . PRO A 1 117 ? -11.532 8.565   -10.218 1.00 35.24 ? 266 PRO A CA  1 
ATOM   887  C C   . PRO A 1 117 ? -11.260 9.268   -11.540 1.00 39.68 ? 266 PRO A C   1 
ATOM   888  O O   . PRO A 1 117 ? -10.340 8.904   -12.272 1.00 40.71 ? 266 PRO A O   1 
ATOM   889  C CB  . PRO A 1 117 ? -12.807 7.720   -10.240 1.00 34.26 ? 266 PRO A CB  1 
ATOM   890  C CG  . PRO A 1 117 ? -13.860 8.675   -9.761  1.00 33.28 ? 266 PRO A CG  1 
ATOM   891  C CD  . PRO A 1 117 ? -13.158 9.364   -8.620  1.00 31.20 ? 266 PRO A CD  1 
ATOM   892  N N   . LYS A 1 118 ? -12.073 10.274  -11.838 1.00 44.58 ? 267 LYS A N   1 
ATOM   893  C CA  . LYS A 1 118 ? -11.890 11.061  -13.046 1.00 47.95 ? 267 LYS A CA  1 
ATOM   894  C C   . LYS A 1 118 ? -10.756 12.014  -12.695 1.00 47.97 ? 267 LYS A C   1 
ATOM   895  O O   . LYS A 1 118 ? -10.793 12.653  -11.644 1.00 49.76 ? 267 LYS A O   1 
ATOM   896  C CB  . LYS A 1 118 ? -13.164 11.843  -13.376 1.00 50.91 ? 267 LYS A CB  1 
ATOM   897  C CG  . LYS A 1 118 ? -14.301 10.987  -13.916 1.00 54.42 ? 267 LYS A CG  1 
ATOM   898  C CD  . LYS A 1 118 ? -13.940 10.396  -15.272 1.00 55.81 ? 267 LYS A CD  1 
ATOM   899  C CE  . LYS A 1 118 ? -15.084 9.582   -15.853 1.00 56.32 ? 267 LYS A CE  1 
ATOM   900  N NZ  . LYS A 1 118 ? -14.741 9.032   -17.194 1.00 56.85 ? 267 LYS A NZ  1 
ATOM   901  N N   . LYS A 1 119 ? -9.753  12.081  -13.568 1.00 49.08 ? 268 LYS A N   1 
ATOM   902  C CA  . LYS A 1 119 ? -8.560  12.918  -13.399 1.00 47.01 ? 268 LYS A CA  1 
ATOM   903  C C   . LYS A 1 119 ? -7.372  12.044  -13.010 1.00 45.31 ? 268 LYS A C   1 
ATOM   904  O O   . LYS A 1 119 ? -6.262  12.239  -13.505 1.00 42.96 ? 268 LYS A O   1 
ATOM   905  C CB  . LYS A 1 119 ? -8.772  14.004  -12.335 1.00 43.73 ? 268 LYS A CB  1 
ATOM   906  C CG  . LYS A 1 119 ? -9.778  15.077  -12.733 1.00 44.21 ? 268 LYS A CG  1 
ATOM   907  C CD  . LYS A 1 119 ? -10.020 16.064  -11.602 1.00 40.83 ? 268 LYS A CD  1 
ATOM   908  C CE  . LYS A 1 119 ? -11.028 17.129  -12.010 1.00 38.05 ? 268 LYS A CE  1 
ATOM   909  N NZ  . LYS A 1 119 ? -11.291 18.098  -10.911 1.00 36.24 ? 268 LYS A NZ  1 
ATOM   910  N N   . LYS A 1 120 ? -7.611  11.082  -12.123 1.00 36.46 ? 269 LYS A N   1 
ATOM   911  C CA  . LYS A 1 120 ? -6.568  10.163  -11.677 1.00 35.35 ? 269 LYS A CA  1 
ATOM   912  C C   . LYS A 1 120 ? -5.253  10.880  -11.380 1.00 33.29 ? 269 LYS A C   1 
ATOM   913  O O   . LYS A 1 120 ? -4.259  10.681  -12.080 1.00 33.58 ? 269 LYS A O   1 
ATOM   914  C CB  . LYS A 1 120 ? -6.328  9.091   -12.745 1.00 40.77 ? 269 LYS A CB  1 
ATOM   915  C CG  . LYS A 1 120 ? -7.559  8.272   -13.100 1.00 40.69 ? 269 LYS A CG  1 
ATOM   916  C CD  . LYS A 1 120 ? -7.228  7.185   -14.110 1.00 42.84 ? 269 LYS A CD  1 
ATOM   917  C CE  . LYS A 1 120 ? -8.408  6.251   -14.329 1.00 45.08 ? 269 LYS A CE  1 
ATOM   918  N NZ  . LYS A 1 120 ? -8.790  5.536   -13.079 1.00 47.34 ? 269 LYS A NZ  1 
ATOM   919  N N   . ILE A 1 121 ? -5.244  11.703  -10.336 1.00 31.55 ? 270 ILE A N   1 
ATOM   920  C CA  . ILE A 1 121 ? -4.044  12.446  -9.972  1.00 27.93 ? 270 ILE A CA  1 
ATOM   921  C C   . ILE A 1 121 ? -2.922  11.535  -9.482  1.00 26.08 ? 270 ILE A C   1 
ATOM   922  O O   . ILE A 1 121 ? -1.762  11.945  -9.423  1.00 24.88 ? 270 ILE A O   1 
ATOM   923  C CB  . ILE A 1 121 ? -4.341  13.499  -8.881  1.00 27.46 ? 270 ILE A CB  1 
ATOM   924  C CG1 . ILE A 1 121 ? -4.745  12.806  -7.579  1.00 26.60 ? 270 ILE A CG1 1 
ATOM   925  C CG2 . ILE A 1 121 ? -5.448  14.431  -9.351  1.00 26.80 ? 270 ILE A CG2 1 
ATOM   926  C CD1 . ILE A 1 121 ? -4.947  13.764  -6.419  1.00 29.08 ? 270 ILE A CD1 1 
ATOM   927  N N   . TRP A 1 122 ? -3.268  10.301  -9.131  1.00 21.64 ? 271 TRP A N   1 
ATOM   928  C CA  . TRP A 1 122 ? -2.276  9.347   -8.653  1.00 21.78 ? 271 TRP A CA  1 
ATOM   929  C C   . TRP A 1 122 ? -1.318  8.955   -9.773  1.00 21.72 ? 271 TRP A C   1 
ATOM   930  O O   . TRP A 1 122 ? -0.201  8.499   -9.515  1.00 21.01 ? 271 TRP A O   1 
ATOM   931  C CB  . TRP A 1 122 ? -2.965  8.103   -8.088  1.00 23.38 ? 271 TRP A CB  1 
ATOM   932  C CG  . TRP A 1 122 ? -3.821  7.371   -9.073  1.00 24.04 ? 271 TRP A CG  1 
ATOM   933  C CD1 . TRP A 1 122 ? -3.401  6.532   -10.065 1.00 24.25 ? 271 TRP A CD1 1 
ATOM   934  C CD2 . TRP A 1 122 ? -5.250  7.409   -9.157  1.00 24.01 ? 271 TRP A CD2 1 
ATOM   935  N NE1 . TRP A 1 122 ? -4.482  6.041   -10.760 1.00 24.74 ? 271 TRP A NE1 1 
ATOM   936  C CE2 . TRP A 1 122 ? -5.629  6.563   -10.223 1.00 24.69 ? 271 TRP A CE2 1 
ATOM   937  C CE3 . TRP A 1 122 ? -6.249  8.075   -8.433  1.00 24.15 ? 271 TRP A CE3 1 
ATOM   938  C CZ2 . TRP A 1 122 ? -6.965  6.365   -10.584 1.00 25.33 ? 271 TRP A CZ2 1 
ATOM   939  C CZ3 . TRP A 1 122 ? -7.579  7.879   -8.793  1.00 25.31 ? 271 TRP A CZ3 1 
ATOM   940  C CH2 . TRP A 1 122 ? -7.923  7.029   -9.860  1.00 25.13 ? 271 TRP A CH2 1 
ATOM   941  N N   . GLU A 1 123 ? -1.753  9.139   -11.017 1.00 25.56 ? 272 GLU A N   1 
ATOM   942  C CA  . GLU A 1 123 ? -0.916  8.812   -12.164 1.00 26.39 ? 272 GLU A CA  1 
ATOM   943  C C   . GLU A 1 123 ? 0.190   9.851   -12.300 1.00 26.42 ? 272 GLU A C   1 
ATOM   944  O O   . GLU A 1 123 ? 1.209   9.611   -12.947 1.00 27.18 ? 272 GLU A O   1 
ATOM   945  C CB  . GLU A 1 123 ? -1.747  8.785   -13.451 1.00 27.72 ? 272 GLU A CB  1 
ATOM   946  C CG  . GLU A 1 123 ? -2.889  7.786   -13.444 1.00 29.70 ? 272 GLU A CG  1 
ATOM   947  C CD  . GLU A 1 123 ? -3.569  7.678   -14.795 1.00 32.06 ? 272 GLU A CD  1 
ATOM   948  O OE1 . GLU A 1 123 ? -3.951  8.726   -15.357 1.00 33.66 ? 272 GLU A OE1 1 
ATOM   949  O OE2 . GLU A 1 123 ? -3.725  6.544   -15.295 1.00 34.29 ? 272 GLU A OE2 1 
ATOM   950  N N   . GLN A 1 124 ? -0.021  11.010  -11.685 1.00 23.09 ? 273 GLN A N   1 
ATOM   951  C CA  . GLN A 1 124 ? 0.955   12.089  -11.734 1.00 23.18 ? 273 GLN A CA  1 
ATOM   952  C C   . GLN A 1 124 ? 1.928   11.984  -10.563 1.00 20.03 ? 273 GLN A C   1 
ATOM   953  O O   . GLN A 1 124 ? 3.024   12.544  -10.599 1.00 19.30 ? 273 GLN A O   1 
ATOM   954  C CB  . GLN A 1 124 ? 0.236   13.438  -11.704 1.00 31.81 ? 273 GLN A CB  1 
ATOM   955  C CG  . GLN A 1 124 ? -0.728  13.631  -12.865 1.00 39.97 ? 273 GLN A CG  1 
ATOM   956  C CD  . GLN A 1 124 ? -1.541  14.903  -12.748 1.00 44.70 ? 273 GLN A CD  1 
ATOM   957  O OE1 . GLN A 1 124 ? -2.303  15.080  -11.799 1.00 48.07 ? 273 GLN A OE1 1 
ATOM   958  N NE2 . GLN A 1 124 ? -1.383  15.797  -13.717 1.00 48.36 ? 273 GLN A NE2 1 
ATOM   959  N N   . ILE A 1 125 ? 1.518   11.257  -9.529  1.00 16.31 ? 274 ILE A N   1 
ATOM   960  C CA  . ILE A 1 125 ? 2.338   11.062  -8.340  1.00 14.83 ? 274 ILE A CA  1 
ATOM   961  C C   . ILE A 1 125 ? 3.184   9.798   -8.457  1.00 15.53 ? 274 ILE A C   1 
ATOM   962  O O   . ILE A 1 125 ? 4.348   9.779   -8.061  1.00 13.09 ? 274 ILE A O   1 
ATOM   963  C CB  . ILE A 1 125 ? 1.455   10.943  -7.076  1.00 14.97 ? 274 ILE A CB  1 
ATOM   964  C CG1 . ILE A 1 125 ? 0.738   12.271  -6.820  1.00 15.97 ? 274 ILE A CG1 1 
ATOM   965  C CG2 . ILE A 1 125 ? 2.300   10.539  -5.876  1.00 16.32 ? 274 ILE A CG2 1 
ATOM   966  C CD1 . ILE A 1 125 ? -0.275  12.219  -5.695  1.00 16.97 ? 274 ILE A CD1 1 
ATOM   967  N N   . GLN A 1 126 ? 2.589   8.747   -9.010  1.00 17.13 ? 275 GLN A N   1 
ATOM   968  C CA  . GLN A 1 126 ? 3.257   7.463   -9.163  1.00 19.45 ? 275 GLN A CA  1 
ATOM   969  C C   . GLN A 1 126 ? 4.663   7.536   -9.772  1.00 19.31 ? 275 GLN A C   1 
ATOM   970  O O   . GLN A 1 126 ? 5.567   6.821   -9.333  1.00 20.01 ? 275 GLN A O   1 
ATOM   971  C CB  . GLN A 1 126 ? 2.365   6.518   -9.981  1.00 24.52 ? 275 GLN A CB  1 
ATOM   972  C CG  . GLN A 1 126 ? 2.764   5.052   -9.910  1.00 28.78 ? 275 GLN A CG  1 
ATOM   973  C CD  . GLN A 1 126 ? 3.872   4.697   -10.877 1.00 31.65 ? 275 GLN A CD  1 
ATOM   974  O OE1 . GLN A 1 126 ? 4.431   3.602   -10.823 1.00 33.59 ? 275 GLN A OE1 1 
ATOM   975  N NE2 . GLN A 1 126 ? 4.190   5.619   -11.776 1.00 34.23 ? 275 GLN A NE2 1 
ATOM   976  N N   . PRO A 1 127 ? 4.871   8.394   -10.787 1.00 18.84 ? 276 PRO A N   1 
ATOM   977  C CA  . PRO A 1 127 ? 6.190   8.517   -11.419 1.00 18.46 ? 276 PRO A CA  1 
ATOM   978  C C   . PRO A 1 127 ? 7.325   8.877   -10.456 1.00 17.12 ? 276 PRO A C   1 
ATOM   979  O O   . PRO A 1 127 ? 8.482   8.513   -10.683 1.00 17.15 ? 276 PRO A O   1 
ATOM   980  C CB  . PRO A 1 127 ? 5.965   9.604   -12.467 1.00 23.67 ? 276 PRO A CB  1 
ATOM   981  C CG  . PRO A 1 127 ? 4.545   9.379   -12.867 1.00 22.96 ? 276 PRO A CG  1 
ATOM   982  C CD  . PRO A 1 127 ? 3.868   9.178   -11.530 1.00 23.05 ? 276 PRO A CD  1 
ATOM   983  N N   . ASP A 1 128 ? 6.992   9.590   -9.383  1.00 16.09 ? 277 ASP A N   1 
ATOM   984  C CA  . ASP A 1 128 ? 7.983   10.003  -8.395  1.00 15.43 ? 277 ASP A CA  1 
ATOM   985  C C   . ASP A 1 128 ? 8.062   9.062   -7.201  1.00 13.69 ? 277 ASP A C   1 
ATOM   986  O O   . ASP A 1 128 ? 8.807   9.318   -6.253  1.00 12.57 ? 277 ASP A O   1 
ATOM   987  C CB  . ASP A 1 128 ? 7.681   11.422  -7.905  1.00 19.54 ? 277 ASP A CB  1 
ATOM   988  C CG  . ASP A 1 128 ? 7.823   12.458  -8.999  1.00 21.27 ? 277 ASP A CG  1 
ATOM   989  O OD1 . ASP A 1 128 ? 8.893   12.502  -9.639  1.00 20.58 ? 277 ASP A OD1 1 
ATOM   990  O OD2 . ASP A 1 128 ? 6.867   13.234  -9.214  1.00 23.11 ? 277 ASP A OD2 1 
ATOM   991  N N   . LEU A 1 129 ? 7.284   7.983   -7.245  1.00 13.37 ? 278 LEU A N   1 
ATOM   992  C CA  . LEU A 1 129 ? 7.275   6.991   -6.175  1.00 13.95 ? 278 LEU A CA  1 
ATOM   993  C C   . LEU A 1 129 ? 8.166   5.840   -6.581  1.00 14.02 ? 278 LEU A C   1 
ATOM   994  O O   . LEU A 1 129 ? 7.922   5.187   -7.595  1.00 15.08 ? 278 LEU A O   1 
ATOM   995  C CB  . LEU A 1 129 ? 5.866   6.443   -5.937  1.00 18.08 ? 278 LEU A CB  1 
ATOM   996  C CG  . LEU A 1 129 ? 4.855   7.245   -5.127  1.00 17.64 ? 278 LEU A CG  1 
ATOM   997  C CD1 . LEU A 1 129 ? 3.567   6.437   -5.021  1.00 17.49 ? 278 LEU A CD1 1 
ATOM   998  C CD2 . LEU A 1 129 ? 5.410   7.544   -3.747  1.00 14.34 ? 278 LEU A CD2 1 
ATOM   999  N N   . HIS A 1 130 ? 9.193   5.580   -5.787  1.00 12.97 ? 279 HIS A N   1 
ATOM   1000 C CA  . HIS A 1 130 ? 10.107  4.496   -6.096  1.00 12.90 ? 279 HIS A CA  1 
ATOM   1001 C C   . HIS A 1 130 ? 10.990  4.197   -4.900  1.00 11.72 ? 279 HIS A C   1 
ATOM   1002 O O   . HIS A 1 130 ? 11.184  5.044   -4.024  1.00 12.18 ? 279 HIS A O   1 
ATOM   1003 C CB  . HIS A 1 130 ? 11.002  4.886   -7.268  1.00 17.45 ? 279 HIS A CB  1 
ATOM   1004 C CG  . HIS A 1 130 ? 11.896  6.047   -6.970  1.00 19.20 ? 279 HIS A CG  1 
ATOM   1005 N ND1 . HIS A 1 130 ? 11.422  7.335   -6.845  1.00 22.85 ? 279 HIS A ND1 1 
ATOM   1006 C CD2 . HIS A 1 130 ? 13.224  6.109   -6.718  1.00 21.19 ? 279 HIS A CD2 1 
ATOM   1007 C CE1 . HIS A 1 130 ? 12.421  8.138   -6.528  1.00 21.62 ? 279 HIS A CE1 1 
ATOM   1008 N NE2 . HIS A 1 130 ? 13.525  7.420   -6.444  1.00 22.03 ? 279 HIS A NE2 1 
ATOM   1009 N N   . THR A 1 131 ? 11.518  2.981   -4.862  1.00 11.89 ? 280 THR A N   1 
ATOM   1010 C CA  . THR A 1 131 ? 12.424  2.605   -3.793  1.00 13.04 ? 280 THR A CA  1 
ATOM   1011 C C   . THR A 1 131 ? 13.773  3.155   -4.234  1.00 13.48 ? 280 THR A C   1 
ATOM   1012 O O   . THR A 1 131 ? 14.010  3.340   -5.432  1.00 15.49 ? 280 THR A O   1 
ATOM   1013 C CB  . THR A 1 131 ? 12.513  1.074   -3.632  1.00 11.76 ? 280 THR A CB  1 
ATOM   1014 O OG1 . THR A 1 131 ? 12.873  0.480   -4.885  1.00 13.32 ? 280 THR A OG1 1 
ATOM   1015 C CG2 . THR A 1 131 ? 11.177  0.512   -3.161  1.00 11.22 ? 280 THR A CG2 1 
ATOM   1016 N N   . ASN A 1 132 ? 14.651  3.443   -3.281  1.00 12.65 ? 281 ASN A N   1 
ATOM   1017 C CA  . ASN A 1 132 ? 15.959  3.972   -3.638  1.00 15.54 ? 281 ASN A CA  1 
ATOM   1018 C C   . ASN A 1 132 ? 17.010  2.875   -3.736  1.00 17.73 ? 281 ASN A C   1 
ATOM   1019 O O   . ASN A 1 132 ? 16.690  1.686   -3.757  1.00 16.40 ? 281 ASN A O   1 
ATOM   1020 C CB  . ASN A 1 132 ? 16.411  5.041   -2.634  1.00 17.37 ? 281 ASN A CB  1 
ATOM   1021 C CG  . ASN A 1 132 ? 16.478  4.523   -1.214  1.00 16.52 ? 281 ASN A CG  1 
ATOM   1022 O OD1 . ASN A 1 132 ? 16.670  3.329   -0.981  1.00 14.75 ? 281 ASN A OD1 1 
ATOM   1023 N ND2 . ASN A 1 132 ? 16.340  5.426   -0.251  1.00 17.19 ? 281 ASN A ND2 1 
ATOM   1024 N N   . ASP A 1 133 ? 18.269  3.294   -3.795  1.00 18.87 ? 282 ASP A N   1 
ATOM   1025 C CA  . ASP A 1 133 ? 19.399  2.380   -3.909  1.00 23.64 ? 282 ASP A CA  1 
ATOM   1026 C C   . ASP A 1 133 ? 19.450  1.329   -2.803  1.00 23.21 ? 282 ASP A C   1 
ATOM   1027 O O   . ASP A 1 133 ? 20.027  0.256   -2.986  1.00 24.53 ? 282 ASP A O   1 
ATOM   1028 C CB  . ASP A 1 133 ? 20.702  3.183   -3.910  1.00 36.50 ? 282 ASP A CB  1 
ATOM   1029 C CG  . ASP A 1 133 ? 21.929  2.301   -3.987  1.00 41.82 ? 282 ASP A CG  1 
ATOM   1030 O OD1 . ASP A 1 133 ? 22.079  1.580   -4.996  1.00 46.32 ? 282 ASP A OD1 1 
ATOM   1031 O OD2 . ASP A 1 133 ? 22.742  2.328   -3.038  1.00 46.85 ? 282 ASP A OD2 1 
ATOM   1032 N N   . GLU A 1 134 ? 18.843  1.634   -1.662  1.00 22.99 ? 283 GLU A N   1 
ATOM   1033 C CA  . GLU A 1 134 ? 18.846  0.710   -0.532  1.00 21.08 ? 283 GLU A CA  1 
ATOM   1034 C C   . GLU A 1 134 ? 17.492  0.048   -0.291  1.00 17.21 ? 283 GLU A C   1 
ATOM   1035 O O   . GLU A 1 134 ? 17.242  -0.493  0.788   1.00 17.21 ? 283 GLU A O   1 
ATOM   1036 C CB  . GLU A 1 134 ? 19.304  1.444   0.729   1.00 28.52 ? 283 GLU A CB  1 
ATOM   1037 C CG  . GLU A 1 134 ? 20.682  2.072   0.588   1.00 35.91 ? 283 GLU A CG  1 
ATOM   1038 C CD  . GLU A 1 134 ? 21.107  2.841   1.821   1.00 40.29 ? 283 GLU A CD  1 
ATOM   1039 O OE1 . GLU A 1 134 ? 20.378  3.774   2.218   1.00 43.43 ? 283 GLU A OE1 1 
ATOM   1040 O OE2 . GLU A 1 134 ? 22.170  2.513   2.389   1.00 44.15 ? 283 GLU A OE2 1 
ATOM   1041 N N   . CYS A 1 135 ? 16.627  0.094   -1.302  1.00 16.18 ? 284 CYS A N   1 
ATOM   1042 C CA  . CYS A 1 135 ? 15.297  -0.514  -1.239  1.00 13.73 ? 284 CYS A CA  1 
ATOM   1043 C C   . CYS A 1 135 ? 14.288  0.207   -0.349  1.00 12.20 ? 284 CYS A C   1 
ATOM   1044 O O   . CYS A 1 135 ? 13.187  -0.304  -0.112  1.00 12.56 ? 284 CYS A O   1 
ATOM   1045 C CB  . CYS A 1 135 ? 15.400  -1.971  -0.789  1.00 13.32 ? 284 CYS A CB  1 
ATOM   1046 S SG  . CYS A 1 135 ? 16.360  -3.028  -1.888  1.00 16.69 ? 284 CYS A SG  1 
ATOM   1047 N N   . VAL A 1 136 ? 14.654  1.384   0.144   1.00 12.24 ? 285 VAL A N   1 
ATOM   1048 C CA  . VAL A 1 136 ? 13.755  2.159   0.989   1.00 12.16 ? 285 VAL A CA  1 
ATOM   1049 C C   . VAL A 1 136 ? 12.732  2.852   0.093   1.00 10.50 ? 285 VAL A C   1 
ATOM   1050 O O   . VAL A 1 136 ? 13.094  3.437   -0.932  1.00 10.00 ? 285 VAL A O   1 
ATOM   1051 C CB  . VAL A 1 136 ? 14.537  3.221   1.791   1.00 13.80 ? 285 VAL A CB  1 
ATOM   1052 C CG1 . VAL A 1 136 ? 13.574  4.120   2.547   1.00 12.73 ? 285 VAL A CG1 1 
ATOM   1053 C CG2 . VAL A 1 136 ? 15.494  2.543   2.758   1.00 15.87 ? 285 VAL A CG2 1 
ATOM   1054 N N   . ALA A 1 137 ? 11.457  2.787   0.475   1.00 9.73  ? 286 ALA A N   1 
ATOM   1055 C CA  . ALA A 1 137 ? 10.404  3.412   -0.314  1.00 9.34  ? 286 ALA A CA  1 
ATOM   1056 C C   . ALA A 1 137 ? 10.493  4.924   -0.166  1.00 9.71  ? 286 ALA A C   1 
ATOM   1057 O O   . ALA A 1 137 ? 10.643  5.431   0.948   1.00 9.15  ? 286 ALA A O   1 
ATOM   1058 C CB  . ALA A 1 137 ? 9.040   2.923   0.146   1.00 9.17  ? 286 ALA A CB  1 
ATOM   1059 N N   . THR A 1 138 ? 10.399  5.641   -1.283  1.00 9.34  ? 287 THR A N   1 
ATOM   1060 C CA  . THR A 1 138 ? 10.476  7.100   -1.250  1.00 9.60  ? 287 THR A CA  1 
ATOM   1061 C C   . THR A 1 138 ? 9.537   7.789   -2.223  1.00 8.89  ? 287 THR A C   1 
ATOM   1062 O O   . THR A 1 138 ? 9.010   7.180   -3.156  1.00 9.65  ? 287 THR A O   1 
ATOM   1063 C CB  . THR A 1 138 ? 11.892  7.639   -1.623  1.00 10.27 ? 287 THR A CB  1 
ATOM   1064 O OG1 . THR A 1 138 ? 12.050  7.623   -3.052  1.00 11.53 ? 287 THR A OG1 1 
ATOM   1065 C CG2 . THR A 1 138 ? 12.987  6.805   -0.980  1.00 11.39 ? 287 THR A CG2 1 
ATOM   1066 N N   . TYR A 1 139 ? 9.330   9.074   -1.961  1.00 10.49 ? 288 TYR A N   1 
ATOM   1067 C CA  . TYR A 1 139 ? 8.571   9.936   -2.844  1.00 9.63  ? 288 TYR A CA  1 
ATOM   1068 C C   . TYR A 1 139 ? 9.595   11.045  -3.094  1.00 8.78  ? 288 TYR A C   1 
ATOM   1069 O O   . TYR A 1 139 ? 9.987   11.757  -2.165  1.00 9.49  ? 288 TYR A O   1 
ATOM   1070 C CB  . TYR A 1 139 ? 7.336   10.529  -2.173  1.00 10.15 ? 288 TYR A CB  1 
ATOM   1071 C CG  . TYR A 1 139 ? 6.690   11.590  -3.032  1.00 12.45 ? 288 TYR A CG  1 
ATOM   1072 C CD1 . TYR A 1 139 ? 6.074   11.261  -4.237  1.00 13.96 ? 288 TYR A CD1 1 
ATOM   1073 C CD2 . TYR A 1 139 ? 6.741   12.933  -2.663  1.00 13.10 ? 288 TYR A CD2 1 
ATOM   1074 C CE1 . TYR A 1 139 ? 5.524   12.247  -5.057  1.00 15.00 ? 288 TYR A CE1 1 
ATOM   1075 C CE2 . TYR A 1 139 ? 6.195   13.923  -3.471  1.00 13.73 ? 288 TYR A CE2 1 
ATOM   1076 C CZ  . TYR A 1 139 ? 5.590   13.575  -4.663  1.00 14.58 ? 288 TYR A CZ  1 
ATOM   1077 O OH  . TYR A 1 139 ? 5.048   14.561  -5.454  1.00 18.06 ? 288 TYR A OH  1 
ATOM   1078 N N   . LYS A 1 140 ? 10.047  11.172  -4.336  1.00 9.75  ? 289 LYS A N   1 
ATOM   1079 C CA  . LYS A 1 140 ? 11.047  12.174  -4.676  1.00 10.32 ? 289 LYS A CA  1 
ATOM   1080 C C   . LYS A 1 140 ? 12.294  12.055  -3.798  1.00 11.25 ? 289 LYS A C   1 
ATOM   1081 O O   . LYS A 1 140 ? 12.930  13.050  -3.457  1.00 11.29 ? 289 LYS A O   1 
ATOM   1082 C CB  . LYS A 1 140 ? 10.455  13.581  -4.576  1.00 12.14 ? 289 LYS A CB  1 
ATOM   1083 C CG  . LYS A 1 140 ? 9.456   13.895  -5.680  1.00 14.65 ? 289 LYS A CG  1 
ATOM   1084 C CD  . LYS A 1 140 ? 8.912   15.311  -5.562  1.00 16.27 ? 289 LYS A CD  1 
ATOM   1085 C CE  . LYS A 1 140 ? 10.004  16.350  -5.740  1.00 17.66 ? 289 LYS A CE  1 
ATOM   1086 N NZ  . LYS A 1 140 ? 10.624  16.271  -7.090  1.00 20.64 ? 289 LYS A NZ  1 
ATOM   1087 N N   . GLY A 1 141 ? 12.643  10.826  -3.437  1.00 10.54 ? 290 GLY A N   1 
ATOM   1088 C CA  . GLY A 1 141 ? 13.831  10.614  -2.630  1.00 10.91 ? 290 GLY A CA  1 
ATOM   1089 C C   . GLY A 1 141 ? 13.635  10.749  -1.138  1.00 9.76  ? 290 GLY A C   1 
ATOM   1090 O O   . GLY A 1 141 ? 14.553  10.451  -0.375  1.00 12.47 ? 290 GLY A O   1 
ATOM   1091 N N   . VAL A 1 142 ? 12.462  11.209  -0.717  1.00 9.24  ? 291 VAL A N   1 
ATOM   1092 C CA  . VAL A 1 142 ? 12.170  11.355  0.705   1.00 10.13 ? 291 VAL A CA  1 
ATOM   1093 C C   . VAL A 1 142 ? 11.557  10.036  1.174   1.00 9.97  ? 291 VAL A C   1 
ATOM   1094 O O   . VAL A 1 142 ? 10.524  9.606   0.669   1.00 9.53  ? 291 VAL A O   1 
ATOM   1095 C CB  . VAL A 1 142 ? 11.181  12.507  0.948   1.00 11.46 ? 291 VAL A CB  1 
ATOM   1096 C CG1 . VAL A 1 142 ? 10.956  12.694  2.437   1.00 14.12 ? 291 VAL A CG1 1 
ATOM   1097 C CG2 . VAL A 1 142 ? 11.717  13.789  0.319   1.00 13.62 ? 291 VAL A CG2 1 
ATOM   1098 N N   . PRO A 1 143 ? 12.193  9.371   2.143   1.00 10.70 ? 292 PRO A N   1 
ATOM   1099 C CA  . PRO A 1 143 ? 11.672  8.092   2.637   1.00 10.16 ? 292 PRO A CA  1 
ATOM   1100 C C   . PRO A 1 143 ? 10.282  8.075   3.268   1.00 9.36  ? 292 PRO A C   1 
ATOM   1101 O O   . PRO A 1 143 ? 9.862   9.035   3.925   1.00 11.30 ? 292 PRO A O   1 
ATOM   1102 C CB  . PRO A 1 143 ? 12.733  7.651   3.647   1.00 13.17 ? 292 PRO A CB  1 
ATOM   1103 C CG  . PRO A 1 143 ? 13.985  8.310   3.147   1.00 16.03 ? 292 PRO A CG  1 
ATOM   1104 C CD  . PRO A 1 143 ? 13.495  9.679   2.759   1.00 15.29 ? 292 PRO A CD  1 
ATOM   1105 N N   . PHE A 1 144 ? 9.582   6.965   3.038   1.00 9.14  ? 293 PHE A N   1 
ATOM   1106 C CA  . PHE A 1 144 ? 8.280   6.696   3.641   1.00 8.88  ? 293 PHE A CA  1 
ATOM   1107 C C   . PHE A 1 144 ? 8.682   6.419   5.087   1.00 9.88  ? 293 PHE A C   1 
ATOM   1108 O O   . PHE A 1 144 ? 9.479   5.514   5.338   1.00 12.50 ? 293 PHE A O   1 
ATOM   1109 C CB  . PHE A 1 144 ? 7.698   5.385   3.115   1.00 9.88  ? 293 PHE A CB  1 
ATOM   1110 C CG  . PHE A 1 144 ? 6.907   5.495   1.840   1.00 9.43  ? 293 PHE A CG  1 
ATOM   1111 C CD1 . PHE A 1 144 ? 7.269   6.359   0.812   1.00 9.73  ? 293 PHE A CD1 1 
ATOM   1112 C CD2 . PHE A 1 144 ? 5.820   4.652   1.650   1.00 11.19 ? 293 PHE A CD2 1 
ATOM   1113 C CE1 . PHE A 1 144 ? 6.551   6.369   -0.392  1.00 10.20 ? 293 PHE A CE1 1 
ATOM   1114 C CE2 . PHE A 1 144 ? 5.103   4.651   0.460   1.00 12.35 ? 293 PHE A CE2 1 
ATOM   1115 C CZ  . PHE A 1 144 ? 5.466   5.511   -0.564  1.00 12.21 ? 293 PHE A CZ  1 
ATOM   1116 N N   . GLU A 1 145 ? 8.136   7.163   6.037   1.00 10.95 ? 294 GLU A N   1 
ATOM   1117 C CA  . GLU A 1 145 ? 8.495   6.943   7.424   1.00 13.22 ? 294 GLU A CA  1 
ATOM   1118 C C   . GLU A 1 145 ? 7.291   6.888   8.352   1.00 11.21 ? 294 GLU A C   1 
ATOM   1119 O O   . GLU A 1 145 ? 6.272   7.536   8.109   1.00 10.58 ? 294 GLU A O   1 
ATOM   1120 C CB  . GLU A 1 145 ? 9.461   8.050   7.860   1.00 21.67 ? 294 GLU A CB  1 
ATOM   1121 C CG  . GLU A 1 145 ? 9.684   8.199   9.355   1.00 27.86 ? 294 GLU A CG  1 
ATOM   1122 C CD  . GLU A 1 145 ? 10.696  9.287   9.672   1.00 32.48 ? 294 GLU A CD  1 
ATOM   1123 O OE1 . GLU A 1 145 ? 10.796  10.250  8.882   1.00 35.24 ? 294 GLU A OE1 1 
ATOM   1124 O OE2 . GLU A 1 145 ? 11.382  9.189   10.712  1.00 35.56 ? 294 GLU A OE2 1 
ATOM   1125 N N   . VAL A 1 146 ? 7.404   6.056   9.382   1.00 10.86 ? 295 VAL A N   1 
ATOM   1126 C CA  . VAL A 1 146 ? 6.381   5.958   10.412  1.00 10.45 ? 295 VAL A CA  1 
ATOM   1127 C C   . VAL A 1 146 ? 7.069   6.709   11.542  1.00 10.86 ? 295 VAL A C   1 
ATOM   1128 O O   . VAL A 1 146 ? 8.139   6.309   12.003  1.00 9.77  ? 295 VAL A O   1 
ATOM   1129 C CB  . VAL A 1 146 ? 6.109   4.501   10.835  1.00 11.51 ? 295 VAL A CB  1 
ATOM   1130 C CG1 . VAL A 1 146 ? 5.203   4.474   12.066  1.00 14.45 ? 295 VAL A CG1 1 
ATOM   1131 C CG2 . VAL A 1 146 ? 5.439   3.756   9.694   1.00 13.04 ? 295 VAL A CG2 1 
ATOM   1132 N N   . LYS A 1 147 ? 6.468   7.818   11.954  1.00 11.81 ? 296 LYS A N   1 
ATOM   1133 C CA  . LYS A 1 147 ? 7.024   8.670   12.997  1.00 14.97 ? 296 LYS A CA  1 
ATOM   1134 C C   . LYS A 1 147 ? 7.496   7.914   14.230  1.00 14.01 ? 296 LYS A C   1 
ATOM   1135 O O   . LYS A 1 147 ? 6.730   7.181   14.852  1.00 13.59 ? 296 LYS A O   1 
ATOM   1136 C CB  . LYS A 1 147 ? 5.993   9.727   13.395  1.00 18.48 ? 296 LYS A CB  1 
ATOM   1137 C CG  . LYS A 1 147 ? 5.519   10.587  12.231  1.00 24.64 ? 296 LYS A CG  1 
ATOM   1138 C CD  . LYS A 1 147 ? 4.462   11.588  12.668  1.00 30.75 ? 296 LYS A CD  1 
ATOM   1139 C CE  . LYS A 1 147 ? 3.971   12.421  11.491  1.00 34.63 ? 296 LYS A CE  1 
ATOM   1140 N NZ  . LYS A 1 147 ? 2.966   13.439  11.912  1.00 37.44 ? 296 LYS A NZ  1 
ATOM   1141 N N   . GLY A 1 148 ? 8.771   8.093   14.562  1.00 15.18 ? 297 GLY A N   1 
ATOM   1142 C CA  . GLY A 1 148 ? 9.347   7.447   15.726  1.00 15.34 ? 297 GLY A CA  1 
ATOM   1143 C C   . GLY A 1 148 ? 9.590   5.954   15.611  1.00 14.49 ? 297 GLY A C   1 
ATOM   1144 O O   . GLY A 1 148 ? 9.885   5.301   16.615  1.00 15.71 ? 297 GLY A O   1 
ATOM   1145 N N   . LYS A 1 149 ? 9.481   5.400   14.406  1.00 11.83 ? 298 LYS A N   1 
ATOM   1146 C CA  . LYS A 1 149 ? 9.695   3.966   14.237  1.00 11.14 ? 298 LYS A CA  1 
ATOM   1147 C C   . LYS A 1 149 ? 10.706  3.609   13.157  1.00 10.20 ? 298 LYS A C   1 
ATOM   1148 O O   . LYS A 1 149 ? 11.457  2.649   13.304  1.00 11.72 ? 298 LYS A O   1 
ATOM   1149 C CB  . LYS A 1 149 ? 8.364   3.266   13.944  1.00 10.87 ? 298 LYS A CB  1 
ATOM   1150 C CG  . LYS A 1 149 ? 7.345   3.375   15.069  1.00 13.25 ? 298 LYS A CG  1 
ATOM   1151 C CD  . LYS A 1 149 ? 7.849   2.718   16.347  1.00 17.19 ? 298 LYS A CD  1 
ATOM   1152 C CE  . LYS A 1 149 ? 6.825   2.836   17.464  1.00 19.20 ? 298 LYS A CE  1 
ATOM   1153 N NZ  . LYS A 1 149 ? 7.319   2.256   18.746  1.00 23.72 ? 298 LYS A NZ  1 
ATOM   1154 N N   . GLY A 1 150 ? 10.713  4.360   12.064  1.00 11.10 ? 299 GLY A N   1 
ATOM   1155 C CA  . GLY A 1 150 ? 11.663  4.075   11.003  1.00 10.83 ? 299 GLY A CA  1 
ATOM   1156 C C   . GLY A 1 150 ? 11.085  4.197   9.608   1.00 10.04 ? 299 GLY A C   1 
ATOM   1157 O O   . GLY A 1 150 ? 9.980   4.716   9.422   1.00 11.85 ? 299 GLY A O   1 
ATOM   1158 N N   . VAL A 1 151 ? 11.833  3.709   8.625   1.00 9.66  ? 300 VAL A N   1 
ATOM   1159 C CA  . VAL A 1 151 ? 11.394  3.789   7.242   1.00 10.34 ? 300 VAL A CA  1 
ATOM   1160 C C   . VAL A 1 151 ? 10.786  2.491   6.737   1.00 9.81  ? 300 VAL A C   1 
ATOM   1161 O O   . VAL A 1 151 ? 10.970  1.424   7.325   1.00 10.62 ? 300 VAL A O   1 
ATOM   1162 C CB  . VAL A 1 151 ? 12.563  4.188   6.306   1.00 14.62 ? 300 VAL A CB  1 
ATOM   1163 C CG1 . VAL A 1 151 ? 13.121  5.541   6.721   1.00 17.46 ? 300 VAL A CG1 1 
ATOM   1164 C CG2 . VAL A 1 151 ? 13.656  3.131   6.345   1.00 16.07 ? 300 VAL A CG2 1 
ATOM   1165 N N   . CYS A 1 152 ? 10.049  2.602   5.636   1.00 8.93  ? 301 CYS A N   1 
ATOM   1166 C CA  . CYS A 1 152 ? 9.403   1.461   4.998   1.00 8.82  ? 301 CYS A CA  1 
ATOM   1167 C C   . CYS A 1 152 ? 10.304  1.019   3.856   1.00 8.79  ? 301 CYS A C   1 
ATOM   1168 O O   . CYS A 1 152 ? 10.944  1.853   3.208   1.00 10.12 ? 301 CYS A O   1 
ATOM   1169 C CB  . CYS A 1 152 ? 8.044   1.871   4.433   1.00 8.77  ? 301 CYS A CB  1 
ATOM   1170 S SG  . CYS A 1 152 ? 6.889   2.495   5.669   1.00 9.47  ? 301 CYS A SG  1 
ATOM   1171 N N   . ARG A 1 153 ? 10.353  -0.275  3.581   1.00 8.32  ? 302 ARG A N   1 
ATOM   1172 C CA  . ARG A 1 153 ? 11.225  -0.736  2.517   1.00 10.43 ? 302 ARG A CA  1 
ATOM   1173 C C   . ARG A 1 153 ? 10.842  -2.061  1.899   1.00 10.09 ? 302 ARG A C   1 
ATOM   1174 O O   . ARG A 1 153 ? 10.087  -2.845  2.477   1.00 10.19 ? 302 ARG A O   1 
ATOM   1175 C CB  . ARG A 1 153 ? 12.659  -0.832  3.035   1.00 16.97 ? 302 ARG A CB  1 
ATOM   1176 C CG  . ARG A 1 153 ? 12.862  -1.896  4.101   1.00 21.40 ? 302 ARG A CG  1 
ATOM   1177 C CD  . ARG A 1 153 ? 14.311  -1.933  4.548   1.00 28.89 ? 302 ARG A CD  1 
ATOM   1178 N NE  . ARG A 1 153 ? 14.707  -0.676  5.172   1.00 35.00 ? 302 ARG A NE  1 
ATOM   1179 C CZ  . ARG A 1 153 ? 15.966  -0.321  5.400   1.00 37.94 ? 302 ARG A CZ  1 
ATOM   1180 N NH1 . ARG A 1 153 ? 16.957  -1.130  5.054   1.00 39.68 ? 302 ARG A NH1 1 
ATOM   1181 N NH2 . ARG A 1 153 ? 16.235  0.843   5.975   1.00 39.83 ? 302 ARG A NH2 1 
ATOM   1182 N N   . ALA A 1 154 ? 11.363  -2.284  0.698   1.00 9.56  ? 303 ALA A N   1 
ATOM   1183 C CA  . ALA A 1 154 ? 11.150  -3.529  -0.021  1.00 10.64 ? 303 ALA A CA  1 
ATOM   1184 C C   . ALA A 1 154 ? 12.278  -4.448  0.426   1.00 11.73 ? 303 ALA A C   1 
ATOM   1185 O O   . ALA A 1 154 ? 13.273  -3.985  0.980   1.00 13.97 ? 303 ALA A O   1 
ATOM   1186 C CB  . ALA A 1 154 ? 11.232  -3.301  -1.523  1.00 11.03 ? 303 ALA A CB  1 
ATOM   1187 N N   . GLN A 1 155 ? 12.136  -5.743  0.174   1.00 12.76 ? 304 GLN A N   1 
ATOM   1188 C CA  . GLN A 1 155 ? 13.161  -6.698  0.579   1.00 14.66 ? 304 GLN A CA  1 
ATOM   1189 C C   . GLN A 1 155 ? 14.398  -6.700  -0.314  1.00 14.89 ? 304 GLN A C   1 
ATOM   1190 O O   . GLN A 1 155 ? 15.523  -6.698  0.189   1.00 15.34 ? 304 GLN A O   1 
ATOM   1191 C CB  . GLN A 1 155 ? 12.581  -8.114  0.633   1.00 19.59 ? 304 GLN A CB  1 
ATOM   1192 C CG  . GLN A 1 155 ? 11.307  -8.243  1.454   1.00 24.75 ? 304 GLN A CG  1 
ATOM   1193 C CD  . GLN A 1 155 ? 10.058  -7.975  0.636   1.00 26.54 ? 304 GLN A CD  1 
ATOM   1194 O OE1 . GLN A 1 155 ? 9.702   -8.757  -0.245  1.00 29.28 ? 304 GLN A OE1 1 
ATOM   1195 N NE2 . GLN A 1 155 ? 9.392   -6.863  0.917   1.00 28.07 ? 304 GLN A NE2 1 
ATOM   1196 N N   . THR A 1 156 ? 14.197  -6.698  -1.629  1.00 14.44 ? 305 THR A N   1 
ATOM   1197 C CA  . THR A 1 156 ? 15.320  -6.734  -2.562  1.00 15.43 ? 305 THR A CA  1 
ATOM   1198 C C   . THR A 1 156 ? 15.203  -5.790  -3.755  1.00 15.41 ? 305 THR A C   1 
ATOM   1199 O O   . THR A 1 156 ? 16.192  -5.523  -4.435  1.00 15.73 ? 305 THR A O   1 
ATOM   1200 C CB  . THR A 1 156 ? 15.517  -8.151  -3.135  1.00 17.48 ? 305 THR A CB  1 
ATOM   1201 O OG1 . THR A 1 156 ? 14.448  -8.449  -4.042  1.00 18.90 ? 305 THR A OG1 1 
ATOM   1202 C CG2 . THR A 1 156 ? 15.522  -9.184  -2.016  1.00 19.00 ? 305 THR A CG2 1 
ATOM   1203 N N   . MET A 1 157 ? 14.002  -5.287  -4.012  1.00 13.77 ? 306 MET A N   1 
ATOM   1204 C CA  . MET A 1 157 ? 13.792  -4.407  -5.155  1.00 13.63 ? 306 MET A CA  1 
ATOM   1205 C C   . MET A 1 157 ? 14.232  -2.965  -4.932  1.00 13.56 ? 306 MET A C   1 
ATOM   1206 O O   . MET A 1 157 ? 13.531  -2.171  -4.299  1.00 15.44 ? 306 MET A O   1 
ATOM   1207 C CB  . MET A 1 157 ? 12.324  -4.467  -5.578  1.00 13.76 ? 306 MET A CB  1 
ATOM   1208 C CG  . MET A 1 157 ? 11.912  -5.859  -6.049  1.00 14.42 ? 306 MET A CG  1 
ATOM   1209 S SD  . MET A 1 157 ? 10.197  -6.000  -6.571  1.00 14.61 ? 306 MET A SD  1 
ATOM   1210 C CE  . MET A 1 157 ? 10.288  -5.273  -8.203  1.00 16.38 ? 306 MET A CE  1 
ATOM   1211 N N   . SER A 1 158 ? 15.408  -2.638  -5.463  1.00 14.01 ? 307 SER A N   1 
ATOM   1212 C CA  . SER A 1 158 ? 15.969  -1.298  -5.353  1.00 15.74 ? 307 SER A CA  1 
ATOM   1213 C C   . SER A 1 158 ? 15.669  -0.504  -6.622  1.00 16.02 ? 307 SER A C   1 
ATOM   1214 O O   . SER A 1 158 ? 15.507  -1.079  -7.700  1.00 16.54 ? 307 SER A O   1 
ATOM   1215 C CB  . SER A 1 158 ? 17.481  -1.381  -5.133  1.00 20.80 ? 307 SER A CB  1 
ATOM   1216 O OG  . SER A 1 158 ? 18.104  -2.134  -6.158  1.00 23.46 ? 307 SER A OG  1 
ATOM   1217 N N   . ASN A 1 159 ? 15.583  0.816   -6.485  1.00 15.96 ? 308 ASN A N   1 
ATOM   1218 C CA  . ASN A 1 159 ? 15.296  1.699   -7.613  1.00 16.47 ? 308 ASN A CA  1 
ATOM   1219 C C   . ASN A 1 159 ? 14.137  1.178   -8.459  1.00 15.75 ? 308 ASN A C   1 
ATOM   1220 O O   . ASN A 1 159 ? 14.176  1.235   -9.690  1.00 16.07 ? 308 ASN A O   1 
ATOM   1221 C CB  . ASN A 1 159 ? 16.545  1.861   -8.482  1.00 20.90 ? 308 ASN A CB  1 
ATOM   1222 C CG  . ASN A 1 159 ? 17.705  2.465   -7.721  1.00 23.47 ? 308 ASN A CG  1 
ATOM   1223 O OD1 . ASN A 1 159 ? 17.569  3.516   -7.096  1.00 25.59 ? 308 ASN A OD1 1 
ATOM   1224 N ND2 . ASN A 1 159 ? 18.855  1.805   -7.767  1.00 27.03 ? 308 ASN A ND2 1 
ATOM   1225 N N   . SER A 1 160 ? 13.101  0.686   -7.788  1.00 13.18 ? 309 SER A N   1 
ATOM   1226 C CA  . SER A 1 160 ? 11.934  0.140   -8.467  1.00 14.74 ? 309 SER A CA  1 
ATOM   1227 C C   . SER A 1 160 ? 10.712  1.018   -8.271  1.00 14.19 ? 309 SER A C   1 
ATOM   1228 O O   . SER A 1 160 ? 10.570  1.687   -7.246  1.00 15.73 ? 309 SER A O   1 
ATOM   1229 C CB  . SER A 1 160 ? 11.636  -1.265  -7.948  1.00 16.19 ? 309 SER A CB  1 
ATOM   1230 O OG  . SER A 1 160 ? 12.747  -2.120  -8.150  1.00 18.04 ? 309 SER A OG  1 
ATOM   1231 N N   . GLY A 1 161 ? 9.823   1.007   -9.254  1.00 14.38 ? 310 GLY A N   1 
ATOM   1232 C CA  . GLY A 1 161 ? 8.628   1.813   -9.151  1.00 13.59 ? 310 GLY A CA  1 
ATOM   1233 C C   . GLY A 1 161 ? 7.618   1.254   -8.168  1.00 13.70 ? 310 GLY A C   1 
ATOM   1234 O O   . GLY A 1 161 ? 7.600   0.059   -7.878  1.00 13.93 ? 310 GLY A O   1 
ATOM   1235 N N   . ILE A 1 162 ? 6.783   2.141   -7.643  1.00 12.90 ? 311 ILE A N   1 
ATOM   1236 C CA  . ILE A 1 162 ? 5.728   1.772   -6.712  1.00 13.70 ? 311 ILE A CA  1 
ATOM   1237 C C   . ILE A 1 162 ? 4.439   2.250   -7.380  1.00 14.75 ? 311 ILE A C   1 
ATOM   1238 O O   . ILE A 1 162 ? 4.213   3.454   -7.517  1.00 15.60 ? 311 ILE A O   1 
ATOM   1239 C CB  . ILE A 1 162 ? 5.910   2.483   -5.355  1.00 13.77 ? 311 ILE A CB  1 
ATOM   1240 C CG1 . ILE A 1 162 ? 7.212   2.022   -4.689  1.00 13.04 ? 311 ILE A CG1 1 
ATOM   1241 C CG2 . ILE A 1 162 ? 4.713   2.201   -4.458  1.00 13.72 ? 311 ILE A CG2 1 
ATOM   1242 C CD1 . ILE A 1 162 ? 7.623   2.854   -3.483  1.00 11.87 ? 311 ILE A CD1 1 
ATOM   1243 N N   . LYS A 1 163 ? 3.604   1.307   -7.803  1.00 16.67 ? 312 LYS A N   1 
ATOM   1244 C CA  . LYS A 1 163 ? 2.359   1.636   -8.488  1.00 18.06 ? 312 LYS A CA  1 
ATOM   1245 C C   . LYS A 1 163 ? 1.208   2.037   -7.574  1.00 18.16 ? 312 LYS A C   1 
ATOM   1246 O O   . LYS A 1 163 ? 1.125   1.608   -6.423  1.00 18.40 ? 312 LYS A O   1 
ATOM   1247 C CB  . LYS A 1 163 ? 1.921   0.461   -9.369  1.00 21.77 ? 312 LYS A CB  1 
ATOM   1248 C CG  . LYS A 1 163 ? 2.736   0.287   -10.649 1.00 26.60 ? 312 LYS A CG  1 
ATOM   1249 C CD  . LYS A 1 163 ? 4.220   0.123   -10.361 1.00 30.25 ? 312 LYS A CD  1 
ATOM   1250 C CE  . LYS A 1 163 ? 5.012   -0.151  -11.630 1.00 32.71 ? 312 LYS A CE  1 
ATOM   1251 N NZ  . LYS A 1 163 ? 6.467   -0.318  -11.345 1.00 33.01 ? 312 LYS A NZ  1 
ATOM   1252 N N   . LEU A 1 164 ? 0.321   2.871   -8.108  1.00 19.24 ? 313 LEU A N   1 
ATOM   1253 C CA  . LEU A 1 164 ? -0.845  3.344   -7.377  1.00 20.28 ? 313 LEU A CA  1 
ATOM   1254 C C   . LEU A 1 164 ? -2.108  2.866   -8.087  1.00 21.48 ? 313 LEU A C   1 
ATOM   1255 O O   . LEU A 1 164 ? -1.973  2.081   -9.048  1.00 22.49 ? 313 LEU A O   1 
ATOM   1256 C CB  . LEU A 1 164 ? -0.832  4.873   -7.294  1.00 17.46 ? 313 LEU A CB  1 
ATOM   1257 C CG  . LEU A 1 164 ? 0.338   5.504   -6.529  1.00 15.56 ? 313 LEU A CG  1 
ATOM   1258 C CD1 . LEU A 1 164 ? 0.236   7.018   -6.606  1.00 17.27 ? 313 LEU A CD1 1 
ATOM   1259 C CD2 . LEU A 1 164 ? 0.324   5.042   -5.076  1.00 14.43 ? 313 LEU A CD2 1 
HETATM 1260 O O   . HOH B 2 .   ? -3.821  -4.536  -2.933  1.00 9.28  ? 321 HOH A O   1 
HETATM 1261 O O   . HOH B 2 .   ? 2.782   -2.678  2.012   1.00 8.17  ? 322 HOH A O   1 
HETATM 1262 O O   . HOH B 2 .   ? -13.253 0.190   7.994   1.00 15.26 ? 323 HOH A O   1 
HETATM 1263 O O   . HOH B 2 .   ? 6.651   20.867  -0.777  1.00 16.06 ? 324 HOH A O   1 
HETATM 1264 O O   . HOH B 2 .   ? 5.393   -6.607  5.198   1.00 14.85 ? 325 HOH A O   1 
HETATM 1265 O O   . HOH B 2 .   ? 2.443   14.698  3.998   1.00 14.39 ? 326 HOH A O   1 
HETATM 1266 O O   . HOH B 2 .   ? 4.649   -8.251  9.073   1.00 15.92 ? 327 HOH A O   1 
HETATM 1267 O O   . HOH B 2 .   ? -7.475  -19.740 0.344   1.00 14.15 ? 328 HOH A O   1 
HETATM 1268 O O   . HOH B 2 .   ? 1.648   -0.688  -5.046  1.00 14.61 ? 329 HOH A O   1 
HETATM 1269 O O   . HOH B 2 .   ? -13.508 12.828  -4.942  1.00 15.96 ? 330 HOH A O   1 
HETATM 1270 O O   . HOH B 2 .   ? 11.116  0.759   15.058  1.00 17.10 ? 331 HOH A O   1 
HETATM 1271 O O   . HOH B 2 .   ? -4.975  0.677   15.735  1.00 14.14 ? 332 HOH A O   1 
HETATM 1272 O O   . HOH B 2 .   ? -6.165  17.075  -0.491  1.00 21.49 ? 333 HOH A O   1 
HETATM 1273 O O   . HOH B 2 .   ? -1.399  13.908  3.562   1.00 14.36 ? 334 HOH A O   1 
HETATM 1274 O O   . HOH B 2 .   ? -7.196  4.694   10.486  1.00 15.40 ? 335 HOH A O   1 
HETATM 1275 O O   . HOH B 2 .   ? -7.215  -22.388 -10.298 1.00 15.06 ? 336 HOH A O   1 
HETATM 1276 O O   . HOH B 2 .   ? 5.144   9.756   8.812   1.00 13.50 ? 337 HOH A O   1 
HETATM 1277 O O   . HOH B 2 .   ? 4.467   13.775  -7.842  1.00 20.21 ? 338 HOH A O   1 
HETATM 1278 O O   . HOH B 2 .   ? -10.155 -19.473 -5.620  1.00 15.08 ? 339 HOH A O   1 
HETATM 1279 O O   . HOH B 2 .   ? -0.516  9.756   3.989   1.00 14.50 ? 340 HOH A O   1 
HETATM 1280 O O   . HOH B 2 .   ? -0.286  8.599   12.622  1.00 19.05 ? 341 HOH A O   1 
HETATM 1281 O O   . HOH B 2 .   ? -8.616  10.561  3.247   1.00 18.97 ? 342 HOH A O   1 
HETATM 1282 O O   . HOH B 2 .   ? 7.766   -11.612 -4.844  1.00 18.56 ? 343 HOH A O   1 
HETATM 1283 O O   . HOH B 2 .   ? -9.645  -1.227  10.548  1.00 11.94 ? 344 HOH A O   1 
HETATM 1284 O O   . HOH B 2 .   ? -9.992  6.749   -6.798  1.00 21.27 ? 345 HOH A O   1 
HETATM 1285 O O   . HOH B 2 .   ? 16.314  8.313   -0.427  1.00 20.66 ? 346 HOH A O   1 
HETATM 1286 O O   . HOH B 2 .   ? -8.791  -1.073  14.474  1.00 14.28 ? 347 HOH A O   1 
HETATM 1287 O O   . HOH B 2 .   ? -6.215  -3.520  -3.972  1.00 14.41 ? 348 HOH A O   1 
HETATM 1288 O O   . HOH B 2 .   ? 7.150   -6.924  3.175   1.00 12.50 ? 349 HOH A O   1 
HETATM 1289 O O   . HOH B 2 .   ? -14.044 -11.072 2.980   1.00 24.57 ? 350 HOH A O   1 
HETATM 1290 O O   . HOH B 2 .   ? -11.095 -19.156 -1.136  1.00 20.16 ? 351 HOH A O   1 
HETATM 1291 O O   . HOH B 2 .   ? -3.210  -5.804  -6.846  1.00 22.80 ? 352 HOH A O   1 
HETATM 1292 O O   . HOH B 2 .   ? 1.183   16.310  5.930   1.00 16.44 ? 353 HOH A O   1 
HETATM 1293 O O   . HOH B 2 .   ? -11.574 6.187   3.273   1.00 23.29 ? 354 HOH A O   1 
HETATM 1294 O O   . HOH B 2 .   ? -10.409 -3.135  12.390  1.00 25.33 ? 355 HOH A O   1 
HETATM 1295 O O   . HOH B 2 .   ? -14.650 10.793  -6.209  1.00 20.99 ? 356 HOH A O   1 
HETATM 1296 O O   . HOH B 2 .   ? 3.773   -1.403  -7.460  1.00 15.90 ? 357 HOH A O   1 
HETATM 1297 O O   . HOH B 2 .   ? 12.664  2.471   -11.556 1.00 23.92 ? 358 HOH A O   1 
HETATM 1298 O O   . HOH B 2 .   ? -5.316  -2.154  15.868  1.00 17.91 ? 359 HOH A O   1 
HETATM 1299 O O   . HOH B 2 .   ? 6.528   -12.501 1.303   1.00 18.77 ? 360 HOH A O   1 
HETATM 1300 O O   . HOH B 2 .   ? -2.553  9.443   6.070   1.00 24.24 ? 361 HOH A O   1 
HETATM 1301 O O   . HOH B 2 .   ? 17.716  5.097   2.432   1.00 27.61 ? 362 HOH A O   1 
HETATM 1302 O O   . HOH B 2 .   ? 3.881   3.737   15.932  1.00 28.79 ? 363 HOH A O   1 
HETATM 1303 O O   . HOH B 2 .   ? 4.311   -6.338  -12.074 1.00 31.92 ? 364 HOH A O   1 
HETATM 1304 O O   . HOH B 2 .   ? -10.687 2.236   15.802  1.00 32.59 ? 365 HOH A O   1 
HETATM 1305 O O   . HOH B 2 .   ? 12.828  -2.581  -10.827 1.00 27.42 ? 366 HOH A O   1 
HETATM 1306 O O   . HOH B 2 .   ? -14.582 -20.890 -4.882  1.00 28.43 ? 367 HOH A O   1 
HETATM 1307 O O   . HOH B 2 .   ? -18.078 -17.944 -11.306 1.00 15.75 ? 368 HOH A O   1 
HETATM 1308 O O   . HOH B 2 .   ? -9.901  7.924   9.350   1.00 34.86 ? 369 HOH A O   1 
HETATM 1309 O O   . HOH B 2 .   ? 10.568  -1.149  -11.303 1.00 21.62 ? 370 HOH A O   1 
HETATM 1310 O O   . HOH B 2 .   ? 15.659  -3.823  2.341   1.00 23.26 ? 371 HOH A O   1 
HETATM 1311 O O   . HOH B 2 .   ? -8.646  13.803  -6.413  1.00 23.16 ? 372 HOH A O   1 
HETATM 1312 O O   . HOH B 2 .   ? 3.623   -21.913 1.197   1.00 23.57 ? 373 HOH A O   1 
HETATM 1313 O O   . HOH B 2 .   ? -16.547 0.954   0.978   1.00 28.42 ? 374 HOH A O   1 
HETATM 1314 O O   . HOH B 2 .   ? -2.410  -17.125 -10.760 1.00 35.54 ? 375 HOH A O   1 
HETATM 1315 O O   . HOH B 2 .   ? 9.906   -14.910 2.552   1.00 37.24 ? 376 HOH A O   1 
HETATM 1316 O O   . HOH B 2 .   ? 3.990   -3.759  15.384  1.00 15.16 ? 377 HOH A O   1 
HETATM 1317 O O   . HOH B 2 .   ? 4.682   2.332   19.629  1.00 37.76 ? 378 HOH A O   1 
HETATM 1318 O O   . HOH B 2 .   ? 2.760   20.303  0.242   1.00 28.11 ? 379 HOH A O   1 
HETATM 1319 O O   . HOH B 2 .   ? -6.619  10.239  7.016   1.00 27.05 ? 380 HOH A O   1 
HETATM 1320 O O   . HOH B 2 .   ? -11.334 -18.465 -10.457 1.00 16.94 ? 381 HOH A O   1 
HETATM 1321 O O   . HOH B 2 .   ? 6.940   4.398   -9.823  1.00 30.91 ? 382 HOH A O   1 
HETATM 1322 O O   . HOH B 2 .   ? -3.243  3.825   15.653  1.00 34.61 ? 383 HOH A O   1 
HETATM 1323 O O   . HOH B 2 .   ? 6.014   17.155  -6.255  1.00 21.35 ? 384 HOH A O   1 
HETATM 1324 O O   . HOH B 2 .   ? 11.180  -10.936 -1.487  1.00 22.83 ? 385 HOH A O   1 
HETATM 1325 O O   . HOH B 2 .   ? -0.592  -7.067  -8.703  1.00 34.84 ? 386 HOH A O   1 
HETATM 1326 O O   . HOH B 2 .   ? 4.217   -1.244  18.617  1.00 18.19 ? 387 HOH A O   1 
HETATM 1327 O O   . HOH B 2 .   ? 9.542   15.092  4.452   1.00 27.25 ? 388 HOH A O   1 
HETATM 1328 O O   . HOH B 2 .   ? 5.212   -16.372 -10.252 1.00 29.64 ? 389 HOH A O   1 
HETATM 1329 O O   . HOH B 2 .   ? 4.864   15.003  8.631   1.00 28.78 ? 390 HOH A O   1 
HETATM 1330 O O   . HOH B 2 .   ? 6.058   2.458   -12.472 1.00 37.74 ? 391 HOH A O   1 
HETATM 1331 O O   . HOH B 2 .   ? 5.170   5.716   -14.143 1.00 27.12 ? 392 HOH A O   1 
HETATM 1332 O O   . HOH B 2 .   ? -7.618  11.716  -8.588  1.00 18.64 ? 393 HOH A O   1 
HETATM 1333 O O   . HOH B 2 .   ? 10.471  9.834   13.234  1.00 31.90 ? 394 HOH A O   1 
HETATM 1334 O O   . HOH B 2 .   ? -13.622 3.916   12.331  1.00 27.56 ? 395 HOH A O   1 
HETATM 1335 O O   . HOH B 2 .   ? 3.569   7.850   11.422  1.00 21.59 ? 396 HOH A O   1 
HETATM 1336 O O   . HOH B 2 .   ? 5.855   20.807  7.135   1.00 36.80 ? 397 HOH A O   1 
HETATM 1337 O O   . HOH B 2 .   ? -2.967  1.803   -11.431 1.00 37.56 ? 398 HOH A O   1 
HETATM 1338 O O   . HOH B 2 .   ? 11.119  7.089   11.919  1.00 32.64 ? 399 HOH A O   1 
HETATM 1339 O O   . HOH B 2 .   ? -13.238 16.258  -7.383  1.00 44.40 ? 400 HOH A O   1 
HETATM 1340 O O   . HOH B 2 .   ? -4.380  -5.744  13.974  1.00 24.10 ? 401 HOH A O   1 
HETATM 1341 O O   . HOH B 2 .   ? -9.024  -14.966 -11.479 1.00 22.31 ? 402 HOH A O   1 
HETATM 1342 O O   . HOH B 2 .   ? 3.795   -22.034 6.323   1.00 40.87 ? 403 HOH A O   1 
HETATM 1343 O O   . HOH B 2 .   ? -4.336  4.333   -13.466 1.00 45.72 ? 404 HOH A O   1 
HETATM 1344 O O   . HOH B 2 .   ? 11.183  -5.671  3.236   1.00 39.88 ? 405 HOH A O   1 
HETATM 1345 O O   . HOH B 2 .   ? -19.311 -15.276 -10.925 1.00 31.36 ? 406 HOH A O   1 
HETATM 1346 O O   . HOH B 2 .   ? -9.836  1.133   -5.911  1.00 36.82 ? 407 HOH A O   1 
HETATM 1347 O O   . HOH B 2 .   ? -5.394  19.562  -15.598 1.00 38.31 ? 408 HOH A O   1 
HETATM 1348 O O   . HOH B 2 .   ? 24.119  1.590   3.897   1.00 38.78 ? 409 HOH A O   1 
HETATM 1349 O O   . HOH B 2 .   ? -13.777 1.570   3.694   1.00 29.91 ? 410 HOH A O   1 
HETATM 1350 O O   . HOH B 2 .   ? -12.829 -4.728  13.819  1.00 29.74 ? 411 HOH A O   1 
HETATM 1351 O O   . HOH B 2 .   ? -18.830 11.563  4.193   1.00 43.36 ? 412 HOH A O   1 
HETATM 1352 O O   . HOH B 2 .   ? 15.486  -1.157  -11.169 1.00 31.08 ? 413 HOH A O   1 
HETATM 1353 O O   . HOH B 2 .   ? 2.923   -14.526 7.427   1.00 34.52 ? 414 HOH A O   1 
HETATM 1354 O O   . HOH B 2 .   ? 10.359  19.365  -6.255  1.00 49.29 ? 415 HOH A O   1 
HETATM 1355 O O   . HOH B 2 .   ? -0.481  -12.583 -8.952  1.00 24.34 ? 416 HOH A O   1 
HETATM 1356 O O   . HOH B 2 .   ? -16.475 2.231   -7.963  1.00 48.93 ? 417 HOH A O   1 
HETATM 1357 O O   . HOH B 2 .   ? 7.289   5.658   19.561  1.00 36.04 ? 418 HOH A O   1 
HETATM 1358 O O   . HOH B 2 .   ? -14.947 1.096   9.909   1.00 22.86 ? 419 HOH A O   1 
HETATM 1359 O O   . HOH B 2 .   ? 1.023   12.631  2.982   1.00 21.16 ? 420 HOH A O   1 
HETATM 1360 O O   . HOH B 2 .   ? -5.945  -21.241 -12.592 1.00 20.74 ? 421 HOH A O   1 
HETATM 1361 O O   . HOH B 2 .   ? 2.897   0.635   20.375  1.00 18.22 ? 422 HOH A O   1 
HETATM 1362 O O   . HOH B 2 .   ? -10.914 -20.814 -3.399  1.00 26.63 ? 423 HOH A O   1 
HETATM 1363 O O   . HOH B 2 .   ? 8.824   2.662   -13.087 1.00 32.75 ? 424 HOH A O   1 
HETATM 1364 O O   . HOH B 2 .   ? -11.846 5.949   12.299  1.00 38.03 ? 425 HOH A O   1 
HETATM 1365 O O   . HOH B 2 .   ? 3.377   9.406   16.325  1.00 39.11 ? 426 HOH A O   1 
HETATM 1366 O O   . HOH B 2 .   ? -4.695  -3.378  -7.013  1.00 39.60 ? 427 HOH A O   1 
HETATM 1367 O O   . HOH B 2 .   ? -9.225  5.801   12.059  1.00 30.06 ? 428 HOH A O   1 
HETATM 1368 O O   . HOH B 2 .   ? -5.064  16.954  -11.916 1.00 40.82 ? 429 HOH A O   1 
HETATM 1369 O O   . HOH B 2 .   ? -6.210  8.577   8.964   1.00 37.81 ? 430 HOH A O   1 
HETATM 1370 O O   . HOH B 2 .   ? -8.738  -17.480 -12.386 1.00 34.55 ? 431 HOH A O   1 
HETATM 1371 O O   . HOH B 2 .   ? 5.115   -12.524 6.331   1.00 30.77 ? 432 HOH A O   1 
HETATM 1372 O O   . HOH B 2 .   ? -11.214 5.509   17.548  1.00 39.05 ? 433 HOH A O   1 
HETATM 1373 O O   . HOH B 2 .   ? -1.818  3.093   -13.492 1.00 40.30 ? 434 HOH A O   1 
HETATM 1374 O O   . HOH B 2 .   ? 6.548   0.104   -15.751 1.00 31.01 ? 435 HOH A O   1 
HETATM 1375 O O   . HOH B 2 .   ? -10.857 -0.236  16.980  1.00 39.47 ? 436 HOH A O   1 
HETATM 1376 O O   . HOH B 2 .   ? 22.332  2.874   5.458   1.00 37.02 ? 437 HOH A O   1 
HETATM 1377 O O   . HOH B 2 .   ? 14.218  -6.298  -8.507  1.00 33.67 ? 438 HOH A O   1 
HETATM 1378 O O   . HOH B 2 .   ? 3.198   15.731  -9.506  1.00 35.30 ? 439 HOH A O   1 
HETATM 1379 O O   . HOH B 2 .   ? 13.783  8.026   10.339  1.00 41.42 ? 440 HOH A O   1 
HETATM 1380 O O   . HOH B 2 .   ? -22.746 -9.158  -6.603  1.00 42.98 ? 441 HOH A O   1 
HETATM 1381 O O   . HOH B 2 .   ? 13.280  -0.442  9.624   1.00 33.05 ? 442 HOH A O   1 
HETATM 1382 O O   . HOH B 2 .   ? -18.322 3.697   -9.855  1.00 45.42 ? 443 HOH A O   1 
HETATM 1383 O O   . HOH B 2 .   ? 9.877   -16.352 4.813   1.00 36.75 ? 444 HOH A O   1 
HETATM 1384 O O   . HOH B 2 .   ? 2.253   -6.668  -14.258 1.00 47.59 ? 445 HOH A O   1 
HETATM 1385 O O   . HOH B 2 .   ? 0.153   13.945  -16.662 1.00 44.21 ? 446 HOH A O   1 
HETATM 1386 O O   . HOH B 2 .   ? -4.177  -18.730 -9.731  1.00 25.41 ? 447 HOH A O   1 
HETATM 1387 O O   . HOH B 2 .   ? -7.563  21.178  -15.109 1.00 54.42 ? 448 HOH A O   1 
HETATM 1388 O O   . HOH B 2 .   ? 3.511   -0.604  -15.104 1.00 39.45 ? 449 HOH A O   1 
HETATM 1389 O O   . HOH B 2 .   ? 0.774   11.133  11.969  1.00 23.31 ? 450 HOH A O   1 
HETATM 1390 O O   . HOH B 2 .   ? 12.510  -6.827  -10.721 1.00 33.65 ? 451 HOH A O   1 
HETATM 1391 O O   . HOH B 2 .   ? -8.496  9.752   11.724  1.00 52.23 ? 452 HOH A O   1 
HETATM 1392 O O   . HOH B 2 .   ? 6.799   -9.476  -0.667  1.00 16.46 ? 453 HOH A O   1 
HETATM 1393 O O   . HOH B 2 .   ? -14.301 6.478   -0.271  1.00 23.62 ? 454 HOH A O   1 
HETATM 1394 O O   . HOH B 2 .   ? 12.471  -1.945  11.815  1.00 23.41 ? 455 HOH A O   1 
HETATM 1395 O O   . HOH B 2 .   ? -17.540 -0.982  -8.345  1.00 28.25 ? 456 HOH A O   1 
HETATM 1396 O O   . HOH B 2 .   ? 9.224   -8.299  4.446   1.00 29.44 ? 457 HOH A O   1 
HETATM 1397 O O   . HOH B 2 .   ? 18.846  5.309   7.107   1.00 36.95 ? 458 HOH A O   1 
HETATM 1398 O O   . HOH B 2 .   ? 11.943  -11.588 1.630   1.00 33.87 ? 459 HOH A O   1 
HETATM 1399 O O   . HOH B 2 .   ? -12.005 -21.044 -6.941  1.00 47.15 ? 460 HOH A O   1 
HETATM 1400 O O   . HOH B 2 .   ? -4.550  17.298  -17.420 1.00 48.54 ? 461 HOH A O   1 
HETATM 1401 O O   . HOH B 2 .   ? -1.659  -2.192  -6.705  1.00 45.03 ? 462 HOH A O   1 
HETATM 1402 O O   . HOH B 2 .   ? 0.980   -14.458 13.943  1.00 54.22 ? 463 HOH A O   1 
HETATM 1403 O O   . HOH B 2 .   ? -17.280 3.379   -4.487  1.00 33.74 ? 464 HOH A O   1 
HETATM 1404 O O   . HOH B 2 .   ? -1.708  -5.293  14.724  1.00 31.60 ? 465 HOH A O   1 
HETATM 1405 O O   . HOH B 2 .   ? 1.409   -18.278 8.035   1.00 37.77 ? 466 HOH A O   1 
HETATM 1406 O O   . HOH B 2 .   ? -5.876  -2.266  -9.331  1.00 49.40 ? 467 HOH A O   1 
HETATM 1407 O O   . HOH B 2 .   ? 3.203   1.695   -13.418 1.00 45.95 ? 468 HOH A O   1 
HETATM 1408 O O   . HOH B 2 .   ? -8.211  -9.305  -12.709 1.00 45.14 ? 469 HOH A O   1 
HETATM 1409 O O   . HOH B 2 .   ? -2.987  17.782  0.107   1.00 13.50 ? 470 HOH A O   1 
HETATM 1410 O O   . HOH B 2 .   ? -3.638  15.814  9.950   1.00 15.54 ? 471 HOH A O   1 
HETATM 1411 O O   . HOH B 2 .   ? 0.925   10.486  1.734   1.00 19.52 ? 472 HOH A O   1 
HETATM 1412 O O   . HOH B 2 .   ? -6.993  17.034  13.373  1.00 19.00 ? 473 HOH A O   1 
HETATM 1413 O O   . HOH B 2 .   ? -14.652 -12.638 -12.741 1.00 33.11 ? 474 HOH A O   1 
HETATM 1414 O O   . HOH B 2 .   ? -10.872 9.179   3.237   1.00 29.90 ? 475 HOH A O   1 
HETATM 1415 O O   . HOH B 2 .   ? -12.566 -14.498 -12.247 1.00 35.12 ? 476 HOH A O   1 
HETATM 1416 O O   . HOH B 2 .   ? 7.018   -12.214 -1.814  1.00 26.30 ? 477 HOH A O   1 
HETATM 1417 O O   . HOH B 2 .   ? -13.554 8.431   1.361   1.00 29.13 ? 478 HOH A O   1 
HETATM 1418 O O   . HOH B 2 .   ? -1.554  -4.160  -8.697  1.00 34.27 ? 479 HOH A O   1 
HETATM 1419 O O   . HOH B 2 .   ? 20.152  7.324   5.927   1.00 37.10 ? 480 HOH A O   1 
HETATM 1420 O O   . HOH B 2 .   ? -0.841  -20.377 7.466   1.00 31.70 ? 481 HOH A O   1 
HETATM 1421 O O   . HOH B 2 .   ? -8.651  13.895  6.976   1.00 33.83 ? 482 HOH A O   1 
HETATM 1422 O O   . HOH B 2 .   ? 14.189  2.243   9.792   1.00 24.03 ? 483 HOH A O   1 
HETATM 1423 O O   . HOH B 2 .   ? 7.201   22.261  5.119   1.00 40.95 ? 484 HOH A O   1 
HETATM 1424 O O   . HOH B 2 .   ? 9.220   -17.512 0.203   1.00 33.35 ? 485 HOH A O   1 
HETATM 1425 O O   . HOH B 2 .   ? 6.553   3.809   21.456  1.00 28.25 ? 486 HOH A O   1 
HETATM 1426 O O   . HOH B 2 .   ? -3.312  -2.657  -10.758 1.00 32.16 ? 487 HOH A O   1 
HETATM 1427 O O   . HOH B 2 .   ? 7.012   20.573  -3.389  1.00 31.93 ? 488 HOH A O   1 
HETATM 1428 O O   . HOH B 2 .   ? -9.155  16.171  -7.654  1.00 31.14 ? 489 HOH A O   1 
HETATM 1429 O O   . HOH B 2 .   ? 11.132  -2.424  6.988   1.00 31.70 ? 490 HOH A O   1 
HETATM 1430 O O   . HOH B 2 .   ? 6.479   -2.216  -13.481 1.00 33.11 ? 491 HOH A O   1 
HETATM 1431 O O   . HOH B 2 .   ? -10.504 5.176   -9.013  1.00 28.50 ? 492 HOH A O   1 
HETATM 1432 O O   . HOH B 2 .   ? 4.036   7.132   14.886  1.00 40.98 ? 493 HOH A O   1 
HETATM 1433 O O   . HOH B 2 .   ? 12.431  7.261   14.255  1.00 36.14 ? 494 HOH A O   1 
HETATM 1434 O O   . HOH B 2 .   ? 1.756   6.924   -14.027 1.00 30.83 ? 495 HOH A O   1 
HETATM 1435 O O   . HOH B 2 .   ? -9.141  6.920   3.745   1.00 32.15 ? 496 HOH A O   1 
HETATM 1436 O O   . HOH B 2 .   ? 14.370  14.029  3.687   1.00 33.75 ? 497 HOH A O   1 
HETATM 1437 O O   . HOH B 2 .   ? 5.852   6.305   17.200  1.00 31.11 ? 498 HOH A O   1 
HETATM 1438 O O   . HOH B 2 .   ? 5.384   13.304  -11.729 1.00 32.58 ? 499 HOH A O   1 
HETATM 1439 O O   . HOH B 2 .   ? -13.714 0.475   -10.729 1.00 35.71 ? 500 HOH A O   1 
HETATM 1440 O O   . HOH B 2 .   ? -14.446 8.547   3.900   1.00 38.30 ? 501 HOH A O   1 
HETATM 1441 O O   . HOH B 2 .   ? -9.992  0.930   -3.191  1.00 32.60 ? 502 HOH A O   1 
HETATM 1442 O O   . HOH B 2 .   ? 21.249  5.560   -0.009  1.00 35.87 ? 503 HOH A O   1 
HETATM 1443 O O   . HOH B 2 .   ? -12.741 8.804   11.972  1.00 37.75 ? 504 HOH A O   1 
HETATM 1444 O O   . HOH B 2 .   ? 4.122   17.968  -8.371  1.00 36.61 ? 505 HOH A O   1 
HETATM 1445 O O   . HOH B 2 .   ? -5.503  19.125  -8.038  1.00 33.25 ? 506 HOH A O   1 
HETATM 1446 O O   . HOH B 2 .   ? 17.842  3.122   5.933   1.00 41.46 ? 507 HOH A O   1 
HETATM 1447 O O   . HOH B 2 .   ? -5.460  0.101   -8.210  1.00 39.79 ? 508 HOH A O   1 
HETATM 1448 O O   . HOH B 2 .   ? 21.102  -3.584  -5.947  1.00 44.27 ? 509 HOH A O   1 
HETATM 1449 O O   . HOH B 2 .   ? -16.761 5.775   -10.216 1.00 42.46 ? 510 HOH A O   1 
HETATM 1450 O O   . HOH B 2 .   ? -1.030  -1.165  -9.736  1.00 38.64 ? 511 HOH A O   1 
HETATM 1451 O O   . HOH B 2 .   ? -8.570  -4.872  15.720  1.00 36.64 ? 512 HOH A O   1 
HETATM 1452 O O   . HOH B 2 .   ? 1.499   5.044   16.867  1.00 42.19 ? 513 HOH A O   1 
HETATM 1453 O O   . HOH B 2 .   ? 5.165   -11.068 9.324   1.00 36.46 ? 514 HOH A O   1 
HETATM 1454 O O   . HOH B 2 .   ? -7.214  -24.235 -0.797  1.00 43.36 ? 515 HOH A O   1 
HETATM 1455 O O   . HOH B 2 .   ? -20.524 -7.063  -5.349  1.00 40.22 ? 516 HOH A O   1 
HETATM 1456 O O   . HOH B 2 .   ? 8.849   15.437  -9.632  1.00 34.57 ? 517 HOH A O   1 
HETATM 1457 O O   . HOH B 2 .   ? -3.370  10.283  -18.516 1.00 46.95 ? 518 HOH A O   1 
HETATM 1458 O O   . HOH B 2 .   ? -20.400 0.490   -1.731  1.00 34.91 ? 519 HOH A O   1 
HETATM 1459 O O   . HOH B 2 .   ? 17.810  -2.402  -10.200 1.00 37.10 ? 520 HOH A O   1 
HETATM 1460 O O   . HOH B 2 .   ? -20.217 -7.440  -8.000  1.00 34.63 ? 521 HOH A O   1 
HETATM 1461 O O   . HOH B 2 .   ? -5.200  8.207   13.007  1.00 40.97 ? 522 HOH A O   1 
HETATM 1462 O O   . HOH B 2 .   ? -6.817  13.802  9.643   1.00 43.48 ? 523 HOH A O   1 
HETATM 1463 O O   . HOH B 2 .   ? -12.874 5.837   7.918   1.00 48.96 ? 524 HOH A O   1 
HETATM 1464 O O   . HOH B 2 .   ? -3.524  19.847  -12.859 1.00 44.69 ? 525 HOH A O   1 
HETATM 1465 O O   . HOH B 2 .   ? 7.079   15.567  -14.939 1.00 36.84 ? 526 HOH A O   1 
HETATM 1466 O O   . HOH B 2 .   ? -5.814  10.520  11.785  1.00 47.66 ? 527 HOH A O   1 
HETATM 1467 O O   . HOH B 2 .   ? 25.064  3.464   -2.617  1.00 40.30 ? 528 HOH A O   1 
HETATM 1468 O O   . HOH B 2 .   ? 14.828  6.291   13.012  1.00 47.85 ? 529 HOH A O   1 
HETATM 1469 O O   . HOH B 2 .   ? -16.539 3.191   9.092   1.00 37.65 ? 530 HOH A O   1 
HETATM 1470 O O   . HOH B 2 .   ? 21.273  -1.657  -8.091  1.00 39.45 ? 531 HOH A O   1 
HETATM 1471 O O   . HOH B 2 .   ? 5.293   7.153   -16.329 1.00 37.43 ? 532 HOH A O   1 
HETATM 1472 O O   . HOH B 2 .   ? -5.795  1.184   -10.725 1.00 38.22 ? 533 HOH A O   1 
HETATM 1473 O O   . HOH B 2 .   ? -1.646  16.919  -16.336 1.00 50.39 ? 534 HOH A O   1 
HETATM 1474 O O   . HOH B 2 .   ? 7.478   9.857   5.486   1.00 14.50 ? 535 HOH A O   1 
HETATM 1475 O O   . HOH B 2 .   ? 0.690   -5.375  -6.794  1.00 31.17 ? 536 HOH A O   1 
HETATM 1476 O O   . HOH B 2 .   ? 6.826   -10.453 6.337   1.00 28.99 ? 537 HOH A O   1 
HETATM 1477 O O   . HOH B 2 .   ? 5.587   23.156  0.388   1.00 22.08 ? 538 HOH A O   1 
HETATM 1478 O O   . HOH B 2 .   ? -6.873  -16.233 6.820   1.00 32.14 ? 539 HOH A O   1 
HETATM 1479 O O   . HOH B 2 .   ? 9.698   15.929  -12.119 1.00 34.99 ? 540 HOH A O   1 
HETATM 1480 O O   . HOH B 2 .   ? -3.542  -3.447  17.398  1.00 27.58 ? 541 HOH A O   1 
HETATM 1481 O O   . HOH B 2 .   ? 11.276  10.772  5.630   1.00 23.11 ? 542 HOH A O   1 
HETATM 1482 O O   . HOH B 2 .   ? -5.698  15.148  11.662  1.00 31.20 ? 543 HOH A O   1 
HETATM 1483 O O   . HOH B 2 .   ? -0.963  -1.947  -12.449 1.00 36.14 ? 544 HOH A O   1 
HETATM 1484 O O   . HOH B 2 .   ? 0.947   -10.947 -11.440 1.00 36.97 ? 545 HOH A O   1 
HETATM 1485 O O   . HOH B 2 .   ? 12.971  12.790  5.539   1.00 31.11 ? 546 HOH A O   1 
HETATM 1486 O O   . HOH B 2 .   ? 9.446   4.046   19.367  1.00 45.13 ? 547 HOH A O   1 
HETATM 1487 O O   . HOH B 2 .   ? -13.095 -8.780  3.887   1.00 47.01 ? 548 HOH A O   1 
HETATM 1488 O O   . HOH B 2 .   ? 11.742  -11.907 -9.869  1.00 30.41 ? 549 HOH A O   1 
HETATM 1489 O O   . HOH B 2 .   ? 9.626   23.211  6.106   1.00 32.49 ? 550 HOH A O   1 
HETATM 1490 O O   . HOH B 2 .   ? 23.784  0.357   -1.340  1.00 40.85 ? 551 HOH A O   1 
HETATM 1491 O O   . HOH B 2 .   ? 23.705  -4.335  -5.863  1.00 38.32 ? 552 HOH A O   1 
HETATM 1492 O O   . HOH B 2 .   ? -8.525  -22.588 -2.506  1.00 33.46 ? 553 HOH A O   1 
HETATM 1493 O O   . HOH B 2 .   ? -14.580 10.574  12.701  1.00 33.97 ? 554 HOH A O   1 
HETATM 1494 O O   . HOH B 2 .   ? -10.205 -2.809  16.263  1.00 39.75 ? 555 HOH A O   1 
HETATM 1495 O O   . HOH B 2 .   ? 8.040   8.895   -16.259 1.00 30.11 ? 556 HOH A O   1 
HETATM 1496 O O   . HOH B 2 .   ? -11.297 1.262   -9.696  1.00 47.23 ? 557 HOH A O   1 
HETATM 1497 O O   . HOH B 2 .   ? -5.758  12.091  -16.284 1.00 32.67 ? 558 HOH A O   1 
HETATM 1498 O O   . HOH B 2 .   ? -5.572  -5.639  -8.069  1.00 45.75 ? 559 HOH A O   1 
HETATM 1499 O O   . HOH B 2 .   ? 20.326  8.828   8.616   1.00 44.98 ? 560 HOH A O   1 
HETATM 1500 O O   . HOH B 2 .   ? -16.337 7.305   -12.515 1.00 40.13 ? 561 HOH A O   1 
HETATM 1501 O O   . HOH B 2 .   ? 7.781   6.257   -14.110 1.00 42.67 ? 562 HOH A O   1 
HETATM 1502 O O   . HOH B 2 .   ? 3.402   16.600  -12.367 1.00 41.87 ? 563 HOH A O   1 
HETATM 1503 O O   . HOH B 2 .   ? -8.833  19.228  -11.911 1.00 45.10 ? 564 HOH A O   1 
HETATM 1504 O O   . HOH B 2 .   ? -1.028  18.482  -14.030 1.00 43.82 ? 565 HOH A O   1 
HETATM 1505 O O   . HOH B 2 .   ? 4.709   -8.959  11.737  1.00 47.62 ? 566 HOH A O   1 
HETATM 1506 O O   . HOH B 2 .   ? 1.915   13.547  -14.672 1.00 36.67 ? 567 HOH A O   1 
# 
